data_4NEJ
# 
_entry.id   4NEJ 
# 
_audit_conform.dict_name       mmcif_pdbx.dic 
_audit_conform.dict_version    5.399 
_audit_conform.dict_location   http://mmcif.pdb.org/dictionaries/ascii/mmcif_pdbx.dic 
# 
loop_
_database_2.database_id 
_database_2.database_code 
_database_2.pdbx_database_accession 
_database_2.pdbx_DOI 
PDB   4NEJ         pdb_00004nej 10.2210/pdb4nej/pdb 
RCSB  RCSB083102   ?            ?                   
WWPDB D_1000083102 ?            ?                   
# 
loop_
_pdbx_audit_revision_history.ordinal 
_pdbx_audit_revision_history.data_content_type 
_pdbx_audit_revision_history.major_revision 
_pdbx_audit_revision_history.minor_revision 
_pdbx_audit_revision_history.revision_date 
1 'Structure model' 1 0 2014-11-19 
2 'Structure model' 1 1 2024-11-20 
# 
_pdbx_audit_revision_details.ordinal             1 
_pdbx_audit_revision_details.revision_ordinal    1 
_pdbx_audit_revision_details.data_content_type   'Structure model' 
_pdbx_audit_revision_details.provider            repository 
_pdbx_audit_revision_details.type                'Initial release' 
_pdbx_audit_revision_details.description         ? 
_pdbx_audit_revision_details.details             ? 
# 
loop_
_pdbx_audit_revision_group.ordinal 
_pdbx_audit_revision_group.revision_ordinal 
_pdbx_audit_revision_group.data_content_type 
_pdbx_audit_revision_group.group 
1 2 'Structure model' 'Data collection'      
2 2 'Structure model' 'Database references'  
3 2 'Structure model' 'Derived calculations' 
4 2 'Structure model' 'Structure summary'    
# 
loop_
_pdbx_audit_revision_category.ordinal 
_pdbx_audit_revision_category.revision_ordinal 
_pdbx_audit_revision_category.data_content_type 
_pdbx_audit_revision_category.category 
1 2 'Structure model' chem_comp_atom            
2 2 'Structure model' chem_comp_bond            
3 2 'Structure model' database_2                
4 2 'Structure model' pdbx_entry_details        
5 2 'Structure model' pdbx_modification_feature 
6 2 'Structure model' struct_site               
# 
loop_
_pdbx_audit_revision_item.ordinal 
_pdbx_audit_revision_item.revision_ordinal 
_pdbx_audit_revision_item.data_content_type 
_pdbx_audit_revision_item.item 
1 2 'Structure model' '_database_2.pdbx_DOI'                
2 2 'Structure model' '_database_2.pdbx_database_accession' 
3 2 'Structure model' '_struct_site.pdbx_auth_asym_id'      
4 2 'Structure model' '_struct_site.pdbx_auth_comp_id'      
5 2 'Structure model' '_struct_site.pdbx_auth_seq_id'       
# 
_pdbx_database_status.status_code                     REL 
_pdbx_database_status.entry_id                        4NEJ 
_pdbx_database_status.recvd_initial_deposition_date   2013-10-29 
_pdbx_database_status.deposit_site                    RCSB 
_pdbx_database_status.process_site                    RCSB 
_pdbx_database_status.status_code_sf                  REL 
_pdbx_database_status.status_code_mr                  ? 
_pdbx_database_status.SG_entry                        ? 
_pdbx_database_status.status_code_cs                  ? 
_pdbx_database_status.methods_development_category    ? 
_pdbx_database_status.pdb_format_compatible           Y 
_pdbx_database_status.status_code_nmr_data            ? 
# 
_pdbx_database_related.db_name        PDB 
_pdbx_database_related.db_id          4NEM 
_pdbx_database_related.details        . 
_pdbx_database_related.content_type   unspecified 
# 
loop_
_audit_author.name 
_audit_author.pdbx_ordinal 
'Brenke, R.'  1 
'Jehle, S.'   2 
'Vajda, S.'   3 
'Allen, K.N.' 4 
'Kozakov, D.' 5 
# 
_citation.id                        primary 
_citation.title                     
'Small molecular fragments bound to binding energy hot-spot in crystal contact interface of Interleukin-2' 
_citation.journal_abbrev            'To be Published' 
_citation.journal_volume            ? 
_citation.page_first                ? 
_citation.page_last                 ? 
_citation.year                      ? 
_citation.journal_id_ASTM           ? 
_citation.country                   ? 
_citation.journal_id_ISSN           ? 
_citation.journal_id_CSD            0353 
_citation.book_publisher            ? 
_citation.pdbx_database_id_PubMed   ? 
_citation.pdbx_database_id_DOI      ? 
# 
loop_
_citation_author.citation_id 
_citation_author.name 
_citation_author.ordinal 
_citation_author.identifier_ORCID 
primary 'Brenke, R.'  1 ? 
primary 'Jehle, S.'   2 ? 
primary 'Vajda, S.'   3 ? 
primary 'Allen, K.N.' 4 ? 
primary 'Kozakov, D.' 5 ? 
# 
loop_
_entity.id 
_entity.type 
_entity.src_method 
_entity.pdbx_description 
_entity.formula_weight 
_entity.pdbx_number_of_molecules 
_entity.pdbx_ec 
_entity.pdbx_mutation 
_entity.pdbx_fragment 
_entity.details 
1 polymer     man Interleukin-2                     15150.617 1  ? ? ? ? 
2 non-polymer syn '5-methylfuran-2-carboxylic acid' 126.110   2  ? ? ? ? 
3 water       nat water                             18.015    72 ? ? ? ? 
# 
_entity_poly.entity_id                      1 
_entity_poly.type                           'polypeptide(L)' 
_entity_poly.nstd_linkage                   no 
_entity_poly.nstd_monomer                   no 
_entity_poly.pdbx_seq_one_letter_code       
;SSSTKKTQLQLEHLLLDLQMILNGINNYKNPKLTRMLTFKFYMPKKATELKHLQCLEEELKPLEEVLNLAQSKNFHLRPR
DLISNINVIVLELKGSETTFMCEYADETATIVEFLNRWITFSQSIISTLT
;
_entity_poly.pdbx_seq_one_letter_code_can   
;SSSTKKTQLQLEHLLLDLQMILNGINNYKNPKLTRMLTFKFYMPKKATELKHLQCLEEELKPLEEVLNLAQSKNFHLRPR
DLISNINVIVLELKGSETTFMCEYADETATIVEFLNRWITFSQSIISTLT
;
_entity_poly.pdbx_strand_id                 A 
_entity_poly.pdbx_target_identifier         ? 
# 
loop_
_pdbx_entity_nonpoly.entity_id 
_pdbx_entity_nonpoly.name 
_pdbx_entity_nonpoly.comp_id 
2 '5-methylfuran-2-carboxylic acid' 2K1 
3 water                             HOH 
# 
loop_
_entity_poly_seq.entity_id 
_entity_poly_seq.num 
_entity_poly_seq.mon_id 
_entity_poly_seq.hetero 
1 1   SER n 
1 2   SER n 
1 3   SER n 
1 4   THR n 
1 5   LYS n 
1 6   LYS n 
1 7   THR n 
1 8   GLN n 
1 9   LEU n 
1 10  GLN n 
1 11  LEU n 
1 12  GLU n 
1 13  HIS n 
1 14  LEU n 
1 15  LEU n 
1 16  LEU n 
1 17  ASP n 
1 18  LEU n 
1 19  GLN n 
1 20  MET n 
1 21  ILE n 
1 22  LEU n 
1 23  ASN n 
1 24  GLY n 
1 25  ILE n 
1 26  ASN n 
1 27  ASN n 
1 28  TYR n 
1 29  LYS n 
1 30  ASN n 
1 31  PRO n 
1 32  LYS n 
1 33  LEU n 
1 34  THR n 
1 35  ARG n 
1 36  MET n 
1 37  LEU n 
1 38  THR n 
1 39  PHE n 
1 40  LYS n 
1 41  PHE n 
1 42  TYR n 
1 43  MET n 
1 44  PRO n 
1 45  LYS n 
1 46  LYS n 
1 47  ALA n 
1 48  THR n 
1 49  GLU n 
1 50  LEU n 
1 51  LYS n 
1 52  HIS n 
1 53  LEU n 
1 54  GLN n 
1 55  CYS n 
1 56  LEU n 
1 57  GLU n 
1 58  GLU n 
1 59  GLU n 
1 60  LEU n 
1 61  LYS n 
1 62  PRO n 
1 63  LEU n 
1 64  GLU n 
1 65  GLU n 
1 66  VAL n 
1 67  LEU n 
1 68  ASN n 
1 69  LEU n 
1 70  ALA n 
1 71  GLN n 
1 72  SER n 
1 73  LYS n 
1 74  ASN n 
1 75  PHE n 
1 76  HIS n 
1 77  LEU n 
1 78  ARG n 
1 79  PRO n 
1 80  ARG n 
1 81  ASP n 
1 82  LEU n 
1 83  ILE n 
1 84  SER n 
1 85  ASN n 
1 86  ILE n 
1 87  ASN n 
1 88  VAL n 
1 89  ILE n 
1 90  VAL n 
1 91  LEU n 
1 92  GLU n 
1 93  LEU n 
1 94  LYS n 
1 95  GLY n 
1 96  SER n 
1 97  GLU n 
1 98  THR n 
1 99  THR n 
1 100 PHE n 
1 101 MET n 
1 102 CYS n 
1 103 GLU n 
1 104 TYR n 
1 105 ALA n 
1 106 ASP n 
1 107 GLU n 
1 108 THR n 
1 109 ALA n 
1 110 THR n 
1 111 ILE n 
1 112 VAL n 
1 113 GLU n 
1 114 PHE n 
1 115 LEU n 
1 116 ASN n 
1 117 ARG n 
1 118 TRP n 
1 119 ILE n 
1 120 THR n 
1 121 PHE n 
1 122 SER n 
1 123 GLN n 
1 124 SER n 
1 125 ILE n 
1 126 ILE n 
1 127 SER n 
1 128 THR n 
1 129 LEU n 
1 130 THR n 
# 
_entity_src_gen.entity_id                          1 
_entity_src_gen.pdbx_src_id                        1 
_entity_src_gen.pdbx_alt_source_flag               sample 
_entity_src_gen.pdbx_seq_type                      ? 
_entity_src_gen.pdbx_beg_seq_num                   ? 
_entity_src_gen.pdbx_end_seq_num                   ? 
_entity_src_gen.gene_src_common_name               human 
_entity_src_gen.gene_src_genus                     ? 
_entity_src_gen.pdbx_gene_src_gene                 ? 
_entity_src_gen.gene_src_species                   ? 
_entity_src_gen.gene_src_strain                    ? 
_entity_src_gen.gene_src_tissue                    ? 
_entity_src_gen.gene_src_tissue_fraction           ? 
_entity_src_gen.gene_src_details                   ? 
_entity_src_gen.pdbx_gene_src_fragment             ? 
_entity_src_gen.pdbx_gene_src_scientific_name      'Homo sapiens' 
_entity_src_gen.pdbx_gene_src_ncbi_taxonomy_id     9606 
_entity_src_gen.pdbx_gene_src_variant              ? 
_entity_src_gen.pdbx_gene_src_cell_line            ? 
_entity_src_gen.pdbx_gene_src_atcc                 ? 
_entity_src_gen.pdbx_gene_src_organ                ? 
_entity_src_gen.pdbx_gene_src_organelle            ? 
_entity_src_gen.pdbx_gene_src_cell                 ? 
_entity_src_gen.pdbx_gene_src_cellular_location    ? 
_entity_src_gen.host_org_common_name               ? 
_entity_src_gen.pdbx_host_org_scientific_name      'Escherichia coli' 
_entity_src_gen.pdbx_host_org_ncbi_taxonomy_id     562 
_entity_src_gen.host_org_genus                     ? 
_entity_src_gen.pdbx_host_org_gene                 ? 
_entity_src_gen.pdbx_host_org_organ                ? 
_entity_src_gen.host_org_species                   ? 
_entity_src_gen.pdbx_host_org_tissue               ? 
_entity_src_gen.pdbx_host_org_tissue_fraction      ? 
_entity_src_gen.pdbx_host_org_strain               ? 
_entity_src_gen.pdbx_host_org_variant              ? 
_entity_src_gen.pdbx_host_org_cell_line            ? 
_entity_src_gen.pdbx_host_org_atcc                 ? 
_entity_src_gen.pdbx_host_org_culture_collection   ? 
_entity_src_gen.pdbx_host_org_cell                 ? 
_entity_src_gen.pdbx_host_org_organelle            ? 
_entity_src_gen.pdbx_host_org_cellular_location    ? 
_entity_src_gen.pdbx_host_org_vector_type          ? 
_entity_src_gen.pdbx_host_org_vector               ? 
_entity_src_gen.host_org_details                   ? 
_entity_src_gen.expression_system_id               ? 
_entity_src_gen.plasmid_name                       ? 
_entity_src_gen.plasmid_details                    ? 
_entity_src_gen.pdbx_description                   ? 
# 
loop_
_chem_comp.id 
_chem_comp.type 
_chem_comp.mon_nstd_flag 
_chem_comp.name 
_chem_comp.pdbx_synonyms 
_chem_comp.formula 
_chem_comp.formula_weight 
2K1 non-polymer         . '5-methylfuran-2-carboxylic acid' ? 'C6 H6 O3'       126.110 
ALA 'L-peptide linking' y ALANINE                           ? 'C3 H7 N O2'     89.093  
ARG 'L-peptide linking' y ARGININE                          ? 'C6 H15 N4 O2 1' 175.209 
ASN 'L-peptide linking' y ASPARAGINE                        ? 'C4 H8 N2 O3'    132.118 
ASP 'L-peptide linking' y 'ASPARTIC ACID'                   ? 'C4 H7 N O4'     133.103 
CYS 'L-peptide linking' y CYSTEINE                          ? 'C3 H7 N O2 S'   121.158 
GLN 'L-peptide linking' y GLUTAMINE                         ? 'C5 H10 N2 O3'   146.144 
GLU 'L-peptide linking' y 'GLUTAMIC ACID'                   ? 'C5 H9 N O4'     147.129 
GLY 'peptide linking'   y GLYCINE                           ? 'C2 H5 N O2'     75.067  
HIS 'L-peptide linking' y HISTIDINE                         ? 'C6 H10 N3 O2 1' 156.162 
HOH non-polymer         . WATER                             ? 'H2 O'           18.015  
ILE 'L-peptide linking' y ISOLEUCINE                        ? 'C6 H13 N O2'    131.173 
LEU 'L-peptide linking' y LEUCINE                           ? 'C6 H13 N O2'    131.173 
LYS 'L-peptide linking' y LYSINE                            ? 'C6 H15 N2 O2 1' 147.195 
MET 'L-peptide linking' y METHIONINE                        ? 'C5 H11 N O2 S'  149.211 
PHE 'L-peptide linking' y PHENYLALANINE                     ? 'C9 H11 N O2'    165.189 
PRO 'L-peptide linking' y PROLINE                           ? 'C5 H9 N O2'     115.130 
SER 'L-peptide linking' y SERINE                            ? 'C3 H7 N O3'     105.093 
THR 'L-peptide linking' y THREONINE                         ? 'C4 H9 N O3'     119.119 
TRP 'L-peptide linking' y TRYPTOPHAN                        ? 'C11 H12 N2 O2'  204.225 
TYR 'L-peptide linking' y TYROSINE                          ? 'C9 H11 N O3'    181.189 
VAL 'L-peptide linking' y VALINE                            ? 'C5 H11 N O2'    117.146 
# 
loop_
_pdbx_poly_seq_scheme.asym_id 
_pdbx_poly_seq_scheme.entity_id 
_pdbx_poly_seq_scheme.seq_id 
_pdbx_poly_seq_scheme.mon_id 
_pdbx_poly_seq_scheme.ndb_seq_num 
_pdbx_poly_seq_scheme.pdb_seq_num 
_pdbx_poly_seq_scheme.auth_seq_num 
_pdbx_poly_seq_scheme.pdb_mon_id 
_pdbx_poly_seq_scheme.auth_mon_id 
_pdbx_poly_seq_scheme.pdb_strand_id 
_pdbx_poly_seq_scheme.pdb_ins_code 
_pdbx_poly_seq_scheme.hetero 
A 1 1   SER 1   4   4   SER SER A . n 
A 1 2   SER 2   5   5   SER SER A . n 
A 1 3   SER 3   6   6   SER SER A . n 
A 1 4   THR 4   7   7   THR THR A . n 
A 1 5   LYS 5   8   8   LYS LYS A . n 
A 1 6   LYS 6   9   9   LYS LYS A . n 
A 1 7   THR 7   10  10  THR THR A . n 
A 1 8   GLN 8   11  11  GLN GLN A . n 
A 1 9   LEU 9   12  12  LEU LEU A . n 
A 1 10  GLN 10  13  13  GLN GLN A . n 
A 1 11  LEU 11  14  14  LEU LEU A . n 
A 1 12  GLU 12  15  15  GLU GLU A . n 
A 1 13  HIS 13  16  16  HIS HIS A . n 
A 1 14  LEU 14  17  17  LEU LEU A . n 
A 1 15  LEU 15  18  18  LEU LEU A . n 
A 1 16  LEU 16  19  19  LEU LEU A . n 
A 1 17  ASP 17  20  20  ASP ASP A . n 
A 1 18  LEU 18  21  21  LEU LEU A . n 
A 1 19  GLN 19  22  22  GLN GLN A . n 
A 1 20  MET 20  23  23  MET MET A . n 
A 1 21  ILE 21  24  24  ILE ILE A . n 
A 1 22  LEU 22  25  25  LEU LEU A . n 
A 1 23  ASN 23  26  26  ASN ASN A . n 
A 1 24  GLY 24  27  27  GLY GLY A . n 
A 1 25  ILE 25  28  28  ILE ILE A . n 
A 1 26  ASN 26  29  29  ASN ASN A . n 
A 1 27  ASN 27  30  30  ASN ASN A . n 
A 1 28  TYR 28  31  31  TYR TYR A . n 
A 1 29  LYS 29  32  32  LYS LYS A . n 
A 1 30  ASN 30  33  33  ASN ASN A . n 
A 1 31  PRO 31  34  34  PRO PRO A . n 
A 1 32  LYS 32  35  35  LYS LYS A . n 
A 1 33  LEU 33  36  36  LEU LEU A . n 
A 1 34  THR 34  37  37  THR THR A . n 
A 1 35  ARG 35  38  38  ARG ARG A . n 
A 1 36  MET 36  39  39  MET MET A . n 
A 1 37  LEU 37  40  40  LEU LEU A . n 
A 1 38  THR 38  41  41  THR THR A . n 
A 1 39  PHE 39  42  42  PHE PHE A . n 
A 1 40  LYS 40  43  43  LYS LYS A . n 
A 1 41  PHE 41  44  44  PHE PHE A . n 
A 1 42  TYR 42  45  45  TYR TYR A . n 
A 1 43  MET 43  46  46  MET MET A . n 
A 1 44  PRO 44  47  47  PRO PRO A . n 
A 1 45  LYS 45  48  48  LYS LYS A . n 
A 1 46  LYS 46  49  49  LYS LYS A . n 
A 1 47  ALA 47  50  50  ALA ALA A . n 
A 1 48  THR 48  51  51  THR THR A . n 
A 1 49  GLU 49  52  52  GLU GLU A . n 
A 1 50  LEU 50  53  53  LEU LEU A . n 
A 1 51  LYS 51  54  54  LYS LYS A . n 
A 1 52  HIS 52  55  55  HIS HIS A . n 
A 1 53  LEU 53  56  56  LEU LEU A . n 
A 1 54  GLN 54  57  57  GLN GLN A . n 
A 1 55  CYS 55  58  58  CYS CYS A . n 
A 1 56  LEU 56  59  59  LEU LEU A . n 
A 1 57  GLU 57  60  60  GLU GLU A . n 
A 1 58  GLU 58  61  61  GLU GLU A . n 
A 1 59  GLU 59  62  62  GLU GLU A . n 
A 1 60  LEU 60  63  63  LEU LEU A . n 
A 1 61  LYS 61  64  64  LYS LYS A . n 
A 1 62  PRO 62  65  65  PRO PRO A . n 
A 1 63  LEU 63  66  66  LEU LEU A . n 
A 1 64  GLU 64  67  67  GLU GLU A . n 
A 1 65  GLU 65  68  68  GLU GLU A . n 
A 1 66  VAL 66  69  69  VAL VAL A . n 
A 1 67  LEU 67  70  70  LEU LEU A . n 
A 1 68  ASN 68  71  71  ASN ASN A . n 
A 1 69  LEU 69  72  72  LEU LEU A . n 
A 1 70  ALA 70  73  73  ALA ALA A . n 
A 1 71  GLN 71  74  74  GLN GLN A . n 
A 1 72  SER 72  75  75  SER SER A . n 
A 1 73  LYS 73  76  ?   ?   ?   A . n 
A 1 74  ASN 74  77  ?   ?   ?   A . n 
A 1 75  PHE 75  78  ?   ?   ?   A . n 
A 1 76  HIS 76  79  ?   ?   ?   A . n 
A 1 77  LEU 77  80  ?   ?   ?   A . n 
A 1 78  ARG 78  81  ?   ?   ?   A . n 
A 1 79  PRO 79  82  ?   ?   ?   A . n 
A 1 80  ARG 80  83  ?   ?   ?   A . n 
A 1 81  ASP 81  84  84  ASP ASP A . n 
A 1 82  LEU 82  85  85  LEU LEU A . n 
A 1 83  ILE 83  86  86  ILE ILE A . n 
A 1 84  SER 84  87  87  SER SER A . n 
A 1 85  ASN 85  88  88  ASN ASN A . n 
A 1 86  ILE 86  89  89  ILE ILE A . n 
A 1 87  ASN 87  90  90  ASN ASN A . n 
A 1 88  VAL 88  91  91  VAL VAL A . n 
A 1 89  ILE 89  92  92  ILE ILE A . n 
A 1 90  VAL 90  93  93  VAL VAL A . n 
A 1 91  LEU 91  94  94  LEU LEU A . n 
A 1 92  GLU 92  95  95  GLU GLU A . n 
A 1 93  LEU 93  96  96  LEU LEU A . n 
A 1 94  LYS 94  97  97  LYS LYS A . n 
A 1 95  GLY 95  98  98  GLY GLY A . n 
A 1 96  SER 96  99  ?   ?   ?   A . n 
A 1 97  GLU 97  100 ?   ?   ?   A . n 
A 1 98  THR 98  101 ?   ?   ?   A . n 
A 1 99  THR 99  102 ?   ?   ?   A . n 
A 1 100 PHE 100 103 103 PHE PHE A . n 
A 1 101 MET 101 104 104 MET MET A . n 
A 1 102 CYS 102 105 105 CYS CYS A . n 
A 1 103 GLU 103 106 106 GLU GLU A . n 
A 1 104 TYR 104 107 107 TYR TYR A . n 
A 1 105 ALA 105 108 108 ALA ALA A . n 
A 1 106 ASP 106 109 109 ASP ASP A . n 
A 1 107 GLU 107 110 110 GLU GLU A . n 
A 1 108 THR 108 111 111 THR THR A . n 
A 1 109 ALA 109 112 112 ALA ALA A . n 
A 1 110 THR 110 113 113 THR THR A . n 
A 1 111 ILE 111 114 114 ILE ILE A . n 
A 1 112 VAL 112 115 115 VAL VAL A . n 
A 1 113 GLU 113 116 116 GLU GLU A . n 
A 1 114 PHE 114 117 117 PHE PHE A . n 
A 1 115 LEU 115 118 118 LEU LEU A . n 
A 1 116 ASN 116 119 119 ASN ASN A . n 
A 1 117 ARG 117 120 120 ARG ARG A . n 
A 1 118 TRP 118 121 121 TRP TRP A . n 
A 1 119 ILE 119 122 122 ILE ILE A . n 
A 1 120 THR 120 123 123 THR THR A . n 
A 1 121 PHE 121 124 124 PHE PHE A . n 
A 1 122 SER 122 125 125 SER SER A . n 
A 1 123 GLN 123 126 126 GLN GLN A . n 
A 1 124 SER 124 127 127 SER SER A . n 
A 1 125 ILE 125 128 128 ILE ILE A . n 
A 1 126 ILE 126 129 129 ILE ILE A . n 
A 1 127 SER 127 130 130 SER SER A . n 
A 1 128 THR 128 131 131 THR THR A . n 
A 1 129 LEU 129 132 132 LEU LEU A . n 
A 1 130 THR 130 133 133 THR THR A . n 
# 
loop_
_pdbx_nonpoly_scheme.asym_id 
_pdbx_nonpoly_scheme.entity_id 
_pdbx_nonpoly_scheme.mon_id 
_pdbx_nonpoly_scheme.ndb_seq_num 
_pdbx_nonpoly_scheme.pdb_seq_num 
_pdbx_nonpoly_scheme.auth_seq_num 
_pdbx_nonpoly_scheme.pdb_mon_id 
_pdbx_nonpoly_scheme.auth_mon_id 
_pdbx_nonpoly_scheme.pdb_strand_id 
_pdbx_nonpoly_scheme.pdb_ins_code 
B 2 2K1 1  201 1  2K1 1Z8 A . 
C 2 2K1 1  202 1  2K1 1Z8 A . 
D 3 HOH 1  301 1  HOH HOH A . 
D 3 HOH 2  302 2  HOH HOH A . 
D 3 HOH 3  303 3  HOH HOH A . 
D 3 HOH 4  304 4  HOH HOH A . 
D 3 HOH 5  305 5  HOH HOH A . 
D 3 HOH 6  306 6  HOH HOH A . 
D 3 HOH 7  307 7  HOH HOH A . 
D 3 HOH 8  308 8  HOH HOH A . 
D 3 HOH 9  309 9  HOH HOH A . 
D 3 HOH 10 310 10 HOH HOH A . 
D 3 HOH 11 311 11 HOH HOH A . 
D 3 HOH 12 312 12 HOH HOH A . 
D 3 HOH 13 313 13 HOH HOH A . 
D 3 HOH 14 314 14 HOH HOH A . 
D 3 HOH 15 315 15 HOH HOH A . 
D 3 HOH 16 316 16 HOH HOH A . 
D 3 HOH 17 317 17 HOH HOH A . 
D 3 HOH 18 318 18 HOH HOH A . 
D 3 HOH 19 319 19 HOH HOH A . 
D 3 HOH 20 320 20 HOH HOH A . 
D 3 HOH 21 321 21 HOH HOH A . 
D 3 HOH 22 322 22 HOH HOH A . 
D 3 HOH 23 323 23 HOH HOH A . 
D 3 HOH 24 324 24 HOH HOH A . 
D 3 HOH 25 325 28 HOH HOH A . 
D 3 HOH 26 326 30 HOH HOH A . 
D 3 HOH 27 327 31 HOH HOH A . 
D 3 HOH 28 328 32 HOH HOH A . 
D 3 HOH 29 329 33 HOH HOH A . 
D 3 HOH 30 330 35 HOH HOH A . 
D 3 HOH 31 331 36 HOH HOH A . 
D 3 HOH 32 332 37 HOH HOH A . 
D 3 HOH 33 333 38 HOH HOH A . 
D 3 HOH 34 334 39 HOH HOH A . 
D 3 HOH 35 335 41 HOH HOH A . 
D 3 HOH 36 336 42 HOH HOH A . 
D 3 HOH 37 337 43 HOH HOH A . 
D 3 HOH 38 338 44 HOH HOH A . 
D 3 HOH 39 339 45 HOH HOH A . 
D 3 HOH 40 340 46 HOH HOH A . 
D 3 HOH 41 341 47 HOH HOH A . 
D 3 HOH 42 342 48 HOH HOH A . 
D 3 HOH 43 343 50 HOH HOH A . 
D 3 HOH 44 344 51 HOH HOH A . 
D 3 HOH 45 345 52 HOH HOH A . 
D 3 HOH 46 346 53 HOH HOH A . 
D 3 HOH 47 347 54 HOH HOH A . 
D 3 HOH 48 348 57 HOH HOH A . 
D 3 HOH 49 349 58 HOH HOH A . 
D 3 HOH 50 350 59 HOH HOH A . 
D 3 HOH 51 351 60 HOH HOH A . 
D 3 HOH 52 352 61 HOH HOH A . 
D 3 HOH 53 353 62 HOH HOH A . 
D 3 HOH 54 354 63 HOH HOH A . 
D 3 HOH 55 355 64 HOH HOH A . 
D 3 HOH 56 356 66 HOH HOH A . 
D 3 HOH 57 357 68 HOH HOH A . 
D 3 HOH 58 358 70 HOH HOH A . 
D 3 HOH 59 359 71 HOH HOH A . 
D 3 HOH 60 360 72 HOH HOH A . 
D 3 HOH 61 361 75 HOH HOH A . 
D 3 HOH 62 362 77 HOH HOH A . 
D 3 HOH 63 363 78 HOH HOH A . 
D 3 HOH 64 364 79 HOH HOH A . 
D 3 HOH 65 365 80 HOH HOH A . 
D 3 HOH 66 366 82 HOH HOH A . 
D 3 HOH 67 367 83 HOH HOH A . 
D 3 HOH 68 368 84 HOH HOH A . 
D 3 HOH 69 369 85 HOH HOH A . 
D 3 HOH 70 370 86 HOH HOH A . 
D 3 HOH 71 371 87 HOH HOH A . 
D 3 HOH 72 372 88 HOH HOH A . 
# 
loop_
_software.name 
_software.classification 
_software.version 
_software.citation_id 
_software.pdbx_ordinal 
HKL-2000 'data collection' .                             ? 1 
PHENIX   'model building'  .                             ? 2 
PHENIX   refinement        '(phenix.refine: 1.8.1_1168)' ? 3 
HKL-2000 'data reduction'  .                             ? 4 
HKL-2000 'data scaling'    .                             ? 5 
PHENIX   phasing           .                             ? 6 
# 
_cell.entry_id           4NEJ 
_cell.length_a           48.069 
_cell.length_b           86.626 
_cell.length_c           32.137 
_cell.angle_alpha        90.00 
_cell.angle_beta         90.00 
_cell.angle_gamma        90.00 
_cell.Z_PDB              4 
_cell.pdbx_unique_axis   ? 
_cell.length_a_esd       ? 
_cell.length_b_esd       ? 
_cell.length_c_esd       ? 
_cell.angle_alpha_esd    ? 
_cell.angle_beta_esd     ? 
_cell.angle_gamma_esd    ? 
# 
_symmetry.entry_id                         4NEJ 
_symmetry.space_group_name_H-M             'P 21 21 2' 
_symmetry.pdbx_full_space_group_name_H-M   ? 
_symmetry.cell_setting                     ? 
_symmetry.Int_Tables_number                18 
_symmetry.space_group_name_Hall            ? 
# 
_exptl.entry_id          4NEJ 
_exptl.method            'X-RAY DIFFRACTION' 
_exptl.crystals_number   1 
# 
_exptl_crystal.id                    1 
_exptl_crystal.density_meas          ? 
_exptl_crystal.density_Matthews      2.21 
_exptl_crystal.density_percent_sol   44.30 
_exptl_crystal.description           ? 
_exptl_crystal.F_000                 ? 
_exptl_crystal.preparation           ? 
# 
_exptl_crystal_grow.crystal_id      1 
_exptl_crystal_grow.method          'VAPOR DIFFUSION, HANGING DROP' 
_exptl_crystal_grow.temp            277 
_exptl_crystal_grow.temp_details    ? 
_exptl_crystal_grow.pH              5.0 
_exptl_crystal_grow.pdbx_details    '34% PEG 8K, 0.1 M NaOAc, pH 5.0, VAPOR DIFFUSION, HANGING DROP, temperature 277K' 
_exptl_crystal_grow.pdbx_pH_range   ? 
# 
_diffrn.id                     1 
_diffrn.ambient_temp           100 
_diffrn.ambient_temp_details   ? 
_diffrn.crystal_id             1 
# 
_diffrn_detector.diffrn_id              1 
_diffrn_detector.detector               CCD 
_diffrn_detector.type                   'ADSC QUANTUM 315r' 
_diffrn_detector.pdbx_collection_date   2010-10-04 
_diffrn_detector.details                ? 
# 
_diffrn_radiation.diffrn_id                        1 
_diffrn_radiation.wavelength_id                    1 
_diffrn_radiation.pdbx_monochromatic_or_laue_m_l   M 
_diffrn_radiation.monochromator                    ? 
_diffrn_radiation.pdbx_diffrn_protocol             'SINGLE WAVELENGTH' 
_diffrn_radiation.pdbx_scattering_type             x-ray 
# 
_diffrn_radiation_wavelength.id           1 
_diffrn_radiation_wavelength.wavelength   1.075000 
_diffrn_radiation_wavelength.wt           1.0 
# 
_diffrn_source.diffrn_id                   1 
_diffrn_source.source                      SYNCHROTRON 
_diffrn_source.type                        'NSLS BEAMLINE X29A' 
_diffrn_source.pdbx_synchrotron_site       NSLS 
_diffrn_source.pdbx_synchrotron_beamline   X29A 
_diffrn_source.pdbx_wavelength             ? 
_diffrn_source.pdbx_wavelength_list        1.075000 
# 
_reflns.entry_id                     4NEJ 
_reflns.observed_criterion_sigma_I   5.03 
_reflns.observed_criterion_sigma_F   23.98 
_reflns.d_resolution_low             42.03 
_reflns.d_resolution_high            1.919 
_reflns.number_obs                   10694 
_reflns.number_all                   10694 
_reflns.percent_possible_obs         98.85 
_reflns.pdbx_Rmerge_I_obs            ? 
_reflns.pdbx_Rsym_value              ? 
_reflns.pdbx_netI_over_sigmaI        ? 
_reflns.B_iso_Wilson_estimate        ? 
_reflns.pdbx_redundancy              ? 
_reflns.R_free_details               ? 
_reflns.limit_h_max                  ? 
_reflns.limit_h_min                  ? 
_reflns.limit_k_max                  ? 
_reflns.limit_k_min                  ? 
_reflns.limit_l_max                  ? 
_reflns.limit_l_min                  ? 
_reflns.observed_criterion_F_max     ? 
_reflns.observed_criterion_F_min     ? 
_reflns.pdbx_chi_squared             ? 
_reflns.pdbx_scaling_rejects         ? 
_reflns.pdbx_ordinal                 1 
_reflns.pdbx_diffrn_id               1 
# 
_refine.entry_id                                 4NEJ 
_refine.ls_number_reflns_obs                     10693 
_refine.ls_number_reflns_all                     10694 
_refine.pdbx_ls_sigma_I                          ? 
_refine.pdbx_ls_sigma_F                          1.35 
_refine.pdbx_data_cutoff_high_absF               ? 
_refine.pdbx_data_cutoff_low_absF                ? 
_refine.pdbx_data_cutoff_high_rms_absF           ? 
_refine.ls_d_res_low                             42.03 
_refine.ls_d_res_high                            1.919 
_refine.ls_percent_reflns_obs                    98.84 
_refine.ls_R_factor_obs                          0.2106 
_refine.ls_R_factor_all                          ? 
_refine.ls_R_factor_R_work                       0.2082 
_refine.ls_R_factor_R_free                       0.2582 
_refine.ls_R_factor_R_free_error                 ? 
_refine.ls_R_factor_R_free_error_details         ? 
_refine.ls_percent_reflns_R_free                 4.79 
_refine.ls_number_reflns_R_free                  512 
_refine.ls_number_parameters                     ? 
_refine.ls_number_restraints                     ? 
_refine.occupancy_min                            ? 
_refine.occupancy_max                            ? 
_refine.correlation_coeff_Fo_to_Fc               ? 
_refine.correlation_coeff_Fo_to_Fc_free          ? 
_refine.B_iso_mean                               ? 
_refine.aniso_B[1][1]                            ? 
_refine.aniso_B[2][2]                            ? 
_refine.aniso_B[3][3]                            ? 
_refine.aniso_B[1][2]                            ? 
_refine.aniso_B[1][3]                            ? 
_refine.aniso_B[2][3]                            ? 
_refine.solvent_model_details                    'FLAT BULK SOLVENT MODEL' 
_refine.solvent_model_param_ksol                 ? 
_refine.solvent_model_param_bsol                 ? 
_refine.pdbx_solvent_vdw_probe_radii             1.11 
_refine.pdbx_solvent_ion_probe_radii             ? 
_refine.pdbx_solvent_shrinkage_radii             0.90 
_refine.pdbx_ls_cross_valid_method               ? 
_refine.details                                  ? 
_refine.pdbx_starting_model                      ? 
_refine.pdbx_method_to_determine_struct          'MOLECULAR REPLACEMENT' 
_refine.pdbx_isotropic_thermal_model             ? 
_refine.pdbx_stereochemistry_target_values       ML 
_refine.pdbx_stereochem_target_val_spec_case     ? 
_refine.pdbx_R_Free_selection_details            RANDOM 
_refine.pdbx_overall_ESU_R                       ? 
_refine.pdbx_overall_ESU_R_Free                  ? 
_refine.overall_SU_ML                            0.26 
_refine.pdbx_overall_phase_error                 28.90 
_refine.overall_SU_B                             ? 
_refine.overall_SU_R_Cruickshank_DPI             ? 
_refine.ls_redundancy_reflns_obs                 ? 
_refine.B_iso_min                                ? 
_refine.B_iso_max                                ? 
_refine.overall_SU_R_free                        ? 
_refine.ls_wR_factor_R_free                      ? 
_refine.ls_wR_factor_R_work                      ? 
_refine.overall_FOM_free_R_set                   ? 
_refine.overall_FOM_work_R_set                   ? 
_refine.pdbx_diffrn_id                           1 
_refine.pdbx_refine_id                           'X-RAY DIFFRACTION' 
_refine.pdbx_TLS_residual_ADP_flag               ? 
_refine.pdbx_overall_SU_R_free_Cruickshank_DPI   ? 
_refine.pdbx_overall_SU_R_Blow_DPI               ? 
_refine.pdbx_overall_SU_R_free_Blow_DPI          ? 
# 
_refine_hist.pdbx_refine_id                   'X-RAY DIFFRACTION' 
_refine_hist.cycle_id                         LAST 
_refine_hist.pdbx_number_atoms_protein        957 
_refine_hist.pdbx_number_atoms_nucleic_acid   0 
_refine_hist.pdbx_number_atoms_ligand         18 
_refine_hist.number_atoms_solvent             72 
_refine_hist.number_atoms_total               1047 
_refine_hist.d_res_high                       1.919 
_refine_hist.d_res_low                        42.03 
# 
loop_
_refine_ls_restr.type 
_refine_ls_restr.dev_ideal 
_refine_ls_restr.dev_ideal_target 
_refine_ls_restr.weight 
_refine_ls_restr.number 
_refine_ls_restr.pdbx_restraint_function 
_refine_ls_restr.pdbx_refine_id 
f_bond_d           0.007  ? ? 988  ? 'X-RAY DIFFRACTION' 
f_angle_d          1.011  ? ? 1329 ? 'X-RAY DIFFRACTION' 
f_dihedral_angle_d 18.018 ? ? 376  ? 'X-RAY DIFFRACTION' 
f_chiral_restr     0.067  ? ? 160  ? 'X-RAY DIFFRACTION' 
f_plane_restr      0.004  ? ? 163  ? 'X-RAY DIFFRACTION' 
# 
loop_
_refine_ls_shell.pdbx_total_number_of_bins_used 
_refine_ls_shell.d_res_high 
_refine_ls_shell.d_res_low 
_refine_ls_shell.number_reflns_R_work 
_refine_ls_shell.R_factor_R_work 
_refine_ls_shell.percent_reflns_obs 
_refine_ls_shell.R_factor_R_free 
_refine_ls_shell.R_factor_R_free_error 
_refine_ls_shell.percent_reflns_R_free 
_refine_ls_shell.number_reflns_R_free 
_refine_ls_shell.number_reflns_all 
_refine_ls_shell.R_factor_all 
_refine_ls_shell.number_reflns_obs 
_refine_ls_shell.redundancy_reflns_obs 
_refine_ls_shell.pdbx_refine_id 
. 1.9185 2.1116  2441 0.1984 96.00  0.3091 . . 103 . . . . 'X-RAY DIFFRACTION' 
. 2.1116 2.4171  2540 0.1981 100.00 0.2686 . . 116 . . . . 'X-RAY DIFFRACTION' 
. 2.4171 3.0452  2521 0.2219 100.00 0.2413 . . 156 . . . . 'X-RAY DIFFRACTION' 
. 3.0452 42.0416 2679 0.2070 99.00  0.2572 . . 137 . . . . 'X-RAY DIFFRACTION' 
# 
_struct.entry_id                  4NEJ 
_struct.title                     'Small molecular fragment bound to crystal contact interface of Interleukin-2' 
_struct.pdbx_model_details        ? 
_struct.pdbx_CASP_flag            ? 
_struct.pdbx_model_type_details   ? 
# 
_struct_keywords.entry_id        4NEJ 
_struct_keywords.pdbx_keywords   'IMMUNE SYSTEM' 
_struct_keywords.text            'fragment mapping, crystal contact, cytokine, Interleukin-2, helix-bundle, CD25, IMMUNE SYSTEM' 
# 
loop_
_struct_asym.id 
_struct_asym.pdbx_blank_PDB_chainid_flag 
_struct_asym.pdbx_modified 
_struct_asym.entity_id 
_struct_asym.details 
A N N 1 ? 
B N N 2 ? 
C N N 2 ? 
D N N 3 ? 
# 
_struct_ref.id                         1 
_struct_ref.db_name                    UNP 
_struct_ref.db_code                    Q6QWN0_HUMAN 
_struct_ref.pdbx_db_accession          Q6QWN0 
_struct_ref.entity_id                  1 
_struct_ref.pdbx_seq_one_letter_code   
;SSSTKKTQLQLEHLLLDLQMILNGINNYKNPKLTRMLTFKFYMPKKATELKHLQCLEEELKPLEEVLNLAQSKNFHLRPR
DLISNINVIVLELKGSETTFMCEYADETATIVEFLNRWITFSQSIISTLT
;
_struct_ref.pdbx_align_begin           4 
_struct_ref.pdbx_db_isoform            ? 
# 
_struct_ref_seq.align_id                      1 
_struct_ref_seq.ref_id                        1 
_struct_ref_seq.pdbx_PDB_id_code              4NEJ 
_struct_ref_seq.pdbx_strand_id                A 
_struct_ref_seq.seq_align_beg                 1 
_struct_ref_seq.pdbx_seq_align_beg_ins_code   ? 
_struct_ref_seq.seq_align_end                 130 
_struct_ref_seq.pdbx_seq_align_end_ins_code   ? 
_struct_ref_seq.pdbx_db_accession             Q6QWN0 
_struct_ref_seq.db_align_beg                  4 
_struct_ref_seq.pdbx_db_align_beg_ins_code    ? 
_struct_ref_seq.db_align_end                  133 
_struct_ref_seq.pdbx_db_align_end_ins_code    ? 
_struct_ref_seq.pdbx_auth_seq_align_beg       4 
_struct_ref_seq.pdbx_auth_seq_align_end       133 
# 
_pdbx_struct_assembly.id                   1 
_pdbx_struct_assembly.details              author_and_software_defined_assembly 
_pdbx_struct_assembly.method_details       PISA 
_pdbx_struct_assembly.oligomeric_details   monomeric 
_pdbx_struct_assembly.oligomeric_count     1 
# 
_pdbx_struct_assembly_gen.assembly_id       1 
_pdbx_struct_assembly_gen.oper_expression   1 
_pdbx_struct_assembly_gen.asym_id_list      A,B,C,D 
# 
_pdbx_struct_oper_list.id                   1 
_pdbx_struct_oper_list.type                 'identity operation' 
_pdbx_struct_oper_list.name                 1_555 
_pdbx_struct_oper_list.symmetry_operation   x,y,z 
_pdbx_struct_oper_list.matrix[1][1]         1.0000000000 
_pdbx_struct_oper_list.matrix[1][2]         0.0000000000 
_pdbx_struct_oper_list.matrix[1][3]         0.0000000000 
_pdbx_struct_oper_list.vector[1]            0.0000000000 
_pdbx_struct_oper_list.matrix[2][1]         0.0000000000 
_pdbx_struct_oper_list.matrix[2][2]         1.0000000000 
_pdbx_struct_oper_list.matrix[2][3]         0.0000000000 
_pdbx_struct_oper_list.vector[2]            0.0000000000 
_pdbx_struct_oper_list.matrix[3][1]         0.0000000000 
_pdbx_struct_oper_list.matrix[3][2]         0.0000000000 
_pdbx_struct_oper_list.matrix[3][3]         1.0000000000 
_pdbx_struct_oper_list.vector[3]            0.0000000000 
# 
_struct_biol.id        1 
_struct_biol.details   ? 
# 
loop_
_struct_conf.conf_type_id 
_struct_conf.id 
_struct_conf.pdbx_PDB_helix_id 
_struct_conf.beg_label_comp_id 
_struct_conf.beg_label_asym_id 
_struct_conf.beg_label_seq_id 
_struct_conf.pdbx_beg_PDB_ins_code 
_struct_conf.end_label_comp_id 
_struct_conf.end_label_asym_id 
_struct_conf.end_label_seq_id 
_struct_conf.pdbx_end_PDB_ins_code 
_struct_conf.beg_auth_comp_id 
_struct_conf.beg_auth_asym_id 
_struct_conf.beg_auth_seq_id 
_struct_conf.end_auth_comp_id 
_struct_conf.end_auth_asym_id 
_struct_conf.end_auth_seq_id 
_struct_conf.pdbx_PDB_helix_class 
_struct_conf.details 
_struct_conf.pdbx_PDB_helix_length 
HELX_P HELX_P1 1 SER A 1   ? ASN A 27  ? SER A 4   ASN A 30  1 ? 27 
HELX_P HELX_P2 2 LYS A 29  ? LEU A 37  ? LYS A 32  LEU A 40  1 ? 9  
HELX_P HELX_P3 3 GLU A 49  ? HIS A 52  ? GLU A 52  HIS A 55  5 ? 4  
HELX_P HELX_P4 4 LEU A 53  ? GLN A 71  ? LEU A 56  GLN A 74  1 ? 19 
HELX_P HELX_P5 5 LEU A 82  ? GLY A 95  ? LEU A 85  GLY A 98  1 ? 14 
HELX_P HELX_P6 6 THR A 110 ? SER A 127 ? THR A 113 SER A 130 1 ? 18 
# 
_struct_conf_type.id          HELX_P 
_struct_conf_type.criteria    ? 
_struct_conf_type.reference   ? 
# 
_struct_conn.id                            disulf1 
_struct_conn.conn_type_id                  disulf 
_struct_conn.pdbx_leaving_atom_flag        ? 
_struct_conn.pdbx_PDB_id                   ? 
_struct_conn.ptnr1_label_asym_id           A 
_struct_conn.ptnr1_label_comp_id           CYS 
_struct_conn.ptnr1_label_seq_id            55 
_struct_conn.ptnr1_label_atom_id           SG 
_struct_conn.pdbx_ptnr1_label_alt_id       ? 
_struct_conn.pdbx_ptnr1_PDB_ins_code       ? 
_struct_conn.pdbx_ptnr1_standard_comp_id   ? 
_struct_conn.ptnr1_symmetry                1_555 
_struct_conn.ptnr2_label_asym_id           A 
_struct_conn.ptnr2_label_comp_id           CYS 
_struct_conn.ptnr2_label_seq_id            102 
_struct_conn.ptnr2_label_atom_id           SG 
_struct_conn.pdbx_ptnr2_label_alt_id       ? 
_struct_conn.pdbx_ptnr2_PDB_ins_code       ? 
_struct_conn.ptnr1_auth_asym_id            A 
_struct_conn.ptnr1_auth_comp_id            CYS 
_struct_conn.ptnr1_auth_seq_id             58 
_struct_conn.ptnr2_auth_asym_id            A 
_struct_conn.ptnr2_auth_comp_id            CYS 
_struct_conn.ptnr2_auth_seq_id             105 
_struct_conn.ptnr2_symmetry                1_555 
_struct_conn.pdbx_ptnr3_label_atom_id      ? 
_struct_conn.pdbx_ptnr3_label_seq_id       ? 
_struct_conn.pdbx_ptnr3_label_comp_id      ? 
_struct_conn.pdbx_ptnr3_label_asym_id      ? 
_struct_conn.pdbx_ptnr3_label_alt_id       ? 
_struct_conn.pdbx_ptnr3_PDB_ins_code       ? 
_struct_conn.details                       ? 
_struct_conn.pdbx_dist_value               2.025 
_struct_conn.pdbx_value_order              ? 
_struct_conn.pdbx_role                     ? 
# 
_struct_conn_type.id          disulf 
_struct_conn_type.criteria    ? 
_struct_conn_type.reference   ? 
# 
_pdbx_modification_feature.ordinal                            1 
_pdbx_modification_feature.label_comp_id                      CYS 
_pdbx_modification_feature.label_asym_id                      A 
_pdbx_modification_feature.label_seq_id                       55 
_pdbx_modification_feature.label_alt_id                       ? 
_pdbx_modification_feature.modified_residue_label_comp_id     CYS 
_pdbx_modification_feature.modified_residue_label_asym_id     A 
_pdbx_modification_feature.modified_residue_label_seq_id      102 
_pdbx_modification_feature.modified_residue_label_alt_id      ? 
_pdbx_modification_feature.auth_comp_id                       CYS 
_pdbx_modification_feature.auth_asym_id                       A 
_pdbx_modification_feature.auth_seq_id                        58 
_pdbx_modification_feature.PDB_ins_code                       ? 
_pdbx_modification_feature.symmetry                           1_555 
_pdbx_modification_feature.modified_residue_auth_comp_id      CYS 
_pdbx_modification_feature.modified_residue_auth_asym_id      A 
_pdbx_modification_feature.modified_residue_auth_seq_id       105 
_pdbx_modification_feature.modified_residue_PDB_ins_code      ? 
_pdbx_modification_feature.modified_residue_symmetry          1_555 
_pdbx_modification_feature.comp_id_linking_atom               SG 
_pdbx_modification_feature.modified_residue_id_linking_atom   SG 
_pdbx_modification_feature.modified_residue_id                . 
_pdbx_modification_feature.ref_pcm_id                         . 
_pdbx_modification_feature.ref_comp_id                        . 
_pdbx_modification_feature.type                               None 
_pdbx_modification_feature.category                           'Disulfide bridge' 
# 
loop_
_struct_site.id 
_struct_site.pdbx_evidence_code 
_struct_site.pdbx_auth_asym_id 
_struct_site.pdbx_auth_comp_id 
_struct_site.pdbx_auth_seq_id 
_struct_site.pdbx_auth_ins_code 
_struct_site.pdbx_num_residues 
_struct_site.details 
AC1 Software A 2K1 201 ? 10 'BINDING SITE FOR RESIDUE 2K1 A 201' 
AC2 Software A 2K1 202 ? 6  'BINDING SITE FOR RESIDUE 2K1 A 202' 
# 
loop_
_struct_site_gen.id 
_struct_site_gen.site_id 
_struct_site_gen.pdbx_num_res 
_struct_site_gen.label_comp_id 
_struct_site_gen.label_asym_id 
_struct_site_gen.label_seq_id 
_struct_site_gen.pdbx_auth_ins_code 
_struct_site_gen.auth_comp_id 
_struct_site_gen.auth_asym_id 
_struct_site_gen.auth_seq_id 
_struct_site_gen.label_atom_id 
_struct_site_gen.label_alt_id 
_struct_site_gen.symmetry 
_struct_site_gen.details 
1  AC1 10 HIS A 13 ? HIS A 16  . ? 4_556 ? 
2  AC1 10 LEU A 16 ? LEU A 19  . ? 4_556 ? 
3  AC1 10 ASP A 17 ? ASP A 20  . ? 4_556 ? 
4  AC1 10 MET A 20 ? MET A 23  . ? 4_556 ? 
5  AC1 10 THR A 38 ? THR A 41  . ? 1_555 ? 
6  AC1 10 PHE A 39 ? PHE A 42  . ? 1_555 ? 
7  AC1 10 LYS A 40 ? LYS A 43  . ? 1_555 ? 
8  AC1 10 PHE A 41 ? PHE A 44  . ? 1_555 ? 
9  AC1 10 ASN A 85 ? ASN A 88  . ? 4_556 ? 
10 AC1 10 HOH D .  ? HOH A 330 . ? 1_555 ? 
11 AC2 6  GLU A 12 ? GLU A 15  . ? 1_555 ? 
12 AC2 6  ARG A 35 ? ARG A 38  . ? 4_456 ? 
13 AC2 6  PHE A 39 ? PHE A 42  . ? 4_456 ? 
14 AC2 6  VAL A 66 ? VAL A 69  . ? 4_456 ? 
15 AC2 6  LEU A 69 ? LEU A 72  . ? 4_456 ? 
16 AC2 6  ALA A 70 ? ALA A 73  . ? 4_456 ? 
# 
_pdbx_entry_details.entry_id                   4NEJ 
_pdbx_entry_details.compound_details           ? 
_pdbx_entry_details.source_details             ? 
_pdbx_entry_details.nonpolymer_details         ? 
_pdbx_entry_details.sequence_details           ? 
_pdbx_entry_details.has_ligand_of_interest     ? 
_pdbx_entry_details.has_protein_modification   Y 
# 
_pdbx_struct_special_symmetry.id              1 
_pdbx_struct_special_symmetry.PDB_model_num   1 
_pdbx_struct_special_symmetry.auth_asym_id    A 
_pdbx_struct_special_symmetry.auth_comp_id    HOH 
_pdbx_struct_special_symmetry.auth_seq_id     354 
_pdbx_struct_special_symmetry.PDB_ins_code    ? 
_pdbx_struct_special_symmetry.label_asym_id   D 
_pdbx_struct_special_symmetry.label_comp_id   HOH 
_pdbx_struct_special_symmetry.label_seq_id    . 
# 
loop_
_pdbx_unobs_or_zero_occ_residues.id 
_pdbx_unobs_or_zero_occ_residues.PDB_model_num 
_pdbx_unobs_or_zero_occ_residues.polymer_flag 
_pdbx_unobs_or_zero_occ_residues.occupancy_flag 
_pdbx_unobs_or_zero_occ_residues.auth_asym_id 
_pdbx_unobs_or_zero_occ_residues.auth_comp_id 
_pdbx_unobs_or_zero_occ_residues.auth_seq_id 
_pdbx_unobs_or_zero_occ_residues.PDB_ins_code 
_pdbx_unobs_or_zero_occ_residues.label_asym_id 
_pdbx_unobs_or_zero_occ_residues.label_comp_id 
_pdbx_unobs_or_zero_occ_residues.label_seq_id 
1  1 Y 1 A LYS 76  ? A LYS 73 
2  1 Y 1 A ASN 77  ? A ASN 74 
3  1 Y 1 A PHE 78  ? A PHE 75 
4  1 Y 1 A HIS 79  ? A HIS 76 
5  1 Y 1 A LEU 80  ? A LEU 77 
6  1 Y 1 A ARG 81  ? A ARG 78 
7  1 Y 1 A PRO 82  ? A PRO 79 
8  1 Y 1 A ARG 83  ? A ARG 80 
9  1 Y 1 A SER 99  ? A SER 96 
10 1 Y 1 A GLU 100 ? A GLU 97 
11 1 Y 1 A THR 101 ? A THR 98 
12 1 Y 1 A THR 102 ? A THR 99 
# 
loop_
_chem_comp_atom.comp_id 
_chem_comp_atom.atom_id 
_chem_comp_atom.type_symbol 
_chem_comp_atom.pdbx_aromatic_flag 
_chem_comp_atom.pdbx_stereo_config 
_chem_comp_atom.pdbx_ordinal 
2K1 O    O N N 1   
2K1 C5   C N N 2   
2K1 O1   O N N 3   
2K1 C4   C Y N 4   
2K1 C3   C Y N 5   
2K1 C2   C Y N 6   
2K1 O2   O Y N 7   
2K1 C1   C Y N 8   
2K1 C    C N N 9   
2K1 H1   H N N 10  
2K1 H2   H N N 11  
2K1 H3   H N N 12  
2K1 H4   H N N 13  
2K1 H5   H N N 14  
2K1 H6   H N N 15  
ALA N    N N N 16  
ALA CA   C N S 17  
ALA C    C N N 18  
ALA O    O N N 19  
ALA CB   C N N 20  
ALA OXT  O N N 21  
ALA H    H N N 22  
ALA H2   H N N 23  
ALA HA   H N N 24  
ALA HB1  H N N 25  
ALA HB2  H N N 26  
ALA HB3  H N N 27  
ALA HXT  H N N 28  
ARG N    N N N 29  
ARG CA   C N S 30  
ARG C    C N N 31  
ARG O    O N N 32  
ARG CB   C N N 33  
ARG CG   C N N 34  
ARG CD   C N N 35  
ARG NE   N N N 36  
ARG CZ   C N N 37  
ARG NH1  N N N 38  
ARG NH2  N N N 39  
ARG OXT  O N N 40  
ARG H    H N N 41  
ARG H2   H N N 42  
ARG HA   H N N 43  
ARG HB2  H N N 44  
ARG HB3  H N N 45  
ARG HG2  H N N 46  
ARG HG3  H N N 47  
ARG HD2  H N N 48  
ARG HD3  H N N 49  
ARG HE   H N N 50  
ARG HH11 H N N 51  
ARG HH12 H N N 52  
ARG HH21 H N N 53  
ARG HH22 H N N 54  
ARG HXT  H N N 55  
ASN N    N N N 56  
ASN CA   C N S 57  
ASN C    C N N 58  
ASN O    O N N 59  
ASN CB   C N N 60  
ASN CG   C N N 61  
ASN OD1  O N N 62  
ASN ND2  N N N 63  
ASN OXT  O N N 64  
ASN H    H N N 65  
ASN H2   H N N 66  
ASN HA   H N N 67  
ASN HB2  H N N 68  
ASN HB3  H N N 69  
ASN HD21 H N N 70  
ASN HD22 H N N 71  
ASN HXT  H N N 72  
ASP N    N N N 73  
ASP CA   C N S 74  
ASP C    C N N 75  
ASP O    O N N 76  
ASP CB   C N N 77  
ASP CG   C N N 78  
ASP OD1  O N N 79  
ASP OD2  O N N 80  
ASP OXT  O N N 81  
ASP H    H N N 82  
ASP H2   H N N 83  
ASP HA   H N N 84  
ASP HB2  H N N 85  
ASP HB3  H N N 86  
ASP HD2  H N N 87  
ASP HXT  H N N 88  
CYS N    N N N 89  
CYS CA   C N R 90  
CYS C    C N N 91  
CYS O    O N N 92  
CYS CB   C N N 93  
CYS SG   S N N 94  
CYS OXT  O N N 95  
CYS H    H N N 96  
CYS H2   H N N 97  
CYS HA   H N N 98  
CYS HB2  H N N 99  
CYS HB3  H N N 100 
CYS HG   H N N 101 
CYS HXT  H N N 102 
GLN N    N N N 103 
GLN CA   C N S 104 
GLN C    C N N 105 
GLN O    O N N 106 
GLN CB   C N N 107 
GLN CG   C N N 108 
GLN CD   C N N 109 
GLN OE1  O N N 110 
GLN NE2  N N N 111 
GLN OXT  O N N 112 
GLN H    H N N 113 
GLN H2   H N N 114 
GLN HA   H N N 115 
GLN HB2  H N N 116 
GLN HB3  H N N 117 
GLN HG2  H N N 118 
GLN HG3  H N N 119 
GLN HE21 H N N 120 
GLN HE22 H N N 121 
GLN HXT  H N N 122 
GLU N    N N N 123 
GLU CA   C N S 124 
GLU C    C N N 125 
GLU O    O N N 126 
GLU CB   C N N 127 
GLU CG   C N N 128 
GLU CD   C N N 129 
GLU OE1  O N N 130 
GLU OE2  O N N 131 
GLU OXT  O N N 132 
GLU H    H N N 133 
GLU H2   H N N 134 
GLU HA   H N N 135 
GLU HB2  H N N 136 
GLU HB3  H N N 137 
GLU HG2  H N N 138 
GLU HG3  H N N 139 
GLU HE2  H N N 140 
GLU HXT  H N N 141 
GLY N    N N N 142 
GLY CA   C N N 143 
GLY C    C N N 144 
GLY O    O N N 145 
GLY OXT  O N N 146 
GLY H    H N N 147 
GLY H2   H N N 148 
GLY HA2  H N N 149 
GLY HA3  H N N 150 
GLY HXT  H N N 151 
HIS N    N N N 152 
HIS CA   C N S 153 
HIS C    C N N 154 
HIS O    O N N 155 
HIS CB   C N N 156 
HIS CG   C Y N 157 
HIS ND1  N Y N 158 
HIS CD2  C Y N 159 
HIS CE1  C Y N 160 
HIS NE2  N Y N 161 
HIS OXT  O N N 162 
HIS H    H N N 163 
HIS H2   H N N 164 
HIS HA   H N N 165 
HIS HB2  H N N 166 
HIS HB3  H N N 167 
HIS HD1  H N N 168 
HIS HD2  H N N 169 
HIS HE1  H N N 170 
HIS HE2  H N N 171 
HIS HXT  H N N 172 
HOH O    O N N 173 
HOH H1   H N N 174 
HOH H2   H N N 175 
ILE N    N N N 176 
ILE CA   C N S 177 
ILE C    C N N 178 
ILE O    O N N 179 
ILE CB   C N S 180 
ILE CG1  C N N 181 
ILE CG2  C N N 182 
ILE CD1  C N N 183 
ILE OXT  O N N 184 
ILE H    H N N 185 
ILE H2   H N N 186 
ILE HA   H N N 187 
ILE HB   H N N 188 
ILE HG12 H N N 189 
ILE HG13 H N N 190 
ILE HG21 H N N 191 
ILE HG22 H N N 192 
ILE HG23 H N N 193 
ILE HD11 H N N 194 
ILE HD12 H N N 195 
ILE HD13 H N N 196 
ILE HXT  H N N 197 
LEU N    N N N 198 
LEU CA   C N S 199 
LEU C    C N N 200 
LEU O    O N N 201 
LEU CB   C N N 202 
LEU CG   C N N 203 
LEU CD1  C N N 204 
LEU CD2  C N N 205 
LEU OXT  O N N 206 
LEU H    H N N 207 
LEU H2   H N N 208 
LEU HA   H N N 209 
LEU HB2  H N N 210 
LEU HB3  H N N 211 
LEU HG   H N N 212 
LEU HD11 H N N 213 
LEU HD12 H N N 214 
LEU HD13 H N N 215 
LEU HD21 H N N 216 
LEU HD22 H N N 217 
LEU HD23 H N N 218 
LEU HXT  H N N 219 
LYS N    N N N 220 
LYS CA   C N S 221 
LYS C    C N N 222 
LYS O    O N N 223 
LYS CB   C N N 224 
LYS CG   C N N 225 
LYS CD   C N N 226 
LYS CE   C N N 227 
LYS NZ   N N N 228 
LYS OXT  O N N 229 
LYS H    H N N 230 
LYS H2   H N N 231 
LYS HA   H N N 232 
LYS HB2  H N N 233 
LYS HB3  H N N 234 
LYS HG2  H N N 235 
LYS HG3  H N N 236 
LYS HD2  H N N 237 
LYS HD3  H N N 238 
LYS HE2  H N N 239 
LYS HE3  H N N 240 
LYS HZ1  H N N 241 
LYS HZ2  H N N 242 
LYS HZ3  H N N 243 
LYS HXT  H N N 244 
MET N    N N N 245 
MET CA   C N S 246 
MET C    C N N 247 
MET O    O N N 248 
MET CB   C N N 249 
MET CG   C N N 250 
MET SD   S N N 251 
MET CE   C N N 252 
MET OXT  O N N 253 
MET H    H N N 254 
MET H2   H N N 255 
MET HA   H N N 256 
MET HB2  H N N 257 
MET HB3  H N N 258 
MET HG2  H N N 259 
MET HG3  H N N 260 
MET HE1  H N N 261 
MET HE2  H N N 262 
MET HE3  H N N 263 
MET HXT  H N N 264 
PHE N    N N N 265 
PHE CA   C N S 266 
PHE C    C N N 267 
PHE O    O N N 268 
PHE CB   C N N 269 
PHE CG   C Y N 270 
PHE CD1  C Y N 271 
PHE CD2  C Y N 272 
PHE CE1  C Y N 273 
PHE CE2  C Y N 274 
PHE CZ   C Y N 275 
PHE OXT  O N N 276 
PHE H    H N N 277 
PHE H2   H N N 278 
PHE HA   H N N 279 
PHE HB2  H N N 280 
PHE HB3  H N N 281 
PHE HD1  H N N 282 
PHE HD2  H N N 283 
PHE HE1  H N N 284 
PHE HE2  H N N 285 
PHE HZ   H N N 286 
PHE HXT  H N N 287 
PRO N    N N N 288 
PRO CA   C N S 289 
PRO C    C N N 290 
PRO O    O N N 291 
PRO CB   C N N 292 
PRO CG   C N N 293 
PRO CD   C N N 294 
PRO OXT  O N N 295 
PRO H    H N N 296 
PRO HA   H N N 297 
PRO HB2  H N N 298 
PRO HB3  H N N 299 
PRO HG2  H N N 300 
PRO HG3  H N N 301 
PRO HD2  H N N 302 
PRO HD3  H N N 303 
PRO HXT  H N N 304 
SER N    N N N 305 
SER CA   C N S 306 
SER C    C N N 307 
SER O    O N N 308 
SER CB   C N N 309 
SER OG   O N N 310 
SER OXT  O N N 311 
SER H    H N N 312 
SER H2   H N N 313 
SER HA   H N N 314 
SER HB2  H N N 315 
SER HB3  H N N 316 
SER HG   H N N 317 
SER HXT  H N N 318 
THR N    N N N 319 
THR CA   C N S 320 
THR C    C N N 321 
THR O    O N N 322 
THR CB   C N R 323 
THR OG1  O N N 324 
THR CG2  C N N 325 
THR OXT  O N N 326 
THR H    H N N 327 
THR H2   H N N 328 
THR HA   H N N 329 
THR HB   H N N 330 
THR HG1  H N N 331 
THR HG21 H N N 332 
THR HG22 H N N 333 
THR HG23 H N N 334 
THR HXT  H N N 335 
TRP N    N N N 336 
TRP CA   C N S 337 
TRP C    C N N 338 
TRP O    O N N 339 
TRP CB   C N N 340 
TRP CG   C Y N 341 
TRP CD1  C Y N 342 
TRP CD2  C Y N 343 
TRP NE1  N Y N 344 
TRP CE2  C Y N 345 
TRP CE3  C Y N 346 
TRP CZ2  C Y N 347 
TRP CZ3  C Y N 348 
TRP CH2  C Y N 349 
TRP OXT  O N N 350 
TRP H    H N N 351 
TRP H2   H N N 352 
TRP HA   H N N 353 
TRP HB2  H N N 354 
TRP HB3  H N N 355 
TRP HD1  H N N 356 
TRP HE1  H N N 357 
TRP HE3  H N N 358 
TRP HZ2  H N N 359 
TRP HZ3  H N N 360 
TRP HH2  H N N 361 
TRP HXT  H N N 362 
TYR N    N N N 363 
TYR CA   C N S 364 
TYR C    C N N 365 
TYR O    O N N 366 
TYR CB   C N N 367 
TYR CG   C Y N 368 
TYR CD1  C Y N 369 
TYR CD2  C Y N 370 
TYR CE1  C Y N 371 
TYR CE2  C Y N 372 
TYR CZ   C Y N 373 
TYR OH   O N N 374 
TYR OXT  O N N 375 
TYR H    H N N 376 
TYR H2   H N N 377 
TYR HA   H N N 378 
TYR HB2  H N N 379 
TYR HB3  H N N 380 
TYR HD1  H N N 381 
TYR HD2  H N N 382 
TYR HE1  H N N 383 
TYR HE2  H N N 384 
TYR HH   H N N 385 
TYR HXT  H N N 386 
VAL N    N N N 387 
VAL CA   C N S 388 
VAL C    C N N 389 
VAL O    O N N 390 
VAL CB   C N N 391 
VAL CG1  C N N 392 
VAL CG2  C N N 393 
VAL OXT  O N N 394 
VAL H    H N N 395 
VAL H2   H N N 396 
VAL HA   H N N 397 
VAL HB   H N N 398 
VAL HG11 H N N 399 
VAL HG12 H N N 400 
VAL HG13 H N N 401 
VAL HG21 H N N 402 
VAL HG22 H N N 403 
VAL HG23 H N N 404 
VAL HXT  H N N 405 
# 
loop_
_chem_comp_bond.comp_id 
_chem_comp_bond.atom_id_1 
_chem_comp_bond.atom_id_2 
_chem_comp_bond.value_order 
_chem_comp_bond.pdbx_aromatic_flag 
_chem_comp_bond.pdbx_stereo_config 
_chem_comp_bond.pdbx_ordinal 
2K1 O   C5   doub N N 1   
2K1 O1  C5   sing N N 2   
2K1 C5  C4   sing N N 3   
2K1 C4  C3   doub Y N 4   
2K1 C4  O2   sing Y N 5   
2K1 C3  C2   sing Y N 6   
2K1 O2  C1   sing Y N 7   
2K1 C2  C1   doub Y N 8   
2K1 C1  C    sing N N 9   
2K1 O1  H1   sing N N 10  
2K1 C3  H2   sing N N 11  
2K1 C2  H3   sing N N 12  
2K1 C   H4   sing N N 13  
2K1 C   H5   sing N N 14  
2K1 C   H6   sing N N 15  
ALA N   CA   sing N N 16  
ALA N   H    sing N N 17  
ALA N   H2   sing N N 18  
ALA CA  C    sing N N 19  
ALA CA  CB   sing N N 20  
ALA CA  HA   sing N N 21  
ALA C   O    doub N N 22  
ALA C   OXT  sing N N 23  
ALA CB  HB1  sing N N 24  
ALA CB  HB2  sing N N 25  
ALA CB  HB3  sing N N 26  
ALA OXT HXT  sing N N 27  
ARG N   CA   sing N N 28  
ARG N   H    sing N N 29  
ARG N   H2   sing N N 30  
ARG CA  C    sing N N 31  
ARG CA  CB   sing N N 32  
ARG CA  HA   sing N N 33  
ARG C   O    doub N N 34  
ARG C   OXT  sing N N 35  
ARG CB  CG   sing N N 36  
ARG CB  HB2  sing N N 37  
ARG CB  HB3  sing N N 38  
ARG CG  CD   sing N N 39  
ARG CG  HG2  sing N N 40  
ARG CG  HG3  sing N N 41  
ARG CD  NE   sing N N 42  
ARG CD  HD2  sing N N 43  
ARG CD  HD3  sing N N 44  
ARG NE  CZ   sing N N 45  
ARG NE  HE   sing N N 46  
ARG CZ  NH1  sing N N 47  
ARG CZ  NH2  doub N N 48  
ARG NH1 HH11 sing N N 49  
ARG NH1 HH12 sing N N 50  
ARG NH2 HH21 sing N N 51  
ARG NH2 HH22 sing N N 52  
ARG OXT HXT  sing N N 53  
ASN N   CA   sing N N 54  
ASN N   H    sing N N 55  
ASN N   H2   sing N N 56  
ASN CA  C    sing N N 57  
ASN CA  CB   sing N N 58  
ASN CA  HA   sing N N 59  
ASN C   O    doub N N 60  
ASN C   OXT  sing N N 61  
ASN CB  CG   sing N N 62  
ASN CB  HB2  sing N N 63  
ASN CB  HB3  sing N N 64  
ASN CG  OD1  doub N N 65  
ASN CG  ND2  sing N N 66  
ASN ND2 HD21 sing N N 67  
ASN ND2 HD22 sing N N 68  
ASN OXT HXT  sing N N 69  
ASP N   CA   sing N N 70  
ASP N   H    sing N N 71  
ASP N   H2   sing N N 72  
ASP CA  C    sing N N 73  
ASP CA  CB   sing N N 74  
ASP CA  HA   sing N N 75  
ASP C   O    doub N N 76  
ASP C   OXT  sing N N 77  
ASP CB  CG   sing N N 78  
ASP CB  HB2  sing N N 79  
ASP CB  HB3  sing N N 80  
ASP CG  OD1  doub N N 81  
ASP CG  OD2  sing N N 82  
ASP OD2 HD2  sing N N 83  
ASP OXT HXT  sing N N 84  
CYS N   CA   sing N N 85  
CYS N   H    sing N N 86  
CYS N   H2   sing N N 87  
CYS CA  C    sing N N 88  
CYS CA  CB   sing N N 89  
CYS CA  HA   sing N N 90  
CYS C   O    doub N N 91  
CYS C   OXT  sing N N 92  
CYS CB  SG   sing N N 93  
CYS CB  HB2  sing N N 94  
CYS CB  HB3  sing N N 95  
CYS SG  HG   sing N N 96  
CYS OXT HXT  sing N N 97  
GLN N   CA   sing N N 98  
GLN N   H    sing N N 99  
GLN N   H2   sing N N 100 
GLN CA  C    sing N N 101 
GLN CA  CB   sing N N 102 
GLN CA  HA   sing N N 103 
GLN C   O    doub N N 104 
GLN C   OXT  sing N N 105 
GLN CB  CG   sing N N 106 
GLN CB  HB2  sing N N 107 
GLN CB  HB3  sing N N 108 
GLN CG  CD   sing N N 109 
GLN CG  HG2  sing N N 110 
GLN CG  HG3  sing N N 111 
GLN CD  OE1  doub N N 112 
GLN CD  NE2  sing N N 113 
GLN NE2 HE21 sing N N 114 
GLN NE2 HE22 sing N N 115 
GLN OXT HXT  sing N N 116 
GLU N   CA   sing N N 117 
GLU N   H    sing N N 118 
GLU N   H2   sing N N 119 
GLU CA  C    sing N N 120 
GLU CA  CB   sing N N 121 
GLU CA  HA   sing N N 122 
GLU C   O    doub N N 123 
GLU C   OXT  sing N N 124 
GLU CB  CG   sing N N 125 
GLU CB  HB2  sing N N 126 
GLU CB  HB3  sing N N 127 
GLU CG  CD   sing N N 128 
GLU CG  HG2  sing N N 129 
GLU CG  HG3  sing N N 130 
GLU CD  OE1  doub N N 131 
GLU CD  OE2  sing N N 132 
GLU OE2 HE2  sing N N 133 
GLU OXT HXT  sing N N 134 
GLY N   CA   sing N N 135 
GLY N   H    sing N N 136 
GLY N   H2   sing N N 137 
GLY CA  C    sing N N 138 
GLY CA  HA2  sing N N 139 
GLY CA  HA3  sing N N 140 
GLY C   O    doub N N 141 
GLY C   OXT  sing N N 142 
GLY OXT HXT  sing N N 143 
HIS N   CA   sing N N 144 
HIS N   H    sing N N 145 
HIS N   H2   sing N N 146 
HIS CA  C    sing N N 147 
HIS CA  CB   sing N N 148 
HIS CA  HA   sing N N 149 
HIS C   O    doub N N 150 
HIS C   OXT  sing N N 151 
HIS CB  CG   sing N N 152 
HIS CB  HB2  sing N N 153 
HIS CB  HB3  sing N N 154 
HIS CG  ND1  sing Y N 155 
HIS CG  CD2  doub Y N 156 
HIS ND1 CE1  doub Y N 157 
HIS ND1 HD1  sing N N 158 
HIS CD2 NE2  sing Y N 159 
HIS CD2 HD2  sing N N 160 
HIS CE1 NE2  sing Y N 161 
HIS CE1 HE1  sing N N 162 
HIS NE2 HE2  sing N N 163 
HIS OXT HXT  sing N N 164 
HOH O   H1   sing N N 165 
HOH O   H2   sing N N 166 
ILE N   CA   sing N N 167 
ILE N   H    sing N N 168 
ILE N   H2   sing N N 169 
ILE CA  C    sing N N 170 
ILE CA  CB   sing N N 171 
ILE CA  HA   sing N N 172 
ILE C   O    doub N N 173 
ILE C   OXT  sing N N 174 
ILE CB  CG1  sing N N 175 
ILE CB  CG2  sing N N 176 
ILE CB  HB   sing N N 177 
ILE CG1 CD1  sing N N 178 
ILE CG1 HG12 sing N N 179 
ILE CG1 HG13 sing N N 180 
ILE CG2 HG21 sing N N 181 
ILE CG2 HG22 sing N N 182 
ILE CG2 HG23 sing N N 183 
ILE CD1 HD11 sing N N 184 
ILE CD1 HD12 sing N N 185 
ILE CD1 HD13 sing N N 186 
ILE OXT HXT  sing N N 187 
LEU N   CA   sing N N 188 
LEU N   H    sing N N 189 
LEU N   H2   sing N N 190 
LEU CA  C    sing N N 191 
LEU CA  CB   sing N N 192 
LEU CA  HA   sing N N 193 
LEU C   O    doub N N 194 
LEU C   OXT  sing N N 195 
LEU CB  CG   sing N N 196 
LEU CB  HB2  sing N N 197 
LEU CB  HB3  sing N N 198 
LEU CG  CD1  sing N N 199 
LEU CG  CD2  sing N N 200 
LEU CG  HG   sing N N 201 
LEU CD1 HD11 sing N N 202 
LEU CD1 HD12 sing N N 203 
LEU CD1 HD13 sing N N 204 
LEU CD2 HD21 sing N N 205 
LEU CD2 HD22 sing N N 206 
LEU CD2 HD23 sing N N 207 
LEU OXT HXT  sing N N 208 
LYS N   CA   sing N N 209 
LYS N   H    sing N N 210 
LYS N   H2   sing N N 211 
LYS CA  C    sing N N 212 
LYS CA  CB   sing N N 213 
LYS CA  HA   sing N N 214 
LYS C   O    doub N N 215 
LYS C   OXT  sing N N 216 
LYS CB  CG   sing N N 217 
LYS CB  HB2  sing N N 218 
LYS CB  HB3  sing N N 219 
LYS CG  CD   sing N N 220 
LYS CG  HG2  sing N N 221 
LYS CG  HG3  sing N N 222 
LYS CD  CE   sing N N 223 
LYS CD  HD2  sing N N 224 
LYS CD  HD3  sing N N 225 
LYS CE  NZ   sing N N 226 
LYS CE  HE2  sing N N 227 
LYS CE  HE3  sing N N 228 
LYS NZ  HZ1  sing N N 229 
LYS NZ  HZ2  sing N N 230 
LYS NZ  HZ3  sing N N 231 
LYS OXT HXT  sing N N 232 
MET N   CA   sing N N 233 
MET N   H    sing N N 234 
MET N   H2   sing N N 235 
MET CA  C    sing N N 236 
MET CA  CB   sing N N 237 
MET CA  HA   sing N N 238 
MET C   O    doub N N 239 
MET C   OXT  sing N N 240 
MET CB  CG   sing N N 241 
MET CB  HB2  sing N N 242 
MET CB  HB3  sing N N 243 
MET CG  SD   sing N N 244 
MET CG  HG2  sing N N 245 
MET CG  HG3  sing N N 246 
MET SD  CE   sing N N 247 
MET CE  HE1  sing N N 248 
MET CE  HE2  sing N N 249 
MET CE  HE3  sing N N 250 
MET OXT HXT  sing N N 251 
PHE N   CA   sing N N 252 
PHE N   H    sing N N 253 
PHE N   H2   sing N N 254 
PHE CA  C    sing N N 255 
PHE CA  CB   sing N N 256 
PHE CA  HA   sing N N 257 
PHE C   O    doub N N 258 
PHE C   OXT  sing N N 259 
PHE CB  CG   sing N N 260 
PHE CB  HB2  sing N N 261 
PHE CB  HB3  sing N N 262 
PHE CG  CD1  doub Y N 263 
PHE CG  CD2  sing Y N 264 
PHE CD1 CE1  sing Y N 265 
PHE CD1 HD1  sing N N 266 
PHE CD2 CE2  doub Y N 267 
PHE CD2 HD2  sing N N 268 
PHE CE1 CZ   doub Y N 269 
PHE CE1 HE1  sing N N 270 
PHE CE2 CZ   sing Y N 271 
PHE CE2 HE2  sing N N 272 
PHE CZ  HZ   sing N N 273 
PHE OXT HXT  sing N N 274 
PRO N   CA   sing N N 275 
PRO N   CD   sing N N 276 
PRO N   H    sing N N 277 
PRO CA  C    sing N N 278 
PRO CA  CB   sing N N 279 
PRO CA  HA   sing N N 280 
PRO C   O    doub N N 281 
PRO C   OXT  sing N N 282 
PRO CB  CG   sing N N 283 
PRO CB  HB2  sing N N 284 
PRO CB  HB3  sing N N 285 
PRO CG  CD   sing N N 286 
PRO CG  HG2  sing N N 287 
PRO CG  HG3  sing N N 288 
PRO CD  HD2  sing N N 289 
PRO CD  HD3  sing N N 290 
PRO OXT HXT  sing N N 291 
SER N   CA   sing N N 292 
SER N   H    sing N N 293 
SER N   H2   sing N N 294 
SER CA  C    sing N N 295 
SER CA  CB   sing N N 296 
SER CA  HA   sing N N 297 
SER C   O    doub N N 298 
SER C   OXT  sing N N 299 
SER CB  OG   sing N N 300 
SER CB  HB2  sing N N 301 
SER CB  HB3  sing N N 302 
SER OG  HG   sing N N 303 
SER OXT HXT  sing N N 304 
THR N   CA   sing N N 305 
THR N   H    sing N N 306 
THR N   H2   sing N N 307 
THR CA  C    sing N N 308 
THR CA  CB   sing N N 309 
THR CA  HA   sing N N 310 
THR C   O    doub N N 311 
THR C   OXT  sing N N 312 
THR CB  OG1  sing N N 313 
THR CB  CG2  sing N N 314 
THR CB  HB   sing N N 315 
THR OG1 HG1  sing N N 316 
THR CG2 HG21 sing N N 317 
THR CG2 HG22 sing N N 318 
THR CG2 HG23 sing N N 319 
THR OXT HXT  sing N N 320 
TRP N   CA   sing N N 321 
TRP N   H    sing N N 322 
TRP N   H2   sing N N 323 
TRP CA  C    sing N N 324 
TRP CA  CB   sing N N 325 
TRP CA  HA   sing N N 326 
TRP C   O    doub N N 327 
TRP C   OXT  sing N N 328 
TRP CB  CG   sing N N 329 
TRP CB  HB2  sing N N 330 
TRP CB  HB3  sing N N 331 
TRP CG  CD1  doub Y N 332 
TRP CG  CD2  sing Y N 333 
TRP CD1 NE1  sing Y N 334 
TRP CD1 HD1  sing N N 335 
TRP CD2 CE2  doub Y N 336 
TRP CD2 CE3  sing Y N 337 
TRP NE1 CE2  sing Y N 338 
TRP NE1 HE1  sing N N 339 
TRP CE2 CZ2  sing Y N 340 
TRP CE3 CZ3  doub Y N 341 
TRP CE3 HE3  sing N N 342 
TRP CZ2 CH2  doub Y N 343 
TRP CZ2 HZ2  sing N N 344 
TRP CZ3 CH2  sing Y N 345 
TRP CZ3 HZ3  sing N N 346 
TRP CH2 HH2  sing N N 347 
TRP OXT HXT  sing N N 348 
TYR N   CA   sing N N 349 
TYR N   H    sing N N 350 
TYR N   H2   sing N N 351 
TYR CA  C    sing N N 352 
TYR CA  CB   sing N N 353 
TYR CA  HA   sing N N 354 
TYR C   O    doub N N 355 
TYR C   OXT  sing N N 356 
TYR CB  CG   sing N N 357 
TYR CB  HB2  sing N N 358 
TYR CB  HB3  sing N N 359 
TYR CG  CD1  doub Y N 360 
TYR CG  CD2  sing Y N 361 
TYR CD1 CE1  sing Y N 362 
TYR CD1 HD1  sing N N 363 
TYR CD2 CE2  doub Y N 364 
TYR CD2 HD2  sing N N 365 
TYR CE1 CZ   doub Y N 366 
TYR CE1 HE1  sing N N 367 
TYR CE2 CZ   sing Y N 368 
TYR CE2 HE2  sing N N 369 
TYR CZ  OH   sing N N 370 
TYR OH  HH   sing N N 371 
TYR OXT HXT  sing N N 372 
VAL N   CA   sing N N 373 
VAL N   H    sing N N 374 
VAL N   H2   sing N N 375 
VAL CA  C    sing N N 376 
VAL CA  CB   sing N N 377 
VAL CA  HA   sing N N 378 
VAL C   O    doub N N 379 
VAL C   OXT  sing N N 380 
VAL CB  CG1  sing N N 381 
VAL CB  CG2  sing N N 382 
VAL CB  HB   sing N N 383 
VAL CG1 HG11 sing N N 384 
VAL CG1 HG12 sing N N 385 
VAL CG1 HG13 sing N N 386 
VAL CG2 HG21 sing N N 387 
VAL CG2 HG22 sing N N 388 
VAL CG2 HG23 sing N N 389 
VAL OXT HXT  sing N N 390 
# 
_atom_sites.entry_id                    4NEJ 
_atom_sites.fract_transf_matrix[1][1]   -0.01175198 
_atom_sites.fract_transf_matrix[1][2]   -0.01656644 
_atom_sites.fract_transf_matrix[1][3]   0.00449541 
_atom_sites.fract_transf_matrix[2][1]   0.00834851 
_atom_sites.fract_transf_matrix[2][2]   -0.00697185 
_atom_sites.fract_transf_matrix[2][3]   -0.00386778 
_atom_sites.fract_transf_matrix[3][1]   0.01236345 
_atom_sites.fract_transf_matrix[3][2]   -0.00102676 
_atom_sites.fract_transf_matrix[3][3]   0.02853697 
_atom_sites.fract_transf_vector[1]      0.126664 
_atom_sites.fract_transf_vector[2]      0.317297 
_atom_sites.fract_transf_vector[3]      0.441868 
# 
loop_
_atom_type.symbol 
C 
N 
O 
S 
# 
loop_
_atom_site.group_PDB 
_atom_site.id 
_atom_site.type_symbol 
_atom_site.label_atom_id 
_atom_site.label_alt_id 
_atom_site.label_comp_id 
_atom_site.label_asym_id 
_atom_site.label_entity_id 
_atom_site.label_seq_id 
_atom_site.pdbx_PDB_ins_code 
_atom_site.Cartn_x 
_atom_site.Cartn_y 
_atom_site.Cartn_z 
_atom_site.occupancy 
_atom_site.B_iso_or_equiv 
_atom_site.pdbx_formal_charge 
_atom_site.auth_seq_id 
_atom_site.auth_comp_id 
_atom_site.auth_asym_id 
_atom_site.auth_atom_id 
_atom_site.pdbx_PDB_model_num 
ATOM   1    N N   . SER A 1 1   ? 7.252   4.912   -24.207 1.00 41.64 ? 4   SER A N   1 
ATOM   2    C CA  . SER A 1 1   ? 5.875   4.672   -24.629 1.00 47.22 ? 4   SER A CA  1 
ATOM   3    C C   . SER A 1 1   ? 4.873   5.329   -23.678 1.00 45.59 ? 4   SER A C   1 
ATOM   4    O O   . SER A 1 1   ? 5.215   5.670   -22.544 1.00 43.67 ? 4   SER A O   1 
ATOM   5    C CB  . SER A 1 1   ? 5.591   3.170   -24.746 1.00 46.44 ? 4   SER A CB  1 
ATOM   6    O OG  . SER A 1 1   ? 5.224   2.606   -23.497 1.00 43.79 ? 4   SER A OG  1 
ATOM   7    N N   . SER A 1 2   ? 3.639   5.504   -24.142 1.00 42.56 ? 5   SER A N   1 
ATOM   8    C CA  . SER A 1 2   ? 2.623   6.198   -23.357 1.00 44.27 ? 5   SER A CA  1 
ATOM   9    C C   . SER A 1 2   ? 2.230   5.377   -22.136 1.00 45.31 ? 5   SER A C   1 
ATOM   10   O O   . SER A 1 2   ? 1.963   5.929   -21.063 1.00 38.52 ? 5   SER A O   1 
ATOM   11   C CB  . SER A 1 2   ? 1.380   6.481   -24.200 1.00 43.98 ? 5   SER A CB  1 
ATOM   12   O OG  . SER A 1 2   ? 0.599   5.309   -24.348 1.00 45.00 ? 5   SER A OG  1 
ATOM   13   N N   . SER A 1 3   ? 2.190   4.058   -22.306 1.00 39.52 ? 6   SER A N   1 
ATOM   14   C CA  . SER A 1 3   ? 1.852   3.169   -21.204 1.00 40.43 ? 6   SER A CA  1 
ATOM   15   C C   . SER A 1 3   ? 2.986   3.131   -20.174 1.00 36.33 ? 6   SER A C   1 
ATOM   16   O O   . SER A 1 3   ? 2.741   3.040   -18.972 1.00 33.83 ? 6   SER A O   1 
ATOM   17   C CB  . SER A 1 3   ? 1.506   1.765   -21.715 1.00 40.77 ? 6   SER A CB  1 
ATOM   18   O OG  . SER A 1 3   ? 2.482   1.298   -22.630 1.00 45.58 ? 6   SER A OG  1 
ATOM   19   N N   . THR A 1 4   ? 4.225   3.218   -20.648 1.00 35.13 ? 7   THR A N   1 
ATOM   20   C CA  . THR A 1 4   ? 5.378   3.279   -19.753 1.00 35.98 ? 7   THR A CA  1 
ATOM   21   C C   . THR A 1 4   ? 5.399   4.588   -18.959 1.00 34.34 ? 7   THR A C   1 
ATOM   22   O O   . THR A 1 4   ? 5.681   4.593   -17.760 1.00 25.86 ? 7   THR A O   1 
ATOM   23   C CB  . THR A 1 4   ? 6.702   3.129   -20.522 1.00 36.31 ? 7   THR A CB  1 
ATOM   24   O OG1 . THR A 1 4   ? 6.717   1.859   -21.184 1.00 47.95 ? 7   THR A OG1 1 
ATOM   25   C CG2 . THR A 1 4   ? 7.880   3.200   -19.571 1.00 30.48 ? 7   THR A CG2 1 
ATOM   26   N N   . LYS A 1 5   ? 5.098   5.691   -19.635 1.00 35.24 ? 8   LYS A N   1 
ATOM   27   C CA  . LYS A 1 5   ? 5.068   6.999   -18.987 1.00 32.90 ? 8   LYS A CA  1 
ATOM   28   C C   . LYS A 1 5   ? 3.966   7.078   -17.951 1.00 28.61 ? 8   LYS A C   1 
ATOM   29   O O   . LYS A 1 5   ? 4.184   7.610   -16.857 1.00 26.50 ? 8   LYS A O   1 
ATOM   30   C CB  . LYS A 1 5   ? 4.880   8.119   -20.016 1.00 37.79 ? 8   LYS A CB  1 
ATOM   31   C CG  . LYS A 1 5   ? 6.102   8.392   -20.859 1.00 42.11 ? 8   LYS A CG  1 
ATOM   32   C CD  . LYS A 1 5   ? 5.906   9.611   -21.748 1.00 46.92 ? 8   LYS A CD  1 
ATOM   33   C CE  . LYS A 1 5   ? 7.101   9.791   -22.667 1.00 46.57 ? 8   LYS A CE  1 
ATOM   34   N NZ  . LYS A 1 5   ? 7.421   8.510   -23.360 1.00 49.00 ? 8   LYS A NZ  1 
ATOM   35   N N   . LYS A 1 6   ? 2.784   6.567   -18.301 1.00 26.59 ? 9   LYS A N   1 
ATOM   36   C CA  . LYS A 1 6   ? 1.652   6.527   -17.372 1.00 28.87 ? 9   LYS A CA  1 
ATOM   37   C C   . LYS A 1 6   ? 1.956   5.626   -16.187 1.00 23.84 ? 9   LYS A C   1 
ATOM   38   O O   . LYS A 1 6   ? 1.603   5.952   -15.053 1.00 23.05 ? 9   LYS A O   1 
ATOM   39   C CB  . LYS A 1 6   ? 0.360   6.044   -18.055 1.00 26.49 ? 9   LYS A CB  1 
ATOM   40   C CG  . LYS A 1 6   ? -0.872  6.066   -17.141 1.00 26.15 ? 9   LYS A CG  1 
ATOM   41   C CD  . LYS A 1 6   ? -2.101  5.350   -17.755 1.00 25.33 ? 9   LYS A CD  1 
ATOM   42   C CE  . LYS A 1 6   ? -3.324  5.460   -16.832 1.00 31.43 ? 9   LYS A CE  1 
ATOM   43   N NZ  . LYS A 1 6   ? -4.609  4.983   -17.462 1.00 31.73 ? 9   LYS A NZ  1 
ATOM   44   N N   . THR A 1 7   ? 2.589   4.483   -16.452 1.00 22.91 ? 10  THR A N   1 
ATOM   45   C CA  . THR A 1 7   ? 2.942   3.552   -15.383 1.00 22.50 ? 10  THR A CA  1 
ATOM   46   C C   . THR A 1 7   ? 3.887   4.194   -14.364 1.00 19.95 ? 10  THR A C   1 
ATOM   47   O O   . THR A 1 7   ? 3.670   4.094   -13.154 1.00 16.57 ? 10  THR A O   1 
ATOM   48   C CB  . THR A 1 7   ? 3.573   2.243   -15.929 1.00 22.35 ? 10  THR A CB  1 
ATOM   49   O OG1 . THR A 1 7   ? 2.568   1.465   -16.591 1.00 26.78 ? 10  THR A OG1 1 
ATOM   50   C CG2 . THR A 1 7   ? 4.155   1.422   -14.793 1.00 17.55 ? 10  THR A CG2 1 
ATOM   51   N N   . GLN A 1 8   ? 4.933   4.861   -14.844 1.00 17.97 ? 11  GLN A N   1 
ATOM   52   C CA  . GLN A 1 8   ? 5.875   5.487   -13.912 1.00 17.09 ? 11  GLN A CA  1 
ATOM   53   C C   . GLN A 1 8   ? 5.189   6.560   -13.068 1.00 15.13 ? 11  GLN A C   1 
ATOM   54   O O   . GLN A 1 8   ? 5.378   6.641   -11.848 1.00 14.06 ? 11  GLN A O   1 
ATOM   55   C CB  . GLN A 1 8   ? 7.070   6.096   -14.655 1.00 21.75 ? 11  GLN A CB  1 
ATOM   56   C CG  . GLN A 1 8   ? 8.008   6.842   -13.726 1.00 19.84 ? 11  GLN A CG  1 
ATOM   57   C CD  . GLN A 1 8   ? 9.230   7.426   -14.424 1.00 29.17 ? 11  GLN A CD  1 
ATOM   58   O OE1 . GLN A 1 8   ? 9.556   7.064   -15.552 1.00 30.22 ? 11  GLN A OE1 1 
ATOM   59   N NE2 . GLN A 1 8   ? 9.915   8.334   -13.739 1.00 30.81 ? 11  GLN A NE2 1 
ATOM   60   N N   . LEU A 1 9   ? 4.400   7.392   -13.734 1.00 16.59 ? 12  LEU A N   1 
ATOM   61   C CA  . LEU A 1 9   ? 3.650   8.453   -13.072 1.00 15.39 ? 12  LEU A CA  1 
ATOM   62   C C   . LEU A 1 9   ? 2.654   7.881   -12.048 1.00 14.85 ? 12  LEU A C   1 
ATOM   63   O O   . LEU A 1 9   ? 2.520   8.402   -10.940 1.00 13.16 ? 12  LEU A O   1 
ATOM   64   C CB  . LEU A 1 9   ? 2.937   9.311   -14.125 1.00 16.51 ? 12  LEU A CB  1 
ATOM   65   C CG  . LEU A 1 9   ? 2.629   10.793  -13.829 1.00 20.48 ? 12  LEU A CG  1 
ATOM   66   C CD1 . LEU A 1 9   ? 1.159   11.039  -13.631 1.00 27.10 ? 12  LEU A CD1 1 
ATOM   67   C CD2 . LEU A 1 9   ? 3.436   11.344  -12.642 1.00 19.36 ? 12  LEU A CD2 1 
ATOM   68   N N   . GLN A 1 10  ? 1.957   6.805   -12.400 1.00 15.95 ? 13  GLN A N   1 
ATOM   69   C CA  . GLN A 1 10  ? 1.039   6.190   -11.437 1.00 15.65 ? 13  GLN A CA  1 
ATOM   70   C C   . GLN A 1 10  ? 1.762   5.596   -10.231 1.00 14.64 ? 13  GLN A C   1 
ATOM   71   O O   . GLN A 1 10  ? 1.320   5.751   -9.102  1.00 12.39 ? 13  GLN A O   1 
ATOM   72   C CB  . GLN A 1 10  ? 0.156   5.134   -12.107 1.00 19.32 ? 13  GLN A CB  1 
ATOM   73   C CG  . GLN A 1 10  ? -1.038  5.730   -12.838 1.00 21.57 ? 13  GLN A CG  1 
ATOM   74   C CD  . GLN A 1 10  ? -1.938  4.676   -13.424 1.00 22.31 ? 13  GLN A CD  1 
ATOM   75   O OE1 . GLN A 1 10  ? -3.165  4.769   -13.330 1.00 25.11 ? 13  GLN A OE1 1 
ATOM   76   N NE2 . GLN A 1 10  ? -1.337  3.671   -14.055 1.00 21.17 ? 13  GLN A NE2 1 
ATOM   77   N N   . LEU A 1 11  ? 2.876   4.914   -10.463 1.00 11.59 ? 14  LEU A N   1 
ATOM   78   C CA  . LEU A 1 11  ? 3.640   4.363   -9.342  1.00 11.73 ? 14  LEU A CA  1 
ATOM   79   C C   . LEU A 1 11  ? 4.148   5.479   -8.427  1.00 13.13 ? 14  LEU A C   1 
ATOM   80   O O   . LEU A 1 11  ? 4.259   5.310   -7.208  1.00 11.48 ? 14  LEU A O   1 
ATOM   81   C CB  . LEU A 1 11  ? 4.833   3.563   -9.866  1.00 13.45 ? 14  LEU A CB  1 
ATOM   82   C CG  . LEU A 1 11  ? 4.513   2.199   -10.478 1.00 14.80 ? 14  LEU A CG  1 
ATOM   83   C CD1 . LEU A 1 11  ? 5.669   1.739   -11.353 1.00 17.04 ? 14  LEU A CD1 1 
ATOM   84   C CD2 . LEU A 1 11  ? 4.235   1.170   -9.387  1.00 16.98 ? 14  LEU A CD2 1 
ATOM   85   N N   . GLU A 1 12  ? 4.479   6.622   -9.017  1.00 11.86 ? 15  GLU A N   1 
ATOM   86   C CA  . GLU A 1 12  ? 4.970   7.735   -8.210  1.00 11.97 ? 15  GLU A CA  1 
ATOM   87   C C   . GLU A 1 12  ? 3.843   8.254   -7.327  1.00 14.38 ? 15  GLU A C   1 
ATOM   88   O O   . GLU A 1 12  ? 4.038   8.540   -6.144  1.00 14.61 ? 15  GLU A O   1 
ATOM   89   C CB  . GLU A 1 12  ? 5.552   8.842   -9.109  1.00 12.55 ? 15  GLU A CB  1 
ATOM   90   C CG  . GLU A 1 12  ? 6.919   8.460   -9.673  1.00 14.06 ? 15  GLU A CG  1 
ATOM   91   C CD  . GLU A 1 12  ? 7.351   9.318   -10.857 1.00 20.97 ? 15  GLU A CD  1 
ATOM   92   O OE1 . GLU A 1 12  ? 6.522   10.082  -11.374 1.00 16.76 ? 15  GLU A OE1 1 
ATOM   93   O OE2 . GLU A 1 12  ? 8.525   9.227   -11.264 1.00 19.86 ? 15  GLU A OE2 1 
ATOM   94   N N   . HIS A 1 13  ? 2.653   8.366   -7.894  1.00 12.54 ? 16  HIS A N   1 
ATOM   95   C CA  . HIS A 1 13  ? 1.512   8.735   -7.065  1.00 13.87 ? 16  HIS A CA  1 
ATOM   96   C C   . HIS A 1 13  ? 1.206   7.684   -5.997  1.00 13.41 ? 16  HIS A C   1 
ATOM   97   O O   . HIS A 1 13  ? 0.854   8.025   -4.868  1.00 14.26 ? 16  HIS A O   1 
ATOM   98   C CB  . HIS A 1 13  ? 0.276   8.970   -7.922  1.00 14.80 ? 16  HIS A CB  1 
ATOM   99   C CG  . HIS A 1 13  ? 0.209   10.348  -8.504  1.00 15.93 ? 16  HIS A CG  1 
ATOM   100  N ND1 . HIS A 1 13  ? 0.780   10.671  -9.717  1.00 21.04 ? 16  HIS A ND1 1 
ATOM   101  C CD2 . HIS A 1 13  ? -0.370  11.482  -8.044  1.00 14.57 ? 16  HIS A CD2 1 
ATOM   102  C CE1 . HIS A 1 13  ? 0.555   11.948  -9.982  1.00 14.30 ? 16  HIS A CE1 1 
ATOM   103  N NE2 . HIS A 1 13  ? -0.140  12.463  -8.984  1.00 20.71 ? 16  HIS A NE2 1 
ATOM   104  N N   . LEU A 1 14  ? 1.298   6.409   -6.360  1.00 14.03 ? 17  LEU A N   1 
ATOM   105  C CA  . LEU A 1 14  ? 1.058   5.338   -5.388  1.00 13.07 ? 17  LEU A CA  1 
ATOM   106  C C   . LEU A 1 14  ? 2.006   5.462   -4.206  1.00 13.89 ? 17  LEU A C   1 
ATOM   107  O O   . LEU A 1 14  ? 1.586   5.436   -3.048  1.00 14.85 ? 17  LEU A O   1 
ATOM   108  C CB  . LEU A 1 14  ? 1.235   3.959   -6.044  1.00 12.32 ? 17  LEU A CB  1 
ATOM   109  C CG  . LEU A 1 14  ? 1.072   2.776   -5.081  1.00 10.98 ? 17  LEU A CG  1 
ATOM   110  C CD1 . LEU A 1 14  ? -0.331  2.794   -4.444  1.00 12.03 ? 17  LEU A CD1 1 
ATOM   111  C CD2 . LEU A 1 14  ? 1.302   1.469   -5.841  1.00 13.03 ? 17  LEU A CD2 1 
ATOM   112  N N   . LEU A 1 15  ? 3.296   5.572   -4.510  1.00 12.10 ? 18  LEU A N   1 
ATOM   113  C CA  . LEU A 1 15  ? 4.332   5.735   -3.494  1.00 14.76 ? 18  LEU A CA  1 
ATOM   114  C C   . LEU A 1 15  ? 4.048   6.892   -2.529  1.00 16.59 ? 18  LEU A C   1 
ATOM   115  O O   . LEU A 1 15  ? 4.065   6.730   -1.304  1.00 16.38 ? 18  LEU A O   1 
ATOM   116  C CB  . LEU A 1 15  ? 5.695   5.944   -4.187  1.00 16.01 ? 18  LEU A CB  1 
ATOM   117  C CG  . LEU A 1 15  ? 6.926   6.323   -3.363  1.00 22.83 ? 18  LEU A CG  1 
ATOM   118  C CD1 . LEU A 1 15  ? 7.225   5.255   -2.378  1.00 18.56 ? 18  LEU A CD1 1 
ATOM   119  C CD2 . LEU A 1 15  ? 8.144   6.546   -4.265  1.00 18.66 ? 18  LEU A CD2 1 
ATOM   120  N N   . LEU A 1 16  ? 3.792   8.065   -3.088  1.00 16.68 ? 19  LEU A N   1 
ATOM   121  C CA  . LEU A 1 16  ? 3.525   9.245   -2.281  1.00 16.30 ? 19  LEU A CA  1 
ATOM   122  C C   . LEU A 1 16  ? 2.221   9.146   -1.490  1.00 14.39 ? 19  LEU A C   1 
ATOM   123  O O   . LEU A 1 16  ? 2.140   9.640   -0.370  1.00 14.72 ? 19  LEU A O   1 
ATOM   124  C CB  . LEU A 1 16  ? 3.515   10.499  -3.156  1.00 16.08 ? 19  LEU A CB  1 
ATOM   125  C CG  . LEU A 1 16  ? 4.867   10.869  -3.781  1.00 20.07 ? 19  LEU A CG  1 
ATOM   126  C CD1 . LEU A 1 16  ? 4.718   12.136  -4.600  1.00 18.59 ? 19  LEU A CD1 1 
ATOM   127  C CD2 . LEU A 1 16  ? 5.907   11.061  -2.710  1.00 23.23 ? 19  LEU A CD2 1 
ATOM   128  N N   . ASP A 1 17  ? 1.205   8.512   -2.066  1.00 13.83 ? 20  ASP A N   1 
ATOM   129  C CA  . ASP A 1 17  ? -0.076  8.385   -1.371  1.00 13.84 ? 20  ASP A CA  1 
ATOM   130  C C   . ASP A 1 17  ? 0.049   7.437   -0.180  1.00 15.08 ? 20  ASP A C   1 
ATOM   131  O O   . ASP A 1 17  ? -0.465  7.716   0.901   1.00 15.30 ? 20  ASP A O   1 
ATOM   132  C CB  . ASP A 1 17  ? -1.181  7.928   -2.321  1.00 14.59 ? 20  ASP A CB  1 
ATOM   133  C CG  . ASP A 1 17  ? -1.489  8.961   -3.377  1.00 18.01 ? 20  ASP A CG  1 
ATOM   134  O OD1 . ASP A 1 17  ? -0.975  10.093  -3.239  1.00 16.77 ? 20  ASP A OD1 1 
ATOM   135  O OD2 . ASP A 1 17  ? -2.234  8.642   -4.327  1.00 17.54 ? 20  ASP A OD2 1 
ATOM   136  N N   . LEU A 1 18  ? 0.743   6.322   -0.386  1.00 13.28 ? 21  LEU A N   1 
ATOM   137  C CA  . LEU A 1 18  ? 1.070   5.414   0.718   1.00 14.19 ? 21  LEU A CA  1 
ATOM   138  C C   . LEU A 1 18  ? 1.872   6.117   1.810   1.00 15.68 ? 21  LEU A C   1 
ATOM   139  O O   . LEU A 1 18  ? 1.622   5.932   3.013   1.00 15.48 ? 21  LEU A O   1 
ATOM   140  C CB  . LEU A 1 18  ? 1.855   4.209   0.186   1.00 14.12 ? 21  LEU A CB  1 
ATOM   141  C CG  . LEU A 1 18  ? 1.010   3.266   -0.682  1.00 14.74 ? 21  LEU A CG  1 
ATOM   142  C CD1 . LEU A 1 18  ? 1.841   2.120   -1.245  1.00 15.88 ? 21  LEU A CD1 1 
ATOM   143  C CD2 . LEU A 1 18  ? -0.132  2.733   0.144   1.00 18.25 ? 21  LEU A CD2 1 
ATOM   144  N N   . GLN A 1 19  ? 2.869   6.901   1.400   1.00 16.19 ? 22  GLN A N   1 
ATOM   145  C CA  . GLN A 1 19  ? 3.688   7.590   2.382   1.00 15.26 ? 22  GLN A CA  1 
ATOM   146  C C   . GLN A 1 19  ? 2.851   8.597   3.156   1.00 15.75 ? 22  GLN A C   1 
ATOM   147  O O   . GLN A 1 19  ? 3.006   8.738   4.366   1.00 15.70 ? 22  GLN A O   1 
ATOM   148  C CB  . GLN A 1 19  ? 4.904   8.278   1.744   1.00 16.51 ? 22  GLN A CB  1 
ATOM   149  C CG  . GLN A 1 19  ? 5.785   8.966   2.780   1.00 24.73 ? 22  GLN A CG  1 
ATOM   150  C CD  . GLN A 1 19  ? 6.477   8.001   3.762   1.00 26.23 ? 22  GLN A CD  1 
ATOM   151  O OE1 . GLN A 1 19  ? 7.198   7.084   3.358   1.00 30.25 ? 22  GLN A OE1 1 
ATOM   152  N NE2 . GLN A 1 19  ? 6.285   8.239   5.058   1.00 25.36 ? 22  GLN A NE2 1 
ATOM   153  N N   . MET A 1 20  ? 1.971   9.307   2.459   1.00 13.67 ? 23  MET A N   1 
ATOM   154  C CA  . MET A 1 20  ? 1.095   10.249  3.150   1.00 16.26 ? 23  MET A CA  1 
ATOM   155  C C   . MET A 1 20  ? 0.201   9.595   4.224   1.00 15.98 ? 23  MET A C   1 
ATOM   156  O O   . MET A 1 20  ? -0.015  10.170  5.289   1.00 13.36 ? 23  MET A O   1 
ATOM   157  C CB  . MET A 1 20  ? 0.271   11.058  2.164   1.00 17.63 ? 23  MET A CB  1 
ATOM   158  C CG  . MET A 1 20  ? 1.096   12.127  1.464   1.00 22.66 ? 23  MET A CG  1 
ATOM   159  S SD  . MET A 1 20  ? 0.080   13.522  0.968   1.00 30.29 ? 23  MET A SD  1 
ATOM   160  C CE  . MET A 1 20  ? -0.451  14.119  2.575   1.00 29.87 ? 23  MET A CE  1 
ATOM   161  N N   . ILE A 1 21  ? -0.327  8.411   3.936   1.00 14.32 ? 24  ILE A N   1 
ATOM   162  C CA  . ILE A 1 21  ? -1.057  7.662   4.963   1.00 15.47 ? 24  ILE A CA  1 
ATOM   163  C C   . ILE A 1 21  ? -0.139  7.361   6.148   1.00 17.31 ? 24  ILE A C   1 
ATOM   164  O O   . ILE A 1 21  ? -0.498  7.606   7.310   1.00 15.76 ? 24  ILE A O   1 
ATOM   165  C CB  . ILE A 1 21  ? -1.653  6.349   4.394   1.00 17.52 ? 24  ILE A CB  1 
ATOM   166  C CG1 . ILE A 1 21  ? -2.685  6.671   3.307   1.00 18.73 ? 24  ILE A CG1 1 
ATOM   167  C CG2 . ILE A 1 21  ? -2.234  5.467   5.516   1.00 14.66 ? 24  ILE A CG2 1 
ATOM   168  C CD1 . ILE A 1 21  ? -3.118  5.478   2.518   1.00 19.54 ? 24  ILE A CD1 1 
ATOM   169  N N   . LEU A 1 22  ? 1.045   6.830   5.854   1.00 14.68 ? 25  LEU A N   1 
ATOM   170  C CA  . LEU A 1 22  ? 1.972   6.429   6.916   1.00 17.20 ? 25  LEU A CA  1 
ATOM   171  C C   . LEU A 1 22  ? 2.359   7.617   7.797   1.00 19.38 ? 25  LEU A C   1 
ATOM   172  O O   . LEU A 1 22  ? 2.436   7.502   9.027   1.00 17.63 ? 25  LEU A O   1 
ATOM   173  C CB  . LEU A 1 22  ? 3.233   5.807   6.315   1.00 17.58 ? 25  LEU A CB  1 
ATOM   174  C CG  . LEU A 1 22  ? 4.320   5.396   7.314   1.00 15.49 ? 25  LEU A CG  1 
ATOM   175  C CD1 . LEU A 1 22  ? 3.791   4.405   8.363   1.00 16.31 ? 25  LEU A CD1 1 
ATOM   176  C CD2 . LEU A 1 22  ? 5.531   4.823   6.597   1.00 19.38 ? 25  LEU A CD2 1 
ATOM   177  N N   . ASN A 1 23  ? 2.597   8.756   7.152   1.00 16.03 ? 26  ASN A N   1 
ATOM   178  C CA  . ASN A 1 23  ? 2.970   9.984   7.852   1.00 19.79 ? 26  ASN A CA  1 
ATOM   179  C C   . ASN A 1 23  ? 1.878   10.360  8.823   1.00 19.07 ? 26  ASN A C   1 
ATOM   180  O O   . ASN A 1 23  ? 2.149   10.760  9.954   1.00 22.81 ? 26  ASN A O   1 
ATOM   181  C CB  . ASN A 1 23  ? 3.149   11.144  6.865   1.00 20.75 ? 26  ASN A CB  1 
ATOM   182  C CG  . ASN A 1 23  ? 4.327   10.954  5.953   1.00 22.87 ? 26  ASN A CG  1 
ATOM   183  O OD1 . ASN A 1 23  ? 5.250   10.216  6.272   1.00 21.64 ? 26  ASN A OD1 1 
ATOM   184  N ND2 . ASN A 1 23  ? 4.306   11.639  4.796   1.00 22.52 ? 26  ASN A ND2 1 
ATOM   185  N N   . GLY A 1 24  ? 0.636   10.236  8.366   1.00 17.18 ? 27  GLY A N   1 
ATOM   186  C CA  . GLY A 1 24  ? -0.510  10.613  9.171   1.00 17.45 ? 27  GLY A CA  1 
ATOM   187  C C   . GLY A 1 24  ? -0.647  9.723   10.391  1.00 21.30 ? 27  GLY A C   1 
ATOM   188  O O   . GLY A 1 24  ? -0.953  10.187  11.489  1.00 20.13 ? 27  GLY A O   1 
ATOM   189  N N   . ILE A 1 25  ? -0.428  8.430   10.194  1.00 19.56 ? 28  ILE A N   1 
ATOM   190  C CA  . ILE A 1 25  ? -0.500  7.479   11.295  1.00 20.16 ? 28  ILE A CA  1 
ATOM   191  C C   . ILE A 1 25  ? 0.626   7.768   12.280  1.00 22.90 ? 28  ILE A C   1 
ATOM   192  O O   . ILE A 1 25  ? 0.437   7.707   13.498  1.00 20.22 ? 28  ILE A O   1 
ATOM   193  C CB  . ILE A 1 25  ? -0.382  6.033   10.784  1.00 21.34 ? 28  ILE A CB  1 
ATOM   194  C CG1 . ILE A 1 25  ? -1.604  5.665   9.950   1.00 18.40 ? 28  ILE A CG1 1 
ATOM   195  C CG2 . ILE A 1 25  ? -0.217  5.058   11.948  1.00 22.92 ? 28  ILE A CG2 1 
ATOM   196  C CD1 . ILE A 1 25  ? -1.372  4.466   9.057   1.00 17.18 ? 28  ILE A CD1 1 
ATOM   197  N N   . ASN A 1 26  ? 1.795   8.097   11.745  1.00 22.92 ? 29  ASN A N   1 
ATOM   198  C CA  . ASN A 1 26  ? 2.940   8.419   12.586  1.00 27.03 ? 29  ASN A CA  1 
ATOM   199  C C   . ASN A 1 26  ? 2.704   9.688   13.394  1.00 27.72 ? 29  ASN A C   1 
ATOM   200  O O   . ASN A 1 26  ? 3.419   9.953   14.350  1.00 26.59 ? 29  ASN A O   1 
ATOM   201  C CB  . ASN A 1 26  ? 4.204   8.591   11.750  1.00 25.64 ? 29  ASN A CB  1 
ATOM   202  C CG  . ASN A 1 26  ? 4.747   7.283   11.247  1.00 24.85 ? 29  ASN A CG  1 
ATOM   203  O OD1 . ASN A 1 26  ? 4.433   6.225   11.784  1.00 24.75 ? 29  ASN A OD1 1 
ATOM   204  N ND2 . ASN A 1 26  ? 5.586   7.346   10.211  1.00 27.52 ? 29  ASN A ND2 1 
ATOM   205  N N   . ASN A 1 27  ? 1.710   10.472  12.992  1.00 26.84 ? 30  ASN A N   1 
ATOM   206  C CA  . ASN A 1 27  ? 1.342   11.671  13.732  1.00 28.39 ? 30  ASN A CA  1 
ATOM   207  C C   . ASN A 1 27  ? 0.285   11.436  14.799  1.00 26.35 ? 30  ASN A C   1 
ATOM   208  O O   . ASN A 1 27  ? -0.041  12.352  15.554  1.00 23.97 ? 30  ASN A O   1 
ATOM   209  C CB  . ASN A 1 27  ? 0.895   12.783  12.784  1.00 28.97 ? 30  ASN A CB  1 
ATOM   210  C CG  . ASN A 1 27  ? 2.068   13.481  12.131  1.00 38.85 ? 30  ASN A CG  1 
ATOM   211  O OD1 . ASN A 1 27  ? 3.220   13.084  12.325  1.00 40.30 ? 30  ASN A OD1 1 
ATOM   212  N ND2 . ASN A 1 27  ? 1.787   14.525  11.351  1.00 44.12 ? 30  ASN A ND2 1 
ATOM   213  N N   . TYR A 1 28  ? -0.253  10.218  14.862  1.00 22.25 ? 31  TYR A N   1 
ATOM   214  C CA  . TYR A 1 28  ? -1.191  9.876   15.930  1.00 23.72 ? 31  TYR A CA  1 
ATOM   215  C C   . TYR A 1 28  ? -0.502  10.065  17.274  1.00 25.07 ? 31  TYR A C   1 
ATOM   216  O O   . TYR A 1 28  ? 0.701   9.838   17.396  1.00 21.79 ? 31  TYR A O   1 
ATOM   217  C CB  . TYR A 1 28  ? -1.650  8.415   15.850  1.00 25.43 ? 31  TYR A CB  1 
ATOM   218  C CG  . TYR A 1 28  ? -2.607  8.064   14.732  1.00 25.23 ? 31  TYR A CG  1 
ATOM   219  C CD1 . TYR A 1 28  ? -3.178  9.043   13.927  1.00 24.82 ? 31  TYR A CD1 1 
ATOM   220  C CD2 . TYR A 1 28  ? -2.932  6.736   14.483  1.00 22.70 ? 31  TYR A CD2 1 
ATOM   221  C CE1 . TYR A 1 28  ? -4.055  8.701   12.898  1.00 25.08 ? 31  TYR A CE1 1 
ATOM   222  C CE2 . TYR A 1 28  ? -3.801  6.383   13.463  1.00 26.32 ? 31  TYR A CE2 1 
ATOM   223  C CZ  . TYR A 1 28  ? -4.362  7.365   12.679  1.00 26.90 ? 31  TYR A CZ  1 
ATOM   224  O OH  . TYR A 1 28  ? -5.226  6.999   11.674  1.00 26.36 ? 31  TYR A OH  1 
ATOM   225  N N   . LYS A 1 29  ? -1.269  10.473  18.276  1.00 25.17 ? 32  LYS A N   1 
ATOM   226  C CA  . LYS A 1 29  ? -0.796  10.427  19.651  1.00 28.68 ? 32  LYS A CA  1 
ATOM   227  C C   . LYS A 1 29  ? -0.527  8.976   20.032  1.00 28.15 ? 32  LYS A C   1 
ATOM   228  O O   . LYS A 1 29  ? -1.175  8.066   19.509  1.00 22.09 ? 32  LYS A O   1 
ATOM   229  C CB  . LYS A 1 29  ? -1.840  11.021  20.591  1.00 33.50 ? 32  LYS A CB  1 
ATOM   230  C CG  . LYS A 1 29  ? -2.233  12.438  20.236  1.00 34.80 ? 32  LYS A CG  1 
ATOM   231  C CD  . LYS A 1 29  ? -1.020  13.337  20.160  1.00 34.89 ? 32  LYS A CD  1 
ATOM   232  C CE  . LYS A 1 29  ? -1.435  14.769  19.817  1.00 42.46 ? 32  LYS A CE  1 
ATOM   233  N NZ  . LYS A 1 29  ? -2.437  15.296  20.795  1.00 40.01 ? 32  LYS A NZ  1 
ATOM   234  N N   . ASN A 1 30  ? 0.427   8.778   20.939  1.00 24.84 ? 33  ASN A N   1 
ATOM   235  C CA  . ASN A 1 30  ? 0.908   7.448   21.315  1.00 25.62 ? 33  ASN A CA  1 
ATOM   236  C C   . ASN A 1 30  ? -0.158  6.426   21.739  1.00 28.80 ? 33  ASN A C   1 
ATOM   237  O O   . ASN A 1 30  ? -0.120  5.279   21.278  1.00 22.45 ? 33  ASN A O   1 
ATOM   238  C CB  . ASN A 1 30  ? 2.019   7.533   22.384  1.00 27.12 ? 33  ASN A CB  1 
ATOM   239  C CG  . ASN A 1 30  ? 3.347   8.048   21.827  1.00 30.15 ? 33  ASN A CG  1 
ATOM   240  O OD1 . ASN A 1 30  ? 3.646   7.883   20.644  1.00 29.43 ? 33  ASN A OD1 1 
ATOM   241  N ND2 . ASN A 1 30  ? 4.152   8.664   22.690  1.00 31.69 ? 33  ASN A ND2 1 
ATOM   242  N N   . PRO A 1 31  ? -1.097  6.815   22.628  1.00 28.23 ? 34  PRO A N   1 
ATOM   243  C CA  . PRO A 1 31  ? -2.090  5.801   23.001  1.00 31.35 ? 34  PRO A CA  1 
ATOM   244  C C   . PRO A 1 31  ? -2.910  5.350   21.791  1.00 28.56 ? 34  PRO A C   1 
ATOM   245  O O   . PRO A 1 31  ? -3.163  4.153   21.639  1.00 25.22 ? 34  PRO A O   1 
ATOM   246  C CB  . PRO A 1 31  ? -2.972  6.534   24.016  1.00 32.23 ? 34  PRO A CB  1 
ATOM   247  C CG  . PRO A 1 31  ? -2.096  7.578   24.583  1.00 30.02 ? 34  PRO A CG  1 
ATOM   248  C CD  . PRO A 1 31  ? -1.272  8.050   23.413  1.00 32.30 ? 34  PRO A CD  1 
ATOM   249  N N   . LYS A 1 32  ? -3.288  6.298   20.933  1.00 27.26 ? 35  LYS A N   1 
ATOM   250  C CA  . LYS A 1 32  ? -4.044  5.977   19.730  1.00 26.60 ? 35  LYS A CA  1 
ATOM   251  C C   . LYS A 1 32  ? -3.215  5.111   18.781  1.00 23.33 ? 35  LYS A C   1 
ATOM   252  O O   . LYS A 1 32  ? -3.706  4.123   18.227  1.00 19.52 ? 35  LYS A O   1 
ATOM   253  C CB  . LYS A 1 32  ? -4.484  7.254   19.019  1.00 28.85 ? 35  LYS A CB  1 
ATOM   254  C CG  . LYS A 1 32  ? -5.306  7.015   17.764  1.00 26.89 ? 35  LYS A CG  1 
ATOM   255  C CD  . LYS A 1 32  ? -6.246  8.183   17.511  1.00 32.15 ? 35  LYS A CD  1 
ATOM   256  C CE  . LYS A 1 32  ? -6.274  8.578   16.044  1.00 30.27 ? 35  LYS A CE  1 
ATOM   257  N NZ  . LYS A 1 32  ? -6.469  7.387   15.181  1.00 35.91 ? 35  LYS A NZ  1 
ATOM   258  N N   . LEU A 1 33  ? -1.954  5.486   18.591  1.00 21.12 ? 36  LEU A N   1 
ATOM   259  C CA  . LEU A 1 33  ? -1.077  4.713   17.723  1.00 19.17 ? 36  LEU A CA  1 
ATOM   260  C C   . LEU A 1 33  ? -0.915  3.292   18.258  1.00 18.23 ? 36  LEU A C   1 
ATOM   261  O O   . LEU A 1 33  ? -0.974  2.325   17.497  1.00 18.67 ? 36  LEU A O   1 
ATOM   262  C CB  . LEU A 1 33  ? 0.282   5.399   17.581  1.00 20.86 ? 36  LEU A CB  1 
ATOM   263  C CG  . LEU A 1 33  ? 1.296   4.722   16.662  1.00 21.21 ? 36  LEU A CG  1 
ATOM   264  C CD1 . LEU A 1 33  ? 0.661   4.337   15.347  1.00 19.17 ? 36  LEU A CD1 1 
ATOM   265  C CD2 . LEU A 1 33  ? 2.480   5.662   16.419  1.00 18.02 ? 36  LEU A CD2 1 
ATOM   266  N N   . THR A 1 34  ? -0.720  3.174   19.569  1.00 17.62 ? 37  THR A N   1 
ATOM   267  C CA  . THR A 1 34  ? -0.579  1.868   20.207  1.00 17.09 ? 37  THR A CA  1 
ATOM   268  C C   . THR A 1 34  ? -1.744  0.946   19.851  1.00 17.26 ? 37  THR A C   1 
ATOM   269  O O   . THR A 1 34  ? -1.541  -0.226  19.527  1.00 16.78 ? 37  THR A O   1 
ATOM   270  C CB  . THR A 1 34  ? -0.458  1.988   21.737  1.00 21.01 ? 37  THR A CB  1 
ATOM   271  O OG1 . THR A 1 34  ? 0.790   2.600   22.061  1.00 21.12 ? 37  THR A OG1 1 
ATOM   272  C CG2 . THR A 1 34  ? -0.476  0.624   22.367  1.00 23.11 ? 37  THR A CG2 1 
ATOM   273  N N   . ARG A 1 35  ? -2.960  1.480   19.888  1.00 17.78 ? 38  ARG A N   1 
ATOM   274  C CA  . ARG A 1 35  ? -4.151  0.676   19.559  1.00 17.72 ? 38  ARG A CA  1 
ATOM   275  C C   . ARG A 1 35  ? -4.208  0.326   18.070  1.00 16.36 ? 38  ARG A C   1 
ATOM   276  O O   . ARG A 1 35  ? -4.580  -0.790  17.678  1.00 17.05 ? 38  ARG A O   1 
ATOM   277  C CB  . ARG A 1 35  ? -5.429  1.425   19.953  1.00 21.71 ? 38  ARG A CB  1 
ATOM   278  C CG  . ARG A 1 35  ? -5.706  1.501   21.450  1.00 28.83 ? 38  ARG A CG  1 
ATOM   279  C CD  . ARG A 1 35  ? -7.137  1.992   21.698  1.00 31.32 ? 38  ARG A CD  1 
ATOM   280  N NE  . ARG A 1 35  ? -7.301  2.572   23.025  1.00 44.05 ? 38  ARG A NE  1 
ATOM   281  C CZ  . ARG A 1 35  ? -7.147  3.865   23.300  1.00 48.98 ? 38  ARG A CZ  1 
ATOM   282  N NH1 . ARG A 1 35  ? -6.824  4.722   22.337  1.00 38.56 ? 38  ARG A NH1 1 
ATOM   283  N NH2 . ARG A 1 35  ? -7.321  4.305   24.541  1.00 51.68 ? 38  ARG A NH2 1 
ATOM   284  N N   . MET A 1 36  ? -3.846  1.297   17.236  1.00 17.03 ? 39  MET A N   1 
ATOM   285  C CA  . MET A 1 36  ? -3.834  1.104   15.783  1.00 15.35 ? 39  MET A CA  1 
ATOM   286  C C   . MET A 1 36  ? -2.891  -0.035  15.393  1.00 16.09 ? 39  MET A C   1 
ATOM   287  O O   . MET A 1 36  ? -3.147  -0.794  14.445  1.00 14.65 ? 39  MET A O   1 
ATOM   288  C CB  . MET A 1 36  ? -3.402  2.396   15.095  1.00 18.08 ? 39  MET A CB  1 
ATOM   289  C CG  . MET A 1 36  ? -3.120  2.234   13.615  1.00 23.47 ? 39  MET A CG  1 
ATOM   290  S SD  . MET A 1 36  ? -4.593  1.626   12.778  1.00 28.24 ? 39  MET A SD  1 
ATOM   291  C CE  . MET A 1 36  ? -5.244  3.140   12.092  1.00 23.28 ? 39  MET A CE  1 
ATOM   292  N N   . LEU A 1 37  ? -1.800  -0.159  16.144  1.00 14.27 ? 40  LEU A N   1 
ATOM   293  C CA  . LEU A 1 37  ? -0.792  -1.180  15.878  1.00 13.70 ? 40  LEU A CA  1 
ATOM   294  C C   . LEU A 1 37  ? -1.261  -2.599  16.238  1.00 17.72 ? 40  LEU A C   1 
ATOM   295  O O   . LEU A 1 37  ? -0.539  -3.573  15.995  1.00 19.61 ? 40  LEU A O   1 
ATOM   296  C CB  . LEU A 1 37  ? 0.524   -0.834  16.598  1.00 12.13 ? 40  LEU A CB  1 
ATOM   297  C CG  . LEU A 1 37  ? 1.306   0.356   16.034  1.00 15.17 ? 40  LEU A CG  1 
ATOM   298  C CD1 . LEU A 1 37  ? 2.474   0.759   16.954  1.00 13.80 ? 40  LEU A CD1 1 
ATOM   299  C CD2 . LEU A 1 37  ? 1.821   0.065   14.635  1.00 18.67 ? 40  LEU A CD2 1 
ATOM   300  N N   . THR A 1 38  ? -2.463  -2.736  16.804  1.00 14.67 ? 41  THR A N   1 
ATOM   301  C CA  . THR A 1 38  ? -2.968  -4.075  17.088  1.00 12.26 ? 41  THR A CA  1 
ATOM   302  C C   . THR A 1 38  ? -3.626  -4.687  15.860  1.00 15.56 ? 41  THR A C   1 
ATOM   303  O O   . THR A 1 38  ? -3.941  -5.861  15.861  1.00 13.73 ? 41  THR A O   1 
ATOM   304  C CB  . THR A 1 38  ? -3.990  -4.122  18.246  1.00 18.35 ? 41  THR A CB  1 
ATOM   305  O OG1 . THR A 1 38  ? -5.173  -3.401  17.888  1.00 16.57 ? 41  THR A OG1 1 
ATOM   306  C CG2 . THR A 1 38  ? -3.401  -3.538  19.523  1.00 19.65 ? 41  THR A CG2 1 
ATOM   307  N N   . PHE A 1 39  ? -3.842  -3.893  14.816  1.00 14.76 ? 42  PHE A N   1 
ATOM   308  C CA  . PHE A 1 39  ? -4.522  -4.422  13.637  1.00 14.89 ? 42  PHE A CA  1 
ATOM   309  C C   . PHE A 1 39  ? -3.546  -5.090  12.680  1.00 17.18 ? 42  PHE A C   1 
ATOM   310  O O   . PHE A 1 39  ? -2.440  -4.585  12.441  1.00 17.53 ? 42  PHE A O   1 
ATOM   311  C CB  . PHE A 1 39  ? -5.372  -3.338  12.959  1.00 15.97 ? 42  PHE A CB  1 
ATOM   312  C CG  . PHE A 1 39  ? -6.512  -2.858  13.822  1.00 17.65 ? 42  PHE A CG  1 
ATOM   313  C CD1 . PHE A 1 39  ? -7.723  -3.527  13.821  1.00 16.32 ? 42  PHE A CD1 1 
ATOM   314  C CD2 . PHE A 1 39  ? -6.350  -1.769  14.662  1.00 17.70 ? 42  PHE A CD2 1 
ATOM   315  C CE1 . PHE A 1 39  ? -8.770  -3.107  14.624  1.00 16.48 ? 42  PHE A CE1 1 
ATOM   316  C CE2 . PHE A 1 39  ? -7.395  -1.336  15.481  1.00 22.53 ? 42  PHE A CE2 1 
ATOM   317  C CZ  . PHE A 1 39  ? -8.609  -2.015  15.461  1.00 16.89 ? 42  PHE A CZ  1 
ATOM   318  N N   . LYS A 1 40  ? -3.958  -6.228  12.135  1.00 18.21 ? 43  LYS A N   1 
ATOM   319  C CA  . LYS A 1 40  ? -3.043  -7.054  11.351  1.00 19.93 ? 43  LYS A CA  1 
ATOM   320  C C   . LYS A 1 40  ? -3.340  -7.085  9.854   1.00 18.63 ? 43  LYS A C   1 
ATOM   321  O O   . LYS A 1 40  ? -4.503  -7.145  9.426   1.00 15.06 ? 43  LYS A O   1 
ATOM   322  C CB  . LYS A 1 40  ? -2.957  -8.458  11.935  1.00 20.72 ? 43  LYS A CB  1 
ATOM   323  C CG  . LYS A 1 40  ? -2.504  -8.450  13.404  1.00 22.76 ? 43  LYS A CG  1 
ATOM   324  C CD  . LYS A 1 40  ? -1.185  -7.684  13.598  1.00 25.99 ? 43  LYS A CD  1 
ATOM   325  C CE  . LYS A 1 40  ? 0.046   -8.610  13.525  1.00 32.77 ? 43  LYS A CE  1 
ATOM   326  N NZ  . LYS A 1 40  ? 1.351   -7.860  13.450  1.00 31.22 ? 43  LYS A NZ  1 
ATOM   327  N N   . PHE A 1 41  ? -2.262  -7.043  9.074   1.00 15.07 ? 44  PHE A N   1 
ATOM   328  C CA  . PHE A 1 41  ? -2.331  -7.039  7.621   1.00 15.99 ? 44  PHE A CA  1 
ATOM   329  C C   . PHE A 1 41  ? -1.604  -8.248  7.065   1.00 20.81 ? 44  PHE A C   1 
ATOM   330  O O   . PHE A 1 41  ? -0.558  -8.640  7.574   1.00 17.38 ? 44  PHE A O   1 
ATOM   331  C CB  . PHE A 1 41  ? -1.708  -5.744  7.063   1.00 16.95 ? 44  PHE A CB  1 
ATOM   332  C CG  . PHE A 1 41  ? -2.531  -4.528  7.347   1.00 15.00 ? 44  PHE A CG  1 
ATOM   333  C CD1 . PHE A 1 41  ? -3.414  -4.042  6.404   1.00 18.06 ? 44  PHE A CD1 1 
ATOM   334  C CD2 . PHE A 1 41  ? -2.469  -3.912  8.581   1.00 14.35 ? 44  PHE A CD2 1 
ATOM   335  C CE1 . PHE A 1 41  ? -4.198  -2.943  6.680   1.00 17.56 ? 44  PHE A CE1 1 
ATOM   336  C CE2 . PHE A 1 41  ? -3.248  -2.826  8.864   1.00 16.47 ? 44  PHE A CE2 1 
ATOM   337  C CZ  . PHE A 1 41  ? -4.119  -2.339  7.912   1.00 18.44 ? 44  PHE A CZ  1 
ATOM   338  N N   . TYR A 1 42  ? -2.175  -8.849  6.028   1.00 19.81 ? 45  TYR A N   1 
ATOM   339  C CA  . TYR A 1 42  ? -1.502  -9.919  5.317   1.00 20.43 ? 45  TYR A CA  1 
ATOM   340  C C   . TYR A 1 42  ? -0.471  -9.302  4.388   1.00 20.32 ? 45  TYR A C   1 
ATOM   341  O O   . TYR A 1 42  ? -0.695  -8.230  3.836   1.00 16.42 ? 45  TYR A O   1 
ATOM   342  C CB  . TYR A 1 42  ? -2.499  -10.747 4.517   1.00 21.99 ? 45  TYR A CB  1 
ATOM   343  C CG  . TYR A 1 42  ? -3.402  -11.597 5.371   1.00 23.12 ? 45  TYR A CG  1 
ATOM   344  C CD1 . TYR A 1 42  ? -2.883  -12.608 6.164   1.00 28.07 ? 45  TYR A CD1 1 
ATOM   345  C CD2 . TYR A 1 42  ? -4.776  -11.397 5.373   1.00 28.83 ? 45  TYR A CD2 1 
ATOM   346  C CE1 . TYR A 1 42  ? -3.713  -13.397 6.951   1.00 28.95 ? 45  TYR A CE1 1 
ATOM   347  C CE2 . TYR A 1 42  ? -5.612  -12.179 6.153   1.00 32.85 ? 45  TYR A CE2 1 
ATOM   348  C CZ  . TYR A 1 42  ? -5.072  -13.177 6.939   1.00 31.86 ? 45  TYR A CZ  1 
ATOM   349  O OH  . TYR A 1 42  ? -5.895  -13.957 7.720   1.00 43.71 ? 45  TYR A OH  1 
ATOM   350  N N   . MET A 1 43  ? 0.644   -10.002 4.218   1.00 20.16 ? 46  MET A N   1 
ATOM   351  C CA  . MET A 1 43  ? 1.791   -9.496  3.476   1.00 18.68 ? 46  MET A CA  1 
ATOM   352  C C   . MET A 1 43  ? 2.131   -10.398 2.291   1.00 19.50 ? 46  MET A C   1 
ATOM   353  O O   . MET A 1 43  ? 1.968   -11.615 2.369   1.00 21.99 ? 46  MET A O   1 
ATOM   354  C CB  . MET A 1 43  ? 2.984   -9.412  4.420   1.00 18.91 ? 46  MET A CB  1 
ATOM   355  C CG  . MET A 1 43  ? 2.728   -8.534  5.617   1.00 19.21 ? 46  MET A CG  1 
ATOM   356  S SD  . MET A 1 43  ? 2.938   -6.804  5.157   1.00 20.98 ? 46  MET A SD  1 
ATOM   357  C CE  . MET A 1 43  ? 4.717   -6.759  5.075   1.00 18.56 ? 46  MET A CE  1 
ATOM   358  N N   . PRO A 1 44  ? 2.628   -9.809  1.192   1.00 19.18 ? 47  PRO A N   1 
ATOM   359  C CA  . PRO A 1 44  ? 2.963   -10.603 0.010   1.00 22.81 ? 47  PRO A CA  1 
ATOM   360  C C   . PRO A 1 44  ? 4.174   -11.503 0.268   1.00 25.92 ? 47  PRO A C   1 
ATOM   361  O O   . PRO A 1 44  ? 5.154   -11.047 0.857   1.00 25.18 ? 47  PRO A O   1 
ATOM   362  C CB  . PRO A 1 44  ? 3.322   -9.535  -1.029  1.00 21.25 ? 47  PRO A CB  1 
ATOM   363  C CG  . PRO A 1 44  ? 3.887   -8.414  -0.211  1.00 21.79 ? 47  PRO A CG  1 
ATOM   364  C CD  . PRO A 1 44  ? 3.020   -8.396  1.038   1.00 21.46 ? 47  PRO A CD  1 
ATOM   365  N N   . LYS A 1 45  ? 4.109   -12.760 -0.168  1.00 29.05 ? 48  LYS A N   1 
ATOM   366  C CA  . LYS A 1 45  ? 5.283   -13.626 -0.111  1.00 30.12 ? 48  LYS A CA  1 
ATOM   367  C C   . LYS A 1 45  ? 6.359   -13.045 -1.012  1.00 27.42 ? 48  LYS A C   1 
ATOM   368  O O   . LYS A 1 45  ? 7.530   -12.948 -0.634  1.00 25.33 ? 48  LYS A O   1 
ATOM   369  C CB  . LYS A 1 45  ? 4.937   -15.023 -0.604  1.00 34.48 ? 48  LYS A CB  1 
ATOM   370  C CG  . LYS A 1 45  ? 6.047   -16.037 -0.434  1.00 34.08 ? 48  LYS A CG  1 
ATOM   371  C CD  . LYS A 1 45  ? 5.629   -17.100 0.577   1.00 44.11 ? 48  LYS A CD  1 
ATOM   372  C CE  . LYS A 1 45  ? 4.242   -17.660 0.258   1.00 42.76 ? 48  LYS A CE  1 
ATOM   373  N NZ  . LYS A 1 45  ? 3.663   -18.446 1.394   1.00 42.55 ? 48  LYS A NZ  1 
ATOM   374  N N   . LYS A 1 46  ? 5.936   -12.664 -2.212  1.00 25.73 ? 49  LYS A N   1 
ATOM   375  C CA  . LYS A 1 46  ? 6.815   -12.080 -3.212  1.00 30.53 ? 49  LYS A CA  1 
ATOM   376  C C   . LYS A 1 46  ? 6.149   -10.817 -3.747  1.00 29.21 ? 49  LYS A C   1 
ATOM   377  O O   . LYS A 1 46  ? 4.952   -10.822 -4.036  1.00 29.05 ? 49  LYS A O   1 
ATOM   378  C CB  . LYS A 1 46  ? 7.027   -13.081 -4.352  1.00 32.41 ? 49  LYS A CB  1 
ATOM   379  C CG  . LYS A 1 46  ? 8.140   -12.721 -5.328  1.00 38.15 ? 49  LYS A CG  1 
ATOM   380  C CD  . LYS A 1 46  ? 8.227   -13.743 -6.470  1.00 41.80 ? 49  LYS A CD  1 
ATOM   381  C CE  . LYS A 1 46  ? 9.259   -13.330 -7.513  1.00 35.06 ? 49  LYS A CE  1 
ATOM   382  N NZ  . LYS A 1 46  ? 10.661  -13.511 -7.022  1.00 39.85 ? 49  LYS A NZ  1 
ATOM   383  N N   . ALA A 1 47  ? 6.909   -9.732  -3.859  1.00 21.34 ? 50  ALA A N   1 
ATOM   384  C CA  . ALA A 1 47  ? 6.391   -8.536  -4.524  1.00 26.47 ? 50  ALA A CA  1 
ATOM   385  C C   . ALA A 1 47  ? 7.475   -7.855  -5.341  1.00 22.35 ? 50  ALA A C   1 
ATOM   386  O O   . ALA A 1 47  ? 8.210   -6.995  -4.845  1.00 23.16 ? 50  ALA A O   1 
ATOM   387  C CB  . ALA A 1 47  ? 5.784   -7.572  -3.514  1.00 25.12 ? 50  ALA A CB  1 
ATOM   388  N N   . THR A 1 48  ? 7.577   -8.236  -6.608  1.00 20.28 ? 51  THR A N   1 
ATOM   389  C CA  . THR A 1 48  ? 8.636   -7.708  -7.455  1.00 21.62 ? 51  THR A CA  1 
ATOM   390  C C   . THR A 1 48  ? 8.116   -7.254  -8.811  1.00 21.08 ? 51  THR A C   1 
ATOM   391  O O   . THR A 1 48  ? 8.846   -6.629  -9.571  1.00 22.01 ? 51  THR A O   1 
ATOM   392  C CB  . THR A 1 48  ? 9.724   -8.769  -7.704  1.00 23.64 ? 51  THR A CB  1 
ATOM   393  O OG1 . THR A 1 48  ? 9.116   -9.931  -8.272  1.00 23.43 ? 51  THR A OG1 1 
ATOM   394  C CG2 . THR A 1 48  ? 10.393  -9.168  -6.403  1.00 25.19 ? 51  THR A CG2 1 
ATOM   395  N N   . GLU A 1 49  ? 6.863   -7.583  -9.108  1.00 19.06 ? 52  GLU A N   1 
ATOM   396  C CA  . GLU A 1 49  ? 6.254   -7.272  -10.400 1.00 18.04 ? 52  GLU A CA  1 
ATOM   397  C C   . GLU A 1 49  ? 4.903   -6.609  -10.176 1.00 17.09 ? 52  GLU A C   1 
ATOM   398  O O   . GLU A 1 49  ? 4.299   -6.798  -9.129  1.00 17.93 ? 52  GLU A O   1 
ATOM   399  C CB  . GLU A 1 49  ? 6.054   -8.566  -11.199 1.00 20.30 ? 52  GLU A CB  1 
ATOM   400  C CG  . GLU A 1 49  ? 7.354   -9.292  -11.514 1.00 19.62 ? 52  GLU A CG  1 
ATOM   401  C CD  . GLU A 1 49  ? 7.139   -10.667 -12.109 1.00 28.18 ? 52  GLU A CD  1 
ATOM   402  O OE1 . GLU A 1 49  ? 6.014   -10.966 -12.566 1.00 31.86 ? 52  GLU A OE1 1 
ATOM   403  O OE2 . GLU A 1 49  ? 8.107   -11.450 -12.129 1.00 29.78 ? 52  GLU A OE2 1 
ATOM   404  N N   . LEU A 1 50  ? 4.415   -5.868  -11.167 1.00 17.13 ? 53  LEU A N   1 
ATOM   405  C CA  . LEU A 1 50  ? 3.107   -5.210  -11.052 1.00 18.83 ? 53  LEU A CA  1 
ATOM   406  C C   . LEU A 1 50  ? 1.962   -6.176  -10.730 1.00 18.65 ? 53  LEU A C   1 
ATOM   407  O O   . LEU A 1 50  ? 1.018   -5.819  -10.026 1.00 17.85 ? 53  LEU A O   1 
ATOM   408  C CB  . LEU A 1 50  ? 2.786   -4.432  -12.331 1.00 18.70 ? 53  LEU A CB  1 
ATOM   409  C CG  . LEU A 1 50  ? 3.683   -3.254  -12.704 1.00 19.95 ? 53  LEU A CG  1 
ATOM   410  C CD1 . LEU A 1 50  ? 3.229   -2.654  -14.037 1.00 21.23 ? 53  LEU A CD1 1 
ATOM   411  C CD2 . LEU A 1 50  ? 3.672   -2.199  -11.606 1.00 21.41 ? 53  LEU A CD2 1 
ATOM   412  N N   . LYS A 1 51  ? 2.038   -7.403  -11.239 1.00 19.08 ? 54  LYS A N   1 
ATOM   413  C CA  . LYS A 1 51  ? 0.964   -8.356  -10.985 1.00 19.39 ? 54  LYS A CA  1 
ATOM   414  C C   . LYS A 1 51  ? 0.861   -8.646  -9.490  1.00 20.40 ? 54  LYS A C   1 
ATOM   415  O O   . LYS A 1 51  ? -0.221  -8.939  -8.982  1.00 22.22 ? 54  LYS A O   1 
ATOM   416  C CB  . LYS A 1 51  ? 1.139   -9.651  -11.801 1.00 25.64 ? 54  LYS A CB  1 
ATOM   417  C CG  . LYS A 1 51  ? 2.315   -10.518 -11.394 1.00 26.82 ? 54  LYS A CG  1 
ATOM   418  C CD  . LYS A 1 51  ? 2.458   -11.727 -12.324 1.00 29.97 ? 54  LYS A CD  1 
ATOM   419  C CE  . LYS A 1 51  ? 3.506   -12.703 -11.805 1.00 37.52 ? 54  LYS A CE  1 
ATOM   420  N NZ  . LYS A 1 51  ? 3.701   -13.890 -12.690 1.00 40.81 ? 54  LYS A NZ  1 
ATOM   421  N N   . HIS A 1 52  ? 1.975   -8.511  -8.772  1.00 18.40 ? 55  HIS A N   1 
ATOM   422  C CA  . HIS A 1 52  ? 1.965   -8.770  -7.339  1.00 20.80 ? 55  HIS A CA  1 
ATOM   423  C C   . HIS A 1 52  ? 1.126   -7.750  -6.578  1.00 19.43 ? 55  HIS A C   1 
ATOM   424  O O   . HIS A 1 52  ? 0.813   -7.950  -5.404  1.00 19.33 ? 55  HIS A O   1 
ATOM   425  C CB  . HIS A 1 52  ? 3.379   -8.872  -6.782  1.00 21.69 ? 55  HIS A CB  1 
ATOM   426  C CG  . HIS A 1 52  ? 4.165   -10.000 -7.369  1.00 25.42 ? 55  HIS A CG  1 
ATOM   427  N ND1 . HIS A 1 52  ? 5.473   -9.862  -7.788  1.00 24.72 ? 55  HIS A ND1 1 
ATOM   428  C CD2 . HIS A 1 52  ? 3.830   -11.290 -7.611  1.00 31.55 ? 55  HIS A CD2 1 
ATOM   429  C CE1 . HIS A 1 52  ? 5.904   -11.016 -8.263  1.00 25.61 ? 55  HIS A CE1 1 
ATOM   430  N NE2 . HIS A 1 52  ? 4.926   -11.901 -8.167  1.00 28.00 ? 55  HIS A NE2 1 
ATOM   431  N N   . LEU A 1 53  ? 0.723   -6.685  -7.268  1.00 17.26 ? 56  LEU A N   1 
ATOM   432  C CA  . LEU A 1 53  ? -0.170  -5.689  -6.681  1.00 17.62 ? 56  LEU A CA  1 
ATOM   433  C C   . LEU A 1 53  ? -1.528  -6.254  -6.257  1.00 19.73 ? 56  LEU A C   1 
ATOM   434  O O   . LEU A 1 53  ? -2.243  -5.612  -5.492  1.00 18.74 ? 56  LEU A O   1 
ATOM   435  C CB  . LEU A 1 53  ? -0.356  -4.483  -7.608  1.00 17.58 ? 56  LEU A CB  1 
ATOM   436  C CG  . LEU A 1 53  ? 0.766   -3.432  -7.556  1.00 15.16 ? 56  LEU A CG  1 
ATOM   437  C CD1 . LEU A 1 53  ? 0.646   -2.451  -8.698  1.00 20.62 ? 56  LEU A CD1 1 
ATOM   438  C CD2 . LEU A 1 53  ? 0.731   -2.671  -6.234  1.00 16.20 ? 56  LEU A CD2 1 
ATOM   439  N N   . GLN A 1 54  ? -1.889  -7.440  -6.747  1.00 18.18 ? 57  GLN A N   1 
ATOM   440  C CA  . GLN A 1 54  ? -3.089  -8.112  -6.246  1.00 21.28 ? 57  GLN A CA  1 
ATOM   441  C C   . GLN A 1 54  ? -3.018  -8.292  -4.728  1.00 21.75 ? 57  GLN A C   1 
ATOM   442  O O   . GLN A 1 54  ? -4.019  -8.154  -4.036  1.00 25.30 ? 57  GLN A O   1 
ATOM   443  C CB  . GLN A 1 54  ? -3.295  -9.470  -6.931  1.00 25.19 ? 57  GLN A CB  1 
ATOM   444  C CG  . GLN A 1 54  ? -4.471  -10.287 -6.364  1.00 31.57 ? 57  GLN A CG  1 
ATOM   445  C CD  . GLN A 1 54  ? -5.833  -9.708  -6.726  1.00 35.06 ? 57  GLN A CD  1 
ATOM   446  O OE1 . GLN A 1 54  ? -5.935  -8.784  -7.538  1.00 39.59 ? 57  GLN A OE1 1 
ATOM   447  N NE2 . GLN A 1 54  ? -6.890  -10.260 -6.131  1.00 38.75 ? 57  GLN A NE2 1 
ATOM   448  N N   . CYS A 1 55  ? -1.830  -8.584  -4.212  1.00 21.95 ? 58  CYS A N   1 
ATOM   449  C CA  . CYS A 1 55  ? -1.631  -8.713  -2.768  1.00 22.57 ? 58  CYS A CA  1 
ATOM   450  C C   . CYS A 1 55  ? -1.927  -7.411  -2.029  1.00 20.19 ? 58  CYS A C   1 
ATOM   451  O O   . CYS A 1 55  ? -2.238  -7.417  -0.835  1.00 18.54 ? 58  CYS A O   1 
ATOM   452  C CB  . CYS A 1 55  ? -0.201  -9.162  -2.461  1.00 22.79 ? 58  CYS A CB  1 
ATOM   453  S SG  . CYS A 1 55  ? 0.137   -10.882 -2.895  1.00 30.57 ? 58  CYS A SG  1 
ATOM   454  N N   . LEU A 1 56  ? -1.808  -6.283  -2.725  1.00 19.90 ? 59  LEU A N   1 
ATOM   455  C CA  . LEU A 1 56  ? -2.159  -5.004  -2.107  1.00 16.98 ? 59  LEU A CA  1 
ATOM   456  C C   . LEU A 1 56  ? -3.669  -4.755  -2.212  1.00 14.54 ? 59  LEU A C   1 
ATOM   457  O O   . LEU A 1 56  ? -4.323  -4.373  -1.242  1.00 17.30 ? 59  LEU A O   1 
ATOM   458  C CB  . LEU A 1 56  ? -1.362  -3.855  -2.743  1.00 17.46 ? 59  LEU A CB  1 
ATOM   459  C CG  . LEU A 1 56  ? -1.677  -2.435  -2.263  1.00 14.59 ? 59  LEU A CG  1 
ATOM   460  C CD1 . LEU A 1 56  ? -1.637  -2.327  -0.745  1.00 13.34 ? 59  LEU A CD1 1 
ATOM   461  C CD2 . LEU A 1 56  ? -0.712  -1.441  -2.907  1.00 14.17 ? 59  LEU A CD2 1 
ATOM   462  N N   . GLU A 1 57  ? -4.208  -4.982  -3.398  1.00 15.96 ? 60  GLU A N   1 
ATOM   463  C CA  . GLU A 1 57  ? -5.632  -4.786  -3.662  1.00 17.98 ? 60  GLU A CA  1 
ATOM   464  C C   . GLU A 1 57  ? -6.522  -5.430  -2.595  1.00 18.84 ? 60  GLU A C   1 
ATOM   465  O O   . GLU A 1 57  ? -7.445  -4.803  -2.075  1.00 17.96 ? 60  GLU A O   1 
ATOM   466  C CB  . GLU A 1 57  ? -5.964  -5.353  -5.044  1.00 21.91 ? 60  GLU A CB  1 
ATOM   467  C CG  . GLU A 1 57  ? -7.443  -5.485  -5.320  1.00 27.25 ? 60  GLU A CG  1 
ATOM   468  C CD  . GLU A 1 57  ? -8.117  -4.148  -5.516  1.00 29.35 ? 60  GLU A CD  1 
ATOM   469  O OE1 . GLU A 1 57  ? -7.419  -3.159  -5.830  1.00 27.62 ? 60  GLU A OE1 1 
ATOM   470  O OE2 . GLU A 1 57  ? -9.357  -4.088  -5.368  1.00 34.59 ? 60  GLU A OE2 1 
ATOM   471  N N   . GLU A 1 58  ? -6.205  -6.669  -2.242  1.00 18.44 ? 61  GLU A N   1 
ATOM   472  C CA  . GLU A 1 58  ? -6.993  -7.423  -1.271  1.00 23.51 ? 61  GLU A CA  1 
ATOM   473  C C   . GLU A 1 58  ? -6.948  -6.837  0.143   1.00 23.16 ? 61  GLU A C   1 
ATOM   474  O O   . GLU A 1 58  ? -7.802  -7.152  0.979   1.00 22.33 ? 61  GLU A O   1 
ATOM   475  C CB  . GLU A 1 58  ? -6.555  -8.895  -1.286  1.00 22.70 ? 61  GLU A CB  1 
ATOM   476  C CG  . GLU A 1 58  ? -6.738  -9.523  -2.665  1.00 29.35 ? 61  GLU A CG  1 
ATOM   477  C CD  . GLU A 1 58  ? -6.401  -11.003 -2.721  1.00 34.52 ? 61  GLU A CD  1 
ATOM   478  O OE1 . GLU A 1 58  ? -5.975  -11.561 -1.692  1.00 34.16 ? 61  GLU A OE1 1 
ATOM   479  O OE2 . GLU A 1 58  ? -6.567  -11.609 -3.806  1.00 36.74 ? 61  GLU A OE2 1 
ATOM   480  N N   . GLU A 1 59  ? -5.976  -5.967  0.408   1.00 16.68 ? 62  GLU A N   1 
ATOM   481  C CA  . GLU A 1 59  ? -5.889  -5.312  1.709   1.00 15.76 ? 62  GLU A CA  1 
ATOM   482  C C   . GLU A 1 59  ? -6.318  -3.836  1.703   1.00 17.27 ? 62  GLU A C   1 
ATOM   483  O O   . GLU A 1 59  ? -6.223  -3.162  2.730   1.00 14.86 ? 62  GLU A O   1 
ATOM   484  C CB  . GLU A 1 59  ? -4.464  -5.417  2.269   1.00 19.61 ? 62  GLU A CB  1 
ATOM   485  C CG  . GLU A 1 59  ? -4.045  -6.808  2.724   1.00 16.99 ? 62  GLU A CG  1 
ATOM   486  C CD  . GLU A 1 59  ? -4.699  -7.220  4.049   1.00 23.58 ? 62  GLU A CD  1 
ATOM   487  O OE1 . GLU A 1 59  ? -5.096  -6.340  4.840   1.00 20.18 ? 62  GLU A OE1 1 
ATOM   488  O OE2 . GLU A 1 59  ? -4.809  -8.432  4.298   1.00 26.19 ? 62  GLU A OE2 1 
ATOM   489  N N   . LEU A 1 60  ? -6.776  -3.320  0.560   1.00 16.83 ? 63  LEU A N   1 
ATOM   490  C CA  . LEU A 1 60  ? -7.167  -1.911  0.498   1.00 18.15 ? 63  LEU A CA  1 
ATOM   491  C C   . LEU A 1 60  ? -8.450  -1.619  1.289   1.00 15.99 ? 63  LEU A C   1 
ATOM   492  O O   . LEU A 1 60  ? -8.575  -0.584  1.950   1.00 16.33 ? 63  LEU A O   1 
ATOM   493  C CB  . LEU A 1 60  ? -7.320  -1.445  -0.949  1.00 16.42 ? 63  LEU A CB  1 
ATOM   494  C CG  . LEU A 1 60  ? -6.002  -1.287  -1.710  1.00 17.63 ? 63  LEU A CG  1 
ATOM   495  C CD1 . LEU A 1 60  ? -6.270  -0.752  -3.129  1.00 17.01 ? 63  LEU A CD1 1 
ATOM   496  C CD2 . LEU A 1 60  ? -5.070  -0.366  -0.941  1.00 16.91 ? 63  LEU A CD2 1 
ATOM   497  N N   . LYS A 1 61  ? -9.418  -2.514  1.208   1.00 16.76 ? 64  LYS A N   1 
ATOM   498  C CA  . LYS A 1 61  ? -10.622 -2.308  2.015   1.00 21.77 ? 64  LYS A CA  1 
ATOM   499  C C   . LYS A 1 61  ? -10.325 -2.357  3.533   1.00 17.46 ? 64  LYS A C   1 
ATOM   500  O O   . LYS A 1 61  ? -10.696 -1.426  4.263   1.00 19.40 ? 64  LYS A O   1 
ATOM   501  C CB  . LYS A 1 61  ? -11.768 -3.225  1.569   1.00 24.54 ? 64  LYS A CB  1 
ATOM   502  C CG  . LYS A 1 61  ? -12.263 -2.910  0.154   1.00 26.46 ? 64  LYS A CG  1 
ATOM   503  C CD  . LYS A 1 61  ? -13.412 -3.815  -0.284  1.00 33.58 ? 64  LYS A CD  1 
ATOM   504  C CE  . LYS A 1 61  ? -14.717 -3.419  0.379   1.00 36.09 ? 64  LYS A CE  1 
ATOM   505  N NZ  . LYS A 1 61  ? -15.151 -2.042  -0.004  1.00 45.32 ? 64  LYS A NZ  1 
ATOM   506  N N   . PRO A 1 62  ? -9.607  -3.394  4.005   1.00 19.88 ? 65  PRO A N   1 
ATOM   507  C CA  . PRO A 1 62  ? -9.207  -3.364  5.419   1.00 18.27 ? 65  PRO A CA  1 
ATOM   508  C C   . PRO A 1 62  ? -8.451  -2.097  5.785   1.00 19.36 ? 65  PRO A C   1 
ATOM   509  O O   . PRO A 1 62  ? -8.708  -1.534  6.851   1.00 20.25 ? 65  PRO A O   1 
ATOM   510  C CB  . PRO A 1 62  ? -8.282  -4.576  5.539   1.00 21.48 ? 65  PRO A CB  1 
ATOM   511  C CG  . PRO A 1 62  ? -8.786  -5.524  4.511   1.00 19.59 ? 65  PRO A CG  1 
ATOM   512  C CD  . PRO A 1 62  ? -9.216  -4.664  3.360   1.00 19.70 ? 65  PRO A CD  1 
ATOM   513  N N   . LEU A 1 63  ? -7.545  -1.647  4.913   1.00 17.95 ? 66  LEU A N   1 
ATOM   514  C CA  . LEU A 1 63  ? -6.760  -0.462  5.196   1.00 15.66 ? 66  LEU A CA  1 
ATOM   515  C C   . LEU A 1 63  ? -7.684  0.733   5.391   1.00 18.81 ? 66  LEU A C   1 
ATOM   516  O O   . LEU A 1 63  ? -7.578  1.444   6.383   1.00 18.65 ? 66  LEU A O   1 
ATOM   517  C CB  . LEU A 1 63  ? -5.759  -0.167  4.061   1.00 17.01 ? 66  LEU A CB  1 
ATOM   518  C CG  . LEU A 1 63  ? -4.954  1.142   4.139   1.00 16.95 ? 66  LEU A CG  1 
ATOM   519  C CD1 . LEU A 1 63  ? -4.033  1.200   5.372   1.00 15.84 ? 66  LEU A CD1 1 
ATOM   520  C CD2 . LEU A 1 63  ? -4.152  1.390   2.835   1.00 13.40 ? 66  LEU A CD2 1 
ATOM   521  N N   . GLU A 1 64  ? -8.582  0.957   4.438   1.00 18.14 ? 67  GLU A N   1 
ATOM   522  C CA  . GLU A 1 64  ? -9.458  2.126   4.508   1.00 20.87 ? 67  GLU A CA  1 
ATOM   523  C C   . GLU A 1 64  ? -10.448 2.042   5.667   1.00 24.18 ? 67  GLU A C   1 
ATOM   524  O O   . GLU A 1 64  ? -10.824 3.063   6.254   1.00 22.61 ? 67  GLU A O   1 
ATOM   525  C CB  . GLU A 1 64  ? -10.233 2.319   3.207   1.00 28.57 ? 67  GLU A CB  1 
ATOM   526  C CG  . GLU A 1 64  ? -10.627 3.780   3.004   1.00 37.20 ? 67  GLU A CG  1 
ATOM   527  C CD  . GLU A 1 64  ? -12.064 3.982   2.569   1.00 40.78 ? 67  GLU A CD  1 
ATOM   528  O OE1 . GLU A 1 64  ? -12.591 5.096   2.813   1.00 40.89 ? 67  GLU A OE1 1 
ATOM   529  O OE2 . GLU A 1 64  ? -12.658 3.046   1.980   1.00 43.66 ? 67  GLU A OE2 1 
ATOM   530  N N   . GLU A 1 65  ? -10.877 0.825   5.978   1.00 19.49 ? 68  GLU A N   1 
ATOM   531  C CA  . GLU A 1 65  ? -11.833 0.610   7.056   1.00 23.42 ? 68  GLU A CA  1 
ATOM   532  C C   . GLU A 1 65  ? -11.208 0.916   8.413   1.00 21.08 ? 68  GLU A C   1 
ATOM   533  O O   . GLU A 1 65  ? -11.838 1.535   9.265   1.00 21.68 ? 68  GLU A O   1 
ATOM   534  C CB  . GLU A 1 65  ? -12.376 -0.813  7.006   1.00 21.27 ? 68  GLU A CB  1 
ATOM   535  C CG  . GLU A 1 65  ? -13.385 -1.021  5.879   1.00 27.10 ? 68  GLU A CG  1 
ATOM   536  C CD  . GLU A 1 65  ? -13.626 -2.477  5.555   1.00 25.30 ? 68  GLU A CD  1 
ATOM   537  O OE1 . GLU A 1 65  ? -13.031 -3.348  6.217   1.00 28.68 ? 68  GLU A OE1 1 
ATOM   538  O OE2 . GLU A 1 65  ? -14.411 -2.752  4.623   1.00 37.28 ? 68  GLU A OE2 1 
ATOM   539  N N   . VAL A 1 66  ? -9.959  0.514   8.609   1.00 20.94 ? 69  VAL A N   1 
ATOM   540  C CA  . VAL A 1 66  ? -9.293  0.813   9.868   1.00 16.33 ? 69  VAL A CA  1 
ATOM   541  C C   . VAL A 1 66  ? -8.969  2.304   9.997   1.00 21.98 ? 69  VAL A C   1 
ATOM   542  O O   . VAL A 1 66  ? -9.068  2.876   11.090  1.00 19.97 ? 69  VAL A O   1 
ATOM   543  C CB  . VAL A 1 66  ? -8.049  -0.100  10.106  1.00 23.07 ? 69  VAL A CB  1 
ATOM   544  C CG1 . VAL A 1 66  ? -6.890  0.310   9.235   1.00 19.61 ? 69  VAL A CG1 1 
ATOM   545  C CG2 . VAL A 1 66  ? -7.646  -0.081  11.575  1.00 24.83 ? 69  VAL A CG2 1 
ATOM   546  N N   . LEU A 1 67  ? -8.613  2.946   8.883   1.00 18.83 ? 70  LEU A N   1 
ATOM   547  C CA  . LEU A 1 67  ? -8.375  4.389   8.896   1.00 19.82 ? 70  LEU A CA  1 
ATOM   548  C C   . LEU A 1 67  ? -9.645  5.141   9.273   1.00 23.53 ? 70  LEU A C   1 
ATOM   549  O O   . LEU A 1 67  ? -9.591  6.084   10.059  1.00 22.01 ? 70  LEU A O   1 
ATOM   550  C CB  . LEU A 1 67  ? -7.857  4.871   7.546   1.00 19.31 ? 70  LEU A CB  1 
ATOM   551  C CG  . LEU A 1 67  ? -6.461  4.360   7.218   1.00 18.19 ? 70  LEU A CG  1 
ATOM   552  C CD1 . LEU A 1 67  ? -6.078  4.704   5.788   1.00 22.15 ? 70  LEU A CD1 1 
ATOM   553  C CD2 . LEU A 1 67  ? -5.454  4.935   8.201   1.00 21.35 ? 70  LEU A CD2 1 
ATOM   554  N N   . ASN A 1 68  ? -10.778 4.730   8.703   1.00 19.51 ? 71  ASN A N   1 
ATOM   555  C CA  . ASN A 1 68  ? -12.072 5.312   9.057   1.00 21.53 ? 71  ASN A CA  1 
ATOM   556  C C   . ASN A 1 68  ? -12.410 5.098   10.531  1.00 23.19 ? 71  ASN A C   1 
ATOM   557  O O   . ASN A 1 68  ? -12.901 6.008   11.202  1.00 23.36 ? 71  ASN A O   1 
ATOM   558  C CB  . ASN A 1 68  ? -13.195 4.731   8.198   1.00 22.47 ? 71  ASN A CB  1 
ATOM   559  C CG  . ASN A 1 68  ? -13.320 5.421   6.861   1.00 28.09 ? 71  ASN A CG  1 
ATOM   560  O OD1 . ASN A 1 68  ? -12.895 6.564   6.699   1.00 30.38 ? 71  ASN A OD1 1 
ATOM   561  N ND2 . ASN A 1 68  ? -13.914 4.734   5.893   1.00 33.09 ? 71  ASN A ND2 1 
ATOM   562  N N   . LEU A 1 69  ? -12.155 3.893   11.031  1.00 20.89 ? 72  LEU A N   1 
ATOM   563  C CA  . LEU A 1 69  ? -12.417 3.595   12.437  1.00 23.87 ? 72  LEU A CA  1 
ATOM   564  C C   . LEU A 1 69  ? -11.517 4.442   13.333  1.00 24.26 ? 72  LEU A C   1 
ATOM   565  O O   . LEU A 1 69  ? -11.923 4.848   14.422  1.00 23.04 ? 72  LEU A O   1 
ATOM   566  C CB  . LEU A 1 69  ? -12.249 2.096   12.740  1.00 22.58 ? 72  LEU A CB  1 
ATOM   567  C CG  . LEU A 1 69  ? -13.307 1.164   12.154  1.00 19.06 ? 72  LEU A CG  1 
ATOM   568  C CD1 . LEU A 1 69  ? -12.919 -0.286  12.374  1.00 18.09 ? 72  LEU A CD1 1 
ATOM   569  C CD2 . LEU A 1 69  ? -14.679 1.468   12.788  1.00 20.23 ? 72  LEU A CD2 1 
ATOM   570  N N   . ALA A 1 70  ? -10.315 4.738   12.846  1.00 25.94 ? 73  ALA A N   1 
ATOM   571  C CA  . ALA A 1 70  ? -9.327  5.500   13.611  1.00 26.96 ? 73  ALA A CA  1 
ATOM   572  C C   . ALA A 1 70  ? -9.734  6.959   13.827  1.00 29.28 ? 73  ALA A C   1 
ATOM   573  O O   . ALA A 1 70  ? -9.296  7.600   14.789  1.00 34.13 ? 73  ALA A O   1 
ATOM   574  C CB  . ALA A 1 70  ? -7.958  5.417   12.941  1.00 25.14 ? 73  ALA A CB  1 
ATOM   575  N N   . GLN A 1 71  ? -10.567 7.480   12.933  1.00 30.12 ? 74  GLN A N   1 
ATOM   576  C CA  . GLN A 1 71  ? -11.049 8.856   13.043  1.00 34.06 ? 74  GLN A CA  1 
ATOM   577  C C   . GLN A 1 71  ? -12.438 8.914   13.673  1.00 37.15 ? 74  GLN A C   1 
ATOM   578  O O   . GLN A 1 71  ? -13.047 9.978   13.721  1.00 44.47 ? 74  GLN A O   1 
ATOM   579  C CB  . GLN A 1 71  ? -11.116 9.507   11.665  1.00 36.72 ? 74  GLN A CB  1 
ATOM   580  C CG  . GLN A 1 71  ? -9.831  9.416   10.860  1.00 40.99 ? 74  GLN A CG  1 
ATOM   581  C CD  . GLN A 1 71  ? -9.971  10.032  9.480   1.00 44.29 ? 74  GLN A CD  1 
ATOM   582  O OE1 . GLN A 1 71  ? -9.560  9.442   8.479   1.00 47.98 ? 74  GLN A OE1 1 
ATOM   583  N NE2 . GLN A 1 71  ? -10.549 11.228  9.420   1.00 46.30 ? 74  GLN A NE2 1 
ATOM   584  N N   . SER A 1 72  ? -12.928 7.767   14.142  1.00 41.27 ? 75  SER A N   1 
ATOM   585  C CA  . SER A 1 72  ? -14.286 7.631   14.684  1.00 38.43 ? 75  SER A CA  1 
ATOM   586  C C   . SER A 1 72  ? -15.356 8.030   13.665  1.00 43.44 ? 75  SER A C   1 
ATOM   587  O O   . SER A 1 72  ? -15.254 7.697   12.479  1.00 38.97 ? 75  SER A O   1 
ATOM   588  C CB  . SER A 1 72  ? -14.447 8.436   15.979  1.00 41.69 ? 75  SER A CB  1 
ATOM   589  O OG  . SER A 1 72  ? -13.403 8.138   16.893  1.00 43.40 ? 75  SER A OG  1 
ATOM   590  N N   . ASP A 1 81  ? -9.908  9.532   0.440   1.00 41.45 ? 84  ASP A N   1 
ATOM   591  C CA  . ASP A 1 81  ? -9.553  10.349  -0.719  1.00 37.18 ? 84  ASP A CA  1 
ATOM   592  C C   . ASP A 1 81  ? -8.181  9.976   -1.287  1.00 41.77 ? 84  ASP A C   1 
ATOM   593  O O   . ASP A 1 81  ? -7.950  10.023  -2.509  1.00 40.00 ? 84  ASP A O   1 
ATOM   594  C CB  . ASP A 1 81  ? -9.574  11.830  -0.351  1.00 42.07 ? 84  ASP A CB  1 
ATOM   595  C CG  . ASP A 1 81  ? -9.302  12.727  -1.543  1.00 53.10 ? 84  ASP A CG  1 
ATOM   596  O OD1 . ASP A 1 81  ? -8.794  13.857  -1.342  1.00 56.47 ? 84  ASP A OD1 1 
ATOM   597  O OD2 . ASP A 1 81  ? -9.589  12.299  -2.686  1.00 55.05 ? 84  ASP A OD2 1 
ATOM   598  N N   . LEU A 1 82  ? -7.262  9.639   -0.391  1.00 35.53 ? 85  LEU A N   1 
ATOM   599  C CA  . LEU A 1 82  ? -5.988  9.085   -0.792  1.00 31.82 ? 85  LEU A CA  1 
ATOM   600  C C   . LEU A 1 82  ? -6.222  7.628   -1.127  1.00 29.99 ? 85  LEU A C   1 
ATOM   601  O O   . LEU A 1 82  ? -5.641  7.101   -2.068  1.00 28.25 ? 85  LEU A O   1 
ATOM   602  C CB  . LEU A 1 82  ? -4.970  9.199   0.343   1.00 34.19 ? 85  LEU A CB  1 
ATOM   603  C CG  . LEU A 1 82  ? -3.879  10.260  0.187   1.00 31.40 ? 85  LEU A CG  1 
ATOM   604  C CD1 . LEU A 1 82  ? -4.418  11.486  -0.554  1.00 39.35 ? 85  LEU A CD1 1 
ATOM   605  C CD2 . LEU A 1 82  ? -3.308  10.653  1.548   1.00 31.95 ? 85  LEU A CD2 1 
ATOM   606  N N   . ILE A 1 83  ? -7.081  6.974   -0.355  1.00 32.45 ? 86  ILE A N   1 
ATOM   607  C CA  . ILE A 1 83  ? -7.378  5.575   -0.623  1.00 32.04 ? 86  ILE A CA  1 
ATOM   608  C C   . ILE A 1 83  ? -8.071  5.447   -1.971  1.00 30.85 ? 86  ILE A C   1 
ATOM   609  O O   . ILE A 1 83  ? -7.867  4.466   -2.687  1.00 28.88 ? 86  ILE A O   1 
ATOM   610  C CB  . ILE A 1 83  ? -8.243  4.933   0.475   1.00 32.39 ? 86  ILE A CB  1 
ATOM   611  C CG1 . ILE A 1 83  ? -7.559  5.079   1.833   1.00 34.32 ? 86  ILE A CG1 1 
ATOM   612  C CG2 . ILE A 1 83  ? -8.482  3.448   0.169   1.00 30.59 ? 86  ILE A CG2 1 
ATOM   613  C CD1 . ILE A 1 83  ? -6.444  4.084   2.057   1.00 28.69 ? 86  ILE A CD1 1 
ATOM   614  N N   . SER A 1 84  ? -8.881  6.439   -2.328  1.00 30.43 ? 87  SER A N   1 
ATOM   615  C CA  . SER A 1 84  ? -9.552  6.381   -3.621  1.00 32.08 ? 87  SER A CA  1 
ATOM   616  C C   . SER A 1 84  ? -8.530  6.491   -4.745  1.00 22.16 ? 87  SER A C   1 
ATOM   617  O O   . SER A 1 84  ? -8.607  5.741   -5.708  1.00 19.98 ? 87  SER A O   1 
ATOM   618  C CB  . SER A 1 84  ? -10.642 7.440   -3.750  1.00 30.03 ? 87  SER A CB  1 
ATOM   619  O OG  . SER A 1 84  ? -10.112 8.735   -3.605  1.00 31.96 ? 87  SER A OG  1 
ATOM   620  N N   . ASN A 1 85  ? -7.561  7.400   -4.610  1.00 22.06 ? 88  ASN A N   1 
ATOM   621  C CA  . ASN A 1 85  ? -6.466  7.482   -5.575  1.00 21.30 ? 88  ASN A CA  1 
ATOM   622  C C   . ASN A 1 85  ? -5.769  6.135   -5.713  1.00 18.97 ? 88  ASN A C   1 
ATOM   623  O O   . ASN A 1 85  ? -5.547  5.637   -6.814  1.00 15.61 ? 88  ASN A O   1 
ATOM   624  C CB  . ASN A 1 85  ? -5.426  8.521   -5.144  1.00 24.89 ? 88  ASN A CB  1 
ATOM   625  C CG  . ASN A 1 85  ? -4.981  9.399   -6.284  1.00 29.59 ? 88  ASN A CG  1 
ATOM   626  O OD1 . ASN A 1 85  ? -5.801  9.801   -7.106  1.00 29.47 ? 88  ASN A OD1 1 
ATOM   627  N ND2 . ASN A 1 85  ? -3.676  9.715   -6.343  1.00 26.33 ? 88  ASN A ND2 1 
ATOM   628  N N   . ILE A 1 86  ? -5.402  5.562   -4.573  1.00 16.61 ? 89  ILE A N   1 
ATOM   629  C CA  . ILE A 1 86  ? -4.702  4.281   -4.543  1.00 16.25 ? 89  ILE A CA  1 
ATOM   630  C C   . ILE A 1 86  ? -5.542  3.173   -5.190  1.00 18.24 ? 89  ILE A C   1 
ATOM   631  O O   . ILE A 1 86  ? -5.023  2.353   -5.940  1.00 17.39 ? 89  ILE A O   1 
ATOM   632  C CB  . ILE A 1 86  ? -4.301  3.917   -3.101  1.00 19.79 ? 89  ILE A CB  1 
ATOM   633  C CG1 . ILE A 1 86  ? -3.263  4.925   -2.581  1.00 13.91 ? 89  ILE A CG1 1 
ATOM   634  C CG2 . ILE A 1 86  ? -3.762  2.486   -3.014  1.00 13.36 ? 89  ILE A CG2 1 
ATOM   635  C CD1 . ILE A 1 86  ? -2.940  4.743   -1.100  1.00 19.05 ? 89  ILE A CD1 1 
ATOM   636  N N   . ASN A 1 87  ? -6.844  3.186   -4.930  1.00 16.23 ? 90  ASN A N   1 
ATOM   637  C CA  . ASN A 1 87  ? -7.752  2.176   -5.487  1.00 19.51 ? 90  ASN A CA  1 
ATOM   638  C C   . ASN A 1 87  ? -7.706  2.127   -7.019  1.00 17.08 ? 90  ASN A C   1 
ATOM   639  O O   . ASN A 1 87  ? -7.561  1.064   -7.615  1.00 16.39 ? 90  ASN A O   1 
ATOM   640  C CB  . ASN A 1 87  ? -9.190  2.453   -5.039  1.00 18.01 ? 90  ASN A CB  1 
ATOM   641  C CG  . ASN A 1 87  ? -9.447  2.078   -3.581  1.00 29.67 ? 90  ASN A CG  1 
ATOM   642  O OD1 . ASN A 1 87  ? -8.961  1.060   -3.089  1.00 32.56 ? 90  ASN A OD1 1 
ATOM   643  N ND2 . ASN A 1 87  ? -10.251 2.891   -2.897  1.00 30.41 ? 90  ASN A ND2 1 
ATOM   644  N N   . VAL A 1 88  ? -7.857  3.285   -7.645  1.00 14.31 ? 91  VAL A N   1 
ATOM   645  C CA  . VAL A 1 88  ? -7.792  3.388   -9.102  1.00 14.46 ? 91  VAL A CA  1 
ATOM   646  C C   . VAL A 1 88  ? -6.432  2.942   -9.595  1.00 13.08 ? 91  VAL A C   1 
ATOM   647  O O   . VAL A 1 88  ? -6.326  2.152   -10.512 1.00 14.40 ? 91  VAL A O   1 
ATOM   648  C CB  . VAL A 1 88  ? -8.033  4.827   -9.563  1.00 16.50 ? 91  VAL A CB  1 
ATOM   649  C CG1 . VAL A 1 88  ? -7.763  4.970   -11.076 1.00 16.45 ? 91  VAL A CG1 1 
ATOM   650  C CG2 . VAL A 1 88  ? -9.437  5.261   -9.212  1.00 15.36 ? 91  VAL A CG2 1 
ATOM   651  N N   . ILE A 1 89  ? -5.381  3.456   -8.968  1.00 14.03 ? 92  ILE A N   1 
ATOM   652  C CA  . ILE A 1 89  ? -4.026  3.147   -9.408  1.00 15.08 ? 92  ILE A CA  1 
ATOM   653  C C   . ILE A 1 89  ? -3.695  1.656   -9.353  1.00 16.64 ? 92  ILE A C   1 
ATOM   654  O O   . ILE A 1 89  ? -3.243  1.079   -10.339 1.00 20.29 ? 92  ILE A O   1 
ATOM   655  C CB  . ILE A 1 89  ? -2.985  3.955   -8.606  1.00 15.06 ? 92  ILE A CB  1 
ATOM   656  C CG1 . ILE A 1 89  ? -3.131  5.453   -8.908  1.00 17.58 ? 92  ILE A CG1 1 
ATOM   657  C CG2 . ILE A 1 89  ? -1.578  3.516   -8.973  1.00 20.57 ? 92  ILE A CG2 1 
ATOM   658  C CD1 . ILE A 1 89  ? -2.345  6.339   -7.943  1.00 17.83 ? 92  ILE A CD1 1 
ATOM   659  N N   . VAL A 1 90  ? -3.935  1.032   -8.202  1.00 16.38 ? 93  VAL A N   1 
ATOM   660  C CA  . VAL A 1 90  ? -3.614  -0.377  -8.014  1.00 14.95 ? 93  VAL A CA  1 
ATOM   661  C C   . VAL A 1 90  ? -4.417  -1.228  -8.995  1.00 19.45 ? 93  VAL A C   1 
ATOM   662  O O   . VAL A 1 90  ? -3.877  -2.142  -9.620  1.00 22.67 ? 93  VAL A O   1 
ATOM   663  C CB  . VAL A 1 90  ? -3.912  -0.829  -6.568  1.00 19.44 ? 93  VAL A CB  1 
ATOM   664  C CG1 . VAL A 1 90  ? -3.859  -2.357  -6.445  1.00 19.47 ? 93  VAL A CG1 1 
ATOM   665  C CG2 . VAL A 1 90  ? -2.939  -0.168  -5.599  1.00 18.04 ? 93  VAL A CG2 1 
ATOM   666  N N   . LEU A 1 91  ? -5.697  -0.905  -9.144  1.00 17.41 ? 94  LEU A N   1 
ATOM   667  C CA  . LEU A 1 91  ? -6.559  -1.584  -10.110 1.00 20.57 ? 94  LEU A CA  1 
ATOM   668  C C   . LEU A 1 91  ? -5.986  -1.557  -11.512 1.00 23.72 ? 94  LEU A C   1 
ATOM   669  O O   . LEU A 1 91  ? -5.918  -2.591  -12.186 1.00 26.32 ? 94  LEU A O   1 
ATOM   670  C CB  . LEU A 1 91  ? -7.948  -0.944  -10.140 1.00 19.80 ? 94  LEU A CB  1 
ATOM   671  C CG  . LEU A 1 91  ? -9.007  -1.605  -9.259  1.00 27.28 ? 94  LEU A CG  1 
ATOM   672  C CD1 . LEU A 1 91  ? -10.340 -0.885  -9.384  1.00 24.49 ? 94  LEU A CD1 1 
ATOM   673  C CD2 . LEU A 1 91  ? -9.151  -3.083  -9.612  1.00 32.30 ? 94  LEU A CD2 1 
ATOM   674  N N   . GLU A 1 92  ? -5.586  -0.368  -11.954 1.00 19.97 ? 95  GLU A N   1 
ATOM   675  C CA  . GLU A 1 92  ? -5.072  -0.207  -13.305 1.00 22.27 ? 95  GLU A CA  1 
ATOM   676  C C   . GLU A 1 92  ? -3.661  -0.766  -13.479 1.00 23.69 ? 95  GLU A C   1 
ATOM   677  O O   . GLU A 1 92  ? -3.342  -1.314  -14.528 1.00 28.12 ? 95  GLU A O   1 
ATOM   678  C CB  . GLU A 1 92  ? -5.136  1.252   -13.745 1.00 19.64 ? 95  GLU A CB  1 
ATOM   679  C CG  . GLU A 1 92  ? -6.544  1.847   -13.694 1.00 20.46 ? 95  GLU A CG  1 
ATOM   680  C CD  . GLU A 1 92  ? -6.632  3.169   -14.394 1.00 20.46 ? 95  GLU A CD  1 
ATOM   681  O OE1 . GLU A 1 92  ? -5.586  3.630   -14.889 1.00 24.32 ? 95  GLU A OE1 1 
ATOM   682  O OE2 . GLU A 1 92  ? -7.736  3.758   -14.452 1.00 18.80 ? 95  GLU A OE2 1 
ATOM   683  N N   . LEU A 1 93  ? -2.814  -0.646  -12.462 1.00 21.09 ? 96  LEU A N   1 
ATOM   684  C CA  . LEU A 1 93  ? -1.453  -1.151  -12.598 1.00 20.31 ? 96  LEU A CA  1 
ATOM   685  C C   . LEU A 1 93  ? -1.410  -2.670  -12.613 1.00 23.52 ? 96  LEU A C   1 
ATOM   686  O O   . LEU A 1 93  ? -0.603  -3.253  -13.332 1.00 26.82 ? 96  LEU A O   1 
ATOM   687  C CB  . LEU A 1 93  ? -0.537  -0.619  -11.495 1.00 19.74 ? 96  LEU A CB  1 
ATOM   688  C CG  . LEU A 1 93  ? -0.067  0.835   -11.615 1.00 21.19 ? 96  LEU A CG  1 
ATOM   689  C CD1 . LEU A 1 93  ? 0.672   1.210   -10.358 1.00 22.73 ? 96  LEU A CD1 1 
ATOM   690  C CD2 . LEU A 1 93  ? 0.819   1.014   -12.825 1.00 22.81 ? 96  LEU A CD2 1 
ATOM   691  N N   . LYS A 1 94  ? -2.266  -3.316  -11.825 1.00 20.73 ? 97  LYS A N   1 
ATOM   692  C CA  . LYS A 1 94  ? -2.191  -4.774  -11.700 1.00 24.57 ? 97  LYS A CA  1 
ATOM   693  C C   . LYS A 1 94  ? -2.712  -5.514  -12.939 1.00 29.87 ? 97  LYS A C   1 
ATOM   694  O O   . LYS A 1 94  ? -2.370  -6.674  -13.159 1.00 31.17 ? 97  LYS A O   1 
ATOM   695  C CB  . LYS A 1 94  ? -2.902  -5.273  -10.438 1.00 24.61 ? 97  LYS A CB  1 
ATOM   696  C CG  . LYS A 1 94  ? -4.409  -5.375  -10.549 1.00 29.58 ? 97  LYS A CG  1 
ATOM   697  C CD  . LYS A 1 94  ? -5.014  -5.794  -9.216  1.00 29.73 ? 97  LYS A CD  1 
ATOM   698  C CE  . LYS A 1 94  ? -6.466  -6.221  -9.372  1.00 36.03 ? 97  LYS A CE  1 
ATOM   699  N NZ  . LYS A 1 94  ? -6.585  -7.433  -10.230 1.00 35.17 ? 97  LYS A NZ  1 
ATOM   700  N N   . GLY A 1 95  ? -3.535  -4.842  -13.740 1.00 29.25 ? 98  GLY A N   1 
ATOM   701  C CA  . GLY A 1 95  ? -4.118  -5.461  -14.921 1.00 31.31 ? 98  GLY A CA  1 
ATOM   702  C C   . GLY A 1 95  ? -4.995  -6.651  -14.567 1.00 32.17 ? 98  GLY A C   1 
ATOM   703  O O   . GLY A 1 95  ? -5.964  -6.952  -15.269 1.00 38.55 ? 98  GLY A O   1 
ATOM   704  N N   . PHE A 1 100 ? -3.700  -14.462 -12.144 1.00 54.83 ? 103 PHE A N   1 
ATOM   705  C CA  . PHE A 1 100 ? -2.670  -14.582 -11.112 1.00 49.67 ? 103 PHE A CA  1 
ATOM   706  C C   . PHE A 1 100 ? -3.257  -14.768 -9.710  1.00 49.48 ? 103 PHE A C   1 
ATOM   707  O O   . PHE A 1 100 ? -4.289  -14.190 -9.370  1.00 51.89 ? 103 PHE A O   1 
ATOM   708  C CB  . PHE A 1 100 ? -1.744  -13.365 -11.135 1.00 46.11 ? 103 PHE A CB  1 
ATOM   709  C CG  . PHE A 1 100 ? -0.662  -13.410 -10.095 1.00 42.42 ? 103 PHE A CG  1 
ATOM   710  C CD1 . PHE A 1 100 ? 0.399   -14.294 -10.216 1.00 41.65 ? 103 PHE A CD1 1 
ATOM   711  C CD2 . PHE A 1 100 ? -0.703  -12.564 -8.997  1.00 40.72 ? 103 PHE A CD2 1 
ATOM   712  C CE1 . PHE A 1 100 ? 1.395   -14.339 -9.257  1.00 40.71 ? 103 PHE A CE1 1 
ATOM   713  C CE2 . PHE A 1 100 ? 0.290   -12.599 -8.034  1.00 35.13 ? 103 PHE A CE2 1 
ATOM   714  C CZ  . PHE A 1 100 ? 1.340   -13.490 -8.163  1.00 40.34 ? 103 PHE A CZ  1 
ATOM   715  N N   . MET A 1 101 ? -2.581  -15.575 -8.899  1.00 49.91 ? 104 MET A N   1 
ATOM   716  C CA  . MET A 1 101 ? -3.045  -15.877 -7.547  1.00 51.11 ? 104 MET A CA  1 
ATOM   717  C C   . MET A 1 101 ? -2.043  -15.384 -6.499  1.00 46.51 ? 104 MET A C   1 
ATOM   718  O O   . MET A 1 101 ? -0.902  -15.850 -6.450  1.00 41.15 ? 104 MET A O   1 
ATOM   719  C CB  . MET A 1 101 ? -3.268  -17.386 -7.397  1.00 53.15 ? 104 MET A CB  1 
ATOM   720  C CG  . MET A 1 101 ? -4.242  -17.778 -6.298  1.00 62.04 ? 104 MET A CG  1 
ATOM   721  S SD  . MET A 1 101 ? -5.966  -17.653 -6.826  1.00 78.04 ? 104 MET A SD  1 
ATOM   722  C CE  . MET A 1 101 ? -6.819  -17.867 -5.263  1.00 65.69 ? 104 MET A CE  1 
ATOM   723  N N   . CYS A 1 102 ? -2.474  -14.448 -5.656  1.00 44.62 ? 105 CYS A N   1 
ATOM   724  C CA  . CYS A 1 102 ? -1.587  -13.809 -4.680  1.00 42.60 ? 105 CYS A CA  1 
ATOM   725  C C   . CYS A 1 102 ? -1.101  -14.741 -3.569  1.00 38.63 ? 105 CYS A C   1 
ATOM   726  O O   . CYS A 1 102 ? -1.897  -15.300 -2.821  1.00 40.34 ? 105 CYS A O   1 
ATOM   727  C CB  . CYS A 1 102 ? -2.272  -12.587 -4.060  1.00 38.76 ? 105 CYS A CB  1 
ATOM   728  S SG  . CYS A 1 102 ? -1.500  -12.013 -2.518  1.00 53.67 ? 105 CYS A SG  1 
ATOM   729  N N   . GLU A 1 103 ? 0.215   -14.891 -3.459  1.00 37.99 ? 106 GLU A N   1 
ATOM   730  C CA  . GLU A 1 103 ? 0.808   -15.669 -2.374  1.00 42.17 ? 106 GLU A CA  1 
ATOM   731  C C   . GLU A 1 103 ? 1.058   -14.803 -1.144  1.00 35.78 ? 106 GLU A C   1 
ATOM   732  O O   . GLU A 1 103 ? 1.740   -13.787 -1.235  1.00 33.09 ? 106 GLU A O   1 
ATOM   733  C CB  . GLU A 1 103 ? 2.145   -16.266 -2.815  1.00 41.69 ? 106 GLU A CB  1 
ATOM   734  C CG  . GLU A 1 103 ? 2.052   -17.411 -3.798  1.00 46.88 ? 106 GLU A CG  1 
ATOM   735  C CD  . GLU A 1 103 ? 3.400   -18.079 -4.018  1.00 58.49 ? 106 GLU A CD  1 
ATOM   736  O OE1 . GLU A 1 103 ? 4.327   -17.402 -4.528  1.00 58.46 ? 106 GLU A OE1 1 
ATOM   737  O OE2 . GLU A 1 103 ? 3.537   -19.273 -3.663  1.00 55.56 ? 106 GLU A OE2 1 
ATOM   738  N N   . TYR A 1 104 ? 0.532   -15.208 0.007   1.00 30.46 ? 107 TYR A N   1 
ATOM   739  C CA  . TYR A 1 104 ? 0.764   -14.437 1.228   1.00 31.12 ? 107 TYR A CA  1 
ATOM   740  C C   . TYR A 1 104 ? 1.812   -15.068 2.138   1.00 35.90 ? 107 TYR A C   1 
ATOM   741  O O   . TYR A 1 104 ? 1.972   -16.293 2.155   1.00 31.17 ? 107 TYR A O   1 
ATOM   742  C CB  . TYR A 1 104 ? -0.537  -14.212 2.001   1.00 30.61 ? 107 TYR A CB  1 
ATOM   743  C CG  . TYR A 1 104 ? -1.428  -13.153 1.394   1.00 32.67 ? 107 TYR A CG  1 
ATOM   744  C CD1 . TYR A 1 104 ? -1.083  -11.812 1.460   1.00 30.37 ? 107 TYR A CD1 1 
ATOM   745  C CD2 . TYR A 1 104 ? -2.609  -13.495 0.748   1.00 37.39 ? 107 TYR A CD2 1 
ATOM   746  C CE1 . TYR A 1 104 ? -1.892  -10.836 0.905   1.00 32.05 ? 107 TYR A CE1 1 
ATOM   747  C CE2 . TYR A 1 104 ? -3.422  -12.530 0.193   1.00 38.12 ? 107 TYR A CE2 1 
ATOM   748  C CZ  . TYR A 1 104 ? -3.062  -11.202 0.274   1.00 37.63 ? 107 TYR A CZ  1 
ATOM   749  O OH  . TYR A 1 104 ? -3.870  -10.226 -0.279  1.00 40.92 ? 107 TYR A OH  1 
ATOM   750  N N   . ALA A 1 105 ? 2.532   -14.224 2.880   1.00 26.32 ? 108 ALA A N   1 
ATOM   751  C CA  . ALA A 1 105 ? 3.467   -14.711 3.887   1.00 30.79 ? 108 ALA A CA  1 
ATOM   752  C C   . ALA A 1 105 ? 2.693   -15.302 5.063   1.00 33.14 ? 108 ALA A C   1 
ATOM   753  O O   . ALA A 1 105 ? 1.525   -14.973 5.271   1.00 30.07 ? 108 ALA A O   1 
ATOM   754  C CB  . ALA A 1 105 ? 4.383   -13.598 4.354   1.00 27.31 ? 108 ALA A CB  1 
ATOM   755  N N   . ASP A 1 106 ? 3.343   -16.177 5.822   1.00 34.12 ? 109 ASP A N   1 
ATOM   756  C CA  . ASP A 1 106 ? 2.691   -16.855 6.935   1.00 36.26 ? 109 ASP A CA  1 
ATOM   757  C C   . ASP A 1 106 ? 2.336   -15.887 8.059   1.00 32.53 ? 109 ASP A C   1 
ATOM   758  O O   . ASP A 1 106 ? 1.294   -16.020 8.702   1.00 35.40 ? 109 ASP A O   1 
ATOM   759  C CB  . ASP A 1 106 ? 3.584   -17.974 7.482   1.00 42.12 ? 109 ASP A CB  1 
ATOM   760  C CG  . ASP A 1 106 ? 4.713   -18.352 6.525   1.00 51.40 ? 109 ASP A CG  1 
ATOM   761  O OD1 . ASP A 1 106 ? 5.041   -19.558 6.446   1.00 57.91 ? 109 ASP A OD1 1 
ATOM   762  O OD2 . ASP A 1 106 ? 5.286   -17.451 5.864   1.00 48.95 ? 109 ASP A OD2 1 
ATOM   763  N N   . GLU A 1 107 ? 3.207   -14.913 8.289   1.00 29.63 ? 110 GLU A N   1 
ATOM   764  C CA  . GLU A 1 107 ? 3.044   -13.970 9.388   1.00 27.34 ? 110 GLU A CA  1 
ATOM   765  C C   . GLU A 1 107 ? 2.374   -12.675 8.921   1.00 30.53 ? 110 GLU A C   1 
ATOM   766  O O   . GLU A 1 107 ? 2.720   -12.133 7.864   1.00 25.84 ? 110 GLU A O   1 
ATOM   767  C CB  . GLU A 1 107 ? 4.410   -13.646 9.998   1.00 39.74 ? 110 GLU A CB  1 
ATOM   768  C CG  . GLU A 1 107 ? 5.087   -14.821 10.701  1.00 42.78 ? 110 GLU A CG  1 
ATOM   769  C CD  . GLU A 1 107 ? 4.933   -14.759 12.210  1.00 51.13 ? 110 GLU A CD  1 
ATOM   770  O OE1 . GLU A 1 107 ? 5.592   -13.897 12.840  1.00 54.15 ? 110 GLU A OE1 1 
ATOM   771  O OE2 . GLU A 1 107 ? 4.150   -15.561 12.765  1.00 49.23 ? 110 GLU A OE2 1 
ATOM   772  N N   . THR A 1 108 ? 1.409   -12.190 9.702   1.00 23.78 ? 111 THR A N   1 
ATOM   773  C CA  . THR A 1 108 ? 0.777   -10.891 9.430   1.00 21.09 ? 111 THR A CA  1 
ATOM   774  C C   . THR A 1 108 ? 1.666   -9.750  9.937   1.00 21.89 ? 111 THR A C   1 
ATOM   775  O O   . THR A 1 108 ? 2.670   -9.994  10.595  1.00 24.35 ? 111 THR A O   1 
ATOM   776  C CB  . THR A 1 108 ? -0.588  -10.787 10.111  1.00 20.36 ? 111 THR A CB  1 
ATOM   777  O OG1 . THR A 1 108 ? -0.435  -11.088 11.502  1.00 25.03 ? 111 THR A OG1 1 
ATOM   778  C CG2 . THR A 1 108 ? -1.558  -11.761 9.491   1.00 22.23 ? 111 THR A CG2 1 
ATOM   779  N N   . ALA A 1 109 ? 1.296   -8.504  9.647   1.00 16.18 ? 112 ALA A N   1 
ATOM   780  C CA  . ALA A 1 109 ? 2.127   -7.372  10.028  1.00 17.95 ? 112 ALA A CA  1 
ATOM   781  C C   . ALA A 1 109 ? 1.247   -6.224  10.483  1.00 17.58 ? 112 ALA A C   1 
ATOM   782  O O   . ALA A 1 109 ? 0.039   -6.241  10.244  1.00 15.70 ? 112 ALA A O   1 
ATOM   783  C CB  . ALA A 1 109 ? 2.995   -6.944  8.855   1.00 21.83 ? 112 ALA A CB  1 
ATOM   784  N N   . THR A 1 110 ? 1.850   -5.239  11.147  1.00 15.68 ? 113 THR A N   1 
ATOM   785  C CA  . THR A 1 110 ? 1.153   -4.016  11.535  1.00 13.96 ? 113 THR A CA  1 
ATOM   786  C C   . THR A 1 110 ? 0.936   -3.127  10.306  1.00 14.21 ? 113 THR A C   1 
ATOM   787  O O   . THR A 1 110 ? 1.513   -3.366  9.252   1.00 13.42 ? 113 THR A O   1 
ATOM   788  C CB  . THR A 1 110 ? 1.994   -3.179  12.515  1.00 15.13 ? 113 THR A CB  1 
ATOM   789  O OG1 . THR A 1 110 ? 3.118   -2.633  11.813  1.00 17.39 ? 113 THR A OG1 1 
ATOM   790  C CG2 . THR A 1 110 ? 2.467   -4.015  13.699  1.00 20.46 ? 113 THR A CG2 1 
ATOM   791  N N   . ILE A 1 111 ? 0.122   -2.091  10.463  1.00 12.20 ? 114 ILE A N   1 
ATOM   792  C CA  . ILE A 1 111 ? -0.125  -1.138  9.385   1.00 13.61 ? 114 ILE A CA  1 
ATOM   793  C C   . ILE A 1 111 ? 1.159   -0.440  8.958   1.00 12.89 ? 114 ILE A C   1 
ATOM   794  O O   . ILE A 1 111 ? 1.316   -0.064  7.791   1.00 14.74 ? 114 ILE A O   1 
ATOM   795  C CB  . ILE A 1 111 ? -1.181  -0.091  9.805   1.00 13.62 ? 114 ILE A CB  1 
ATOM   796  C CG1 . ILE A 1 111 ? -1.638  0.748   8.607   1.00 14.44 ? 114 ILE A CG1 1 
ATOM   797  C CG2 . ILE A 1 111 ? -0.668  0.792   10.936  1.00 17.21 ? 114 ILE A CG2 1 
ATOM   798  C CD1 . ILE A 1 111 ? -2.976  1.429   8.852   1.00 14.77 ? 114 ILE A CD1 1 
ATOM   799  N N   . VAL A 1 112 ? 2.076   -0.259  9.899   1.00 13.13 ? 115 VAL A N   1 
ATOM   800  C CA  . VAL A 1 112 ? 3.325   0.437   9.613   1.00 14.18 ? 115 VAL A CA  1 
ATOM   801  C C   . VAL A 1 112 ? 4.246   -0.456  8.760   1.00 17.36 ? 115 VAL A C   1 
ATOM   802  O O   . VAL A 1 112 ? 4.829   -0.004  7.758   1.00 15.18 ? 115 VAL A O   1 
ATOM   803  C CB  . VAL A 1 112 ? 4.019   0.909   10.918  1.00 15.20 ? 115 VAL A CB  1 
ATOM   804  C CG1 . VAL A 1 112 ? 5.401   1.503   10.629  1.00 19.16 ? 115 VAL A CG1 1 
ATOM   805  C CG2 . VAL A 1 112 ? 3.149   1.915   11.626  1.00 15.60 ? 115 VAL A CG2 1 
ATOM   806  N N   . GLU A 1 113 ? 4.362   -1.720  9.149   1.00 16.44 ? 116 GLU A N   1 
ATOM   807  C CA  . GLU A 1 113 ? 5.146   -2.690  8.386   1.00 16.02 ? 116 GLU A CA  1 
ATOM   808  C C   . GLU A 1 113 ? 4.522   -2.888  6.996   1.00 17.33 ? 116 GLU A C   1 
ATOM   809  O O   . GLU A 1 113 ? 5.225   -2.942  5.987   1.00 14.92 ? 116 GLU A O   1 
ATOM   810  C CB  . GLU A 1 113 ? 5.220   -4.028  9.133   1.00 19.31 ? 116 GLU A CB  1 
ATOM   811  C CG  . GLU A 1 113 ? 5.852   -3.919  10.526  1.00 23.61 ? 116 GLU A CG  1 
ATOM   812  C CD  . GLU A 1 113 ? 5.739   -5.207  11.366  1.00 26.65 ? 116 GLU A CD  1 
ATOM   813  O OE1 . GLU A 1 113 ? 4.629   -5.792  11.477  1.00 22.57 ? 116 GLU A OE1 1 
ATOM   814  O OE2 . GLU A 1 113 ? 6.776   -5.623  11.930  1.00 26.57 ? 116 GLU A OE2 1 
ATOM   815  N N   . PHE A 1 114 ? 3.197   -2.996  6.961   1.00 15.58 ? 117 PHE A N   1 
ATOM   816  C CA  . PHE A 1 114 ? 2.450   -3.147  5.702   1.00 15.18 ? 117 PHE A CA  1 
ATOM   817  C C   . PHE A 1 114 ? 2.692   -1.966  4.737   1.00 14.18 ? 117 PHE A C   1 
ATOM   818  O O   . PHE A 1 114 ? 3.102   -2.157  3.578   1.00 14.43 ? 117 PHE A O   1 
ATOM   819  C CB  . PHE A 1 114 ? 0.959   -3.358  6.048   1.00 14.87 ? 117 PHE A CB  1 
ATOM   820  C CG  . PHE A 1 114 ? 0.007   -3.208  4.882   1.00 14.02 ? 117 PHE A CG  1 
ATOM   821  C CD1 . PHE A 1 114 ? -0.205  -4.252  4.000   1.00 14.27 ? 117 PHE A CD1 1 
ATOM   822  C CD2 . PHE A 1 114 ? -0.713  -2.041  4.711   1.00 15.88 ? 117 PHE A CD2 1 
ATOM   823  C CE1 . PHE A 1 114 ? -1.097  -4.122  2.958   1.00 12.63 ? 117 PHE A CE1 1 
ATOM   824  C CE2 . PHE A 1 114 ? -1.615  -1.909  3.656   1.00 16.32 ? 117 PHE A CE2 1 
ATOM   825  C CZ  . PHE A 1 114 ? -1.796  -2.946  2.788   1.00 13.98 ? 117 PHE A CZ  1 
ATOM   826  N N   . LEU A 1 115 ? 2.479   -0.740  5.209   1.00 14.03 ? 118 LEU A N   1 
ATOM   827  C CA  . LEU A 1 115 ? 2.731   0.434   4.368   1.00 15.58 ? 118 LEU A CA  1 
ATOM   828  C C   . LEU A 1 115 ? 4.196   0.509   3.921   1.00 15.10 ? 118 LEU A C   1 
ATOM   829  O O   . LEU A 1 115 ? 4.474   0.775   2.747   1.00 12.51 ? 118 LEU A O   1 
ATOM   830  C CB  . LEU A 1 115 ? 2.299   1.733   5.071   1.00 13.54 ? 118 LEU A CB  1 
ATOM   831  C CG  . LEU A 1 115 ? 0.779   1.787   5.290   1.00 11.03 ? 118 LEU A CG  1 
ATOM   832  C CD1 . LEU A 1 115 ? 0.386   2.922   6.235   1.00 11.95 ? 118 LEU A CD1 1 
ATOM   833  C CD2 . LEU A 1 115 ? 0.041   1.908   3.956   1.00 15.21 ? 118 LEU A CD2 1 
ATOM   834  N N   . ASN A 1 116 ? 5.134   0.266   4.837   1.00 13.88 ? 119 ASN A N   1 
ATOM   835  C CA  . ASN A 1 116 ? 6.546   0.313   4.447   1.00 15.40 ? 119 ASN A CA  1 
ATOM   836  C C   . ASN A 1 116 ? 6.907   -0.700  3.353   1.00 14.00 ? 119 ASN A C   1 
ATOM   837  O O   . ASN A 1 116 ? 7.707   -0.413  2.456   1.00 15.13 ? 119 ASN A O   1 
ATOM   838  C CB  . ASN A 1 116 ? 7.460   0.186   5.670   1.00 15.29 ? 119 ASN A CB  1 
ATOM   839  C CG  . ASN A 1 116 ? 7.705   1.530   6.338   1.00 18.30 ? 119 ASN A CG  1 
ATOM   840  O OD1 . ASN A 1 116 ? 8.100   2.497   5.679   1.00 27.18 ? 119 ASN A OD1 1 
ATOM   841  N ND2 . ASN A 1 116 ? 7.446   1.610   7.625   1.00 18.71 ? 119 ASN A ND2 1 
ATOM   842  N N   . ARG A 1 117 ? 6.287   -1.874  3.421   1.00 15.50 ? 120 ARG A N   1 
ATOM   843  C CA  . ARG A 1 117 ? 6.525   -2.920  2.435   1.00 16.98 ? 120 ARG A CA  1 
ATOM   844  C C   . ARG A 1 117 ? 6.096   -2.447  1.052   1.00 16.57 ? 120 ARG A C   1 
ATOM   845  O O   . ARG A 1 117 ? 6.821   -2.621  0.068   1.00 14.85 ? 120 ARG A O   1 
ATOM   846  C CB  . ARG A 1 117 ? 5.774   -4.209  2.810   1.00 15.82 ? 120 ARG A CB  1 
ATOM   847  C CG  . ARG A 1 117 ? 5.924   -5.336  1.787   1.00 18.68 ? 120 ARG A CG  1 
ATOM   848  C CD  . ARG A 1 117 ? 7.349   -5.889  1.809   1.00 24.18 ? 120 ARG A CD  1 
ATOM   849  N NE  . ARG A 1 117 ? 7.605   -6.850  0.738   1.00 31.27 ? 120 ARG A NE  1 
ATOM   850  C CZ  . ARG A 1 117 ? 8.047   -6.501  -0.464  1.00 27.60 ? 120 ARG A CZ  1 
ATOM   851  N NH1 . ARG A 1 117 ? 8.260   -5.215  -0.742  1.00 28.80 ? 120 ARG A NH1 1 
ATOM   852  N NH2 . ARG A 1 117 ? 8.271   -7.425  -1.389  1.00 33.33 ? 120 ARG A NH2 1 
ATOM   853  N N   . TRP A 1 118 ? 4.922   -1.834  0.978   1.00 15.38 ? 121 TRP A N   1 
ATOM   854  C CA  . TRP A 1 118 ? 4.385   -1.404  -0.310  1.00 14.27 ? 121 TRP A CA  1 
ATOM   855  C C   . TRP A 1 118 ? 5.003   -0.089  -0.806  1.00 15.31 ? 121 TRP A C   1 
ATOM   856  O O   . TRP A 1 118 ? 5.033   0.173   -2.003  1.00 13.17 ? 121 TRP A O   1 
ATOM   857  C CB  . TRP A 1 118 ? 2.845   -1.363  -0.278  1.00 13.53 ? 121 TRP A CB  1 
ATOM   858  C CG  . TRP A 1 118 ? 2.289   -2.746  -0.225  1.00 14.03 ? 121 TRP A CG  1 
ATOM   859  C CD1 . TRP A 1 118 ? 1.706   -3.368  0.846   1.00 14.72 ? 121 TRP A CD1 1 
ATOM   860  C CD2 . TRP A 1 118 ? 2.328   -3.710  -1.278  1.00 13.88 ? 121 TRP A CD2 1 
ATOM   861  N NE1 . TRP A 1 118 ? 1.354   -4.657  0.509   1.00 14.00 ? 121 TRP A NE1 1 
ATOM   862  C CE2 . TRP A 1 118 ? 1.720   -4.889  -0.794  1.00 17.83 ? 121 TRP A CE2 1 
ATOM   863  C CE3 . TRP A 1 118 ? 2.801   -3.686  -2.589  1.00 14.64 ? 121 TRP A CE3 1 
ATOM   864  C CZ2 . TRP A 1 118 ? 1.592   -6.037  -1.573  1.00 16.40 ? 121 TRP A CZ2 1 
ATOM   865  C CZ3 . TRP A 1 118 ? 2.666   -4.819  -3.364  1.00 16.96 ? 121 TRP A CZ3 1 
ATOM   866  C CH2 . TRP A 1 118 ? 2.065   -5.979  -2.857  1.00 16.60 ? 121 TRP A CH2 1 
ATOM   867  N N   . ILE A 1 119 ? 5.515   0.721   0.114   1.00 13.30 ? 122 ILE A N   1 
ATOM   868  C CA  . ILE A 1 119 ? 6.245   1.913   -0.272  1.00 12.37 ? 122 ILE A CA  1 
ATOM   869  C C   . ILE A 1 119 ? 7.558   1.468   -0.946  1.00 14.97 ? 122 ILE A C   1 
ATOM   870  O O   . ILE A 1 119 ? 7.938   1.967   -2.018  1.00 14.98 ? 122 ILE A O   1 
ATOM   871  C CB  . ILE A 1 119 ? 6.490   2.805   0.966   1.00 12.98 ? 122 ILE A CB  1 
ATOM   872  C CG1 . ILE A 1 119 ? 5.205   3.554   1.306   1.00 13.36 ? 122 ILE A CG1 1 
ATOM   873  C CG2 . ILE A 1 119 ? 7.596   3.829   0.725   1.00 15.30 ? 122 ILE A CG2 1 
ATOM   874  C CD1 . ILE A 1 119 ? 5.167   4.070   2.704   1.00 13.48 ? 122 ILE A CD1 1 
ATOM   875  N N   . THR A 1 120 ? 8.219   0.502   -0.324  1.00 15.06 ? 123 THR A N   1 
ATOM   876  C CA  . THR A 1 120 ? 9.464   -0.072  -0.843  1.00 16.02 ? 123 THR A CA  1 
ATOM   877  C C   . THR A 1 120 ? 9.266   -0.771  -2.189  1.00 15.24 ? 123 THR A C   1 
ATOM   878  O O   . THR A 1 120 ? 10.069  -0.609  -3.113  1.00 15.62 ? 123 THR A O   1 
ATOM   879  C CB  . THR A 1 120 ? 10.059  -1.073  0.164   1.00 17.34 ? 123 THR A CB  1 
ATOM   880  O OG1 . THR A 1 120 ? 10.424  -0.366  1.359   1.00 20.37 ? 123 THR A OG1 1 
ATOM   881  C CG2 . THR A 1 120 ? 11.285  -1.741  -0.411  1.00 21.65 ? 123 THR A CG2 1 
ATOM   882  N N   . PHE A 1 121 ? 8.203   -1.565  -2.288  1.00 16.33 ? 124 PHE A N   1 
ATOM   883  C CA  . PHE A 1 121 ? 7.797   -2.135  -3.568  1.00 17.96 ? 124 PHE A CA  1 
ATOM   884  C C   . PHE A 1 121 ? 7.694   -1.068  -4.646  1.00 15.52 ? 124 PHE A C   1 
ATOM   885  O O   . PHE A 1 121 ? 8.237   -1.214  -5.742  1.00 16.93 ? 124 PHE A O   1 
ATOM   886  C CB  . PHE A 1 121 ? 6.426   -2.810  -3.445  1.00 13.23 ? 124 PHE A CB  1 
ATOM   887  C CG  . PHE A 1 121 ? 5.841   -3.246  -4.771  1.00 16.43 ? 124 PHE A CG  1 
ATOM   888  C CD1 . PHE A 1 121 ? 6.209   -4.454  -5.342  1.00 19.45 ? 124 PHE A CD1 1 
ATOM   889  C CD2 . PHE A 1 121 ? 4.912   -2.457  -5.435  1.00 14.49 ? 124 PHE A CD2 1 
ATOM   890  C CE1 . PHE A 1 121 ? 5.655   -4.873  -6.561  1.00 19.83 ? 124 PHE A CE1 1 
ATOM   891  C CE2 . PHE A 1 121 ? 4.359   -2.862  -6.652  1.00 16.91 ? 124 PHE A CE2 1 
ATOM   892  C CZ  . PHE A 1 121 ? 4.732   -4.074  -7.215  1.00 16.36 ? 124 PHE A CZ  1 
ATOM   893  N N   . SER A 1 122 ? 6.947   -0.015  -4.350  1.00 11.37 ? 125 SER A N   1 
ATOM   894  C CA  . SER A 1 122 ? 6.736   1.052   -5.328  1.00 12.94 ? 125 SER A CA  1 
ATOM   895  C C   . SER A 1 122 ? 8.042   1.686   -5.804  1.00 14.58 ? 125 SER A C   1 
ATOM   896  O O   . SER A 1 122 ? 8.241   1.895   -7.002  1.00 15.04 ? 125 SER A O   1 
ATOM   897  C CB  . SER A 1 122 ? 5.814   2.120   -4.745  1.00 15.97 ? 125 SER A CB  1 
ATOM   898  O OG  . SER A 1 122 ? 4.517   1.576   -4.484  1.00 16.64 ? 125 SER A OG  1 
ATOM   899  N N   . GLN A 1 123 ? 8.931   1.989   -4.867  1.00 15.22 ? 126 GLN A N   1 
ATOM   900  C CA  . GLN A 1 123 ? 10.207  2.609   -5.221  1.00 15.54 ? 126 GLN A CA  1 
ATOM   901  C C   . GLN A 1 123 ? 11.065  1.660   -6.057  1.00 17.42 ? 126 GLN A C   1 
ATOM   902  O O   . GLN A 1 123 ? 11.746  2.083   -6.992  1.00 18.10 ? 126 GLN A O   1 
ATOM   903  C CB  . GLN A 1 123 ? 10.961  3.060   -3.968  1.00 17.76 ? 126 GLN A CB  1 
ATOM   904  C CG  . GLN A 1 123 ? 12.340  3.709   -4.259  1.00 26.61 ? 126 GLN A CG  1 
ATOM   905  C CD  . GLN A 1 123 ? 12.248  5.010   -5.076  1.00 26.93 ? 126 GLN A CD  1 
ATOM   906  O OE1 . GLN A 1 123 ? 12.404  5.008   -6.310  1.00 24.56 ? 126 GLN A OE1 1 
ATOM   907  N NE2 . GLN A 1 123 ? 12.015  6.126   -4.384  1.00 19.24 ? 126 GLN A NE2 1 
ATOM   908  N N   . SER A 1 124 ? 11.033  0.376   -5.714  1.00 17.24 ? 127 SER A N   1 
ATOM   909  C CA  . SER A 1 124 ? 11.807  -0.621  -6.452  1.00 18.45 ? 127 SER A CA  1 
ATOM   910  C C   . SER A 1 124 ? 11.414  -0.682  -7.916  1.00 19.80 ? 127 SER A C   1 
ATOM   911  O O   . SER A 1 124 ? 12.282  -0.659  -8.787  1.00 20.30 ? 127 SER A O   1 
ATOM   912  C CB  . SER A 1 124 ? 11.663  -1.998  -5.809  1.00 20.94 ? 127 SER A CB  1 
ATOM   913  O OG  . SER A 1 124 ? 12.391  -2.015  -4.597  1.00 28.65 ? 127 SER A OG  1 
ATOM   914  N N   . ILE A 1 125 ? 10.112  -0.744  -8.187  1.00 16.63 ? 128 ILE A N   1 
ATOM   915  C CA  . ILE A 1 125 ? 9.632   -0.722  -9.562  1.00 16.57 ? 128 ILE A CA  1 
ATOM   916  C C   . ILE A 1 125 ? 9.935   0.609   -10.244 1.00 20.60 ? 128 ILE A C   1 
ATOM   917  O O   . ILE A 1 125 ? 10.349  0.641   -11.411 1.00 19.47 ? 128 ILE A O   1 
ATOM   918  C CB  . ILE A 1 125 ? 8.118   -1.002  -9.668  1.00 18.22 ? 128 ILE A CB  1 
ATOM   919  C CG1 . ILE A 1 125 ? 7.742   -2.278  -8.919  1.00 21.59 ? 128 ILE A CG1 1 
ATOM   920  C CG2 . ILE A 1 125 ? 7.705   -1.102  -11.142 1.00 22.02 ? 128 ILE A CG2 1 
ATOM   921  C CD1 . ILE A 1 125 ? 7.803   -3.511  -9.758  1.00 25.89 ? 128 ILE A CD1 1 
ATOM   922  N N   . ILE A 1 126 ? 9.735   1.711   -9.531  1.00 15.14 ? 129 ILE A N   1 
ATOM   923  C CA  . ILE A 1 126 ? 10.045  3.007   -10.117 1.00 15.53 ? 129 ILE A CA  1 
ATOM   924  C C   . ILE A 1 126 ? 11.501  3.047   -10.596 1.00 22.29 ? 129 ILE A C   1 
ATOM   925  O O   . ILE A 1 126 ? 11.800  3.539   -11.687 1.00 21.01 ? 129 ILE A O   1 
ATOM   926  C CB  . ILE A 1 126 ? 9.802   4.143   -9.127  1.00 16.64 ? 129 ILE A CB  1 
ATOM   927  C CG1 . ILE A 1 126 ? 8.294   4.341   -8.930  1.00 15.25 ? 129 ILE A CG1 1 
ATOM   928  C CG2 . ILE A 1 126 ? 10.413  5.443   -9.640  1.00 18.26 ? 129 ILE A CG2 1 
ATOM   929  C CD1 . ILE A 1 126 ? 7.955   5.253   -7.756  1.00 13.95 ? 129 ILE A CD1 1 
ATOM   930  N N   . SER A 1 127 ? 12.396  2.482   -9.795  1.00 19.99 ? 130 SER A N   1 
ATOM   931  C CA  . SER A 1 127 ? 13.822  2.515   -10.122 1.00 22.75 ? 130 SER A CA  1 
ATOM   932  C C   . SER A 1 127 ? 14.198  1.646   -11.319 1.00 24.07 ? 130 SER A C   1 
ATOM   933  O O   . SER A 1 127 ? 15.340  1.697   -11.793 1.00 27.42 ? 130 SER A O   1 
ATOM   934  C CB  . SER A 1 127 ? 14.657  2.131   -8.905  1.00 22.92 ? 130 SER A CB  1 
ATOM   935  O OG  . SER A 1 127 ? 14.555  3.137   -7.917  1.00 29.58 ? 130 SER A OG  1 
ATOM   936  N N   . THR A 1 128 ? 13.257  0.841   -11.799 1.00 25.08 ? 131 THR A N   1 
ATOM   937  C CA  . THR A 1 128 ? 13.494  0.059   -13.011 1.00 25.57 ? 131 THR A CA  1 
ATOM   938  C C   . THR A 1 128 ? 12.990  0.797   -14.252 1.00 28.81 ? 131 THR A C   1 
ATOM   939  O O   . THR A 1 128 ? 13.156  0.312   -15.371 1.00 25.00 ? 131 THR A O   1 
ATOM   940  C CB  . THR A 1 128 ? 12.823  -1.328  -12.971 1.00 27.59 ? 131 THR A CB  1 
ATOM   941  O OG1 . THR A 1 128 ? 11.395  -1.177  -12.958 1.00 26.64 ? 131 THR A OG1 1 
ATOM   942  C CG2 . THR A 1 128 ? 13.285  -2.143  -11.748 1.00 24.74 ? 131 THR A CG2 1 
ATOM   943  N N   . LEU A 1 129 ? 12.375  1.962   -14.051 1.00 24.08 ? 132 LEU A N   1 
ATOM   944  C CA  . LEU A 1 129 ? 11.806  2.735   -15.163 1.00 25.48 ? 132 LEU A CA  1 
ATOM   945  C C   . LEU A 1 129 ? 12.471  4.097   -15.377 1.00 31.11 ? 132 LEU A C   1 
ATOM   946  O O   . LEU A 1 129 ? 12.209  4.779   -16.373 1.00 30.06 ? 132 LEU A O   1 
ATOM   947  C CB  . LEU A 1 129 ? 10.306  2.939   -14.942 1.00 26.57 ? 132 LEU A CB  1 
ATOM   948  C CG  . LEU A 1 129 ? 9.481   1.682   -14.713 1.00 29.37 ? 132 LEU A CG  1 
ATOM   949  C CD1 . LEU A 1 129 ? 8.007   2.036   -14.535 1.00 29.12 ? 132 LEU A CD1 1 
ATOM   950  C CD2 . LEU A 1 129 ? 9.658   0.686   -15.863 1.00 32.56 ? 132 LEU A CD2 1 
ATOM   951  N N   . THR A 1 130 ? 13.323  4.500   -14.443 1.00 26.90 ? 133 THR A N   1 
ATOM   952  C CA  . THR A 1 130 ? 13.997  5.787   -14.535 1.00 28.16 ? 133 THR A CA  1 
ATOM   953  C C   . THR A 1 130 ? 15.257  5.688   -15.396 1.00 39.15 ? 133 THR A C   1 
ATOM   954  O O   . THR A 1 130 ? 15.316  4.891   -16.341 1.00 34.56 ? 133 THR A O   1 
ATOM   955  C CB  . THR A 1 130 ? 14.373  6.330   -13.140 1.00 27.93 ? 133 THR A CB  1 
ATOM   956  O OG1 . THR A 1 130 ? 15.079  5.323   -12.413 1.00 31.53 ? 133 THR A OG1 1 
ATOM   957  C CG2 . THR A 1 130 ? 13.127  6.725   -12.355 1.00 32.00 ? 133 THR A CG2 1 
HETATM 958  O O   . 2K1 B 2 .   ? -8.198  -8.263  13.377  1.00 17.91 ? 201 2K1 A O   1 
HETATM 959  C C5  . 2K1 B 2 .   ? -7.353  -7.482  12.846  1.00 19.32 ? 201 2K1 A C5  1 
HETATM 960  O O1  . 2K1 B 2 .   ? -6.329  -7.245  13.420  1.00 17.34 ? 201 2K1 A O1  1 
HETATM 961  C C4  . 2K1 B 2 .   ? -7.583  -6.833  11.520  1.00 20.40 ? 201 2K1 A C4  1 
HETATM 962  C C3  . 2K1 B 2 .   ? -8.542  -7.161  10.558  1.00 16.54 ? 201 2K1 A C3  1 
HETATM 963  C C2  . 2K1 B 2 .   ? -8.323  -6.207  9.426   1.00 18.52 ? 201 2K1 A C2  1 
HETATM 964  O O2  . 2K1 B 2 .   ? -6.863  -5.811  11.070  1.00 20.67 ? 201 2K1 A O2  1 
HETATM 965  C C1  . 2K1 B 2 .   ? -7.279  -5.416  9.837   1.00 20.42 ? 201 2K1 A C1  1 
HETATM 966  C C   . 2K1 B 2 .   ? -6.679  -4.308  9.067   1.00 20.45 ? 201 2K1 A C   1 
HETATM 967  O O   . 2K1 C 2 .   ? 8.584   12.478  -14.927 1.00 36.58 ? 202 2K1 A O   1 
HETATM 968  C C5  . 2K1 C 2 .   ? 7.963   12.202  -13.857 1.00 38.67 ? 202 2K1 A C5  1 
HETATM 969  O O1  . 2K1 C 2 .   ? 7.321   11.183  -13.755 1.00 31.39 ? 202 2K1 A O1  1 
HETATM 970  C C4  . 2K1 C 2 .   ? 8.016   13.128  -12.692 1.00 32.16 ? 202 2K1 A C4  1 
HETATM 971  C C3  . 2K1 C 2 .   ? 8.220   14.512  -12.693 1.00 31.75 ? 202 2K1 A C3  1 
HETATM 972  C C2  . 2K1 C 2 .   ? 8.170   14.920  -11.256 1.00 25.02 ? 202 2K1 A C2  1 
HETATM 973  O O2  . 2K1 C 2 .   ? 7.856   12.731  -11.450 1.00 35.23 ? 202 2K1 A O2  1 
HETATM 974  C C1  . 2K1 C 2 .   ? 7.941   13.750  -10.577 1.00 29.71 ? 202 2K1 A C1  1 
HETATM 975  C C   . 2K1 C 2 .   ? 7.797   13.576  -9.123  1.00 28.13 ? 202 2K1 A C   1 
HETATM 976  O O   . HOH D 3 .   ? -3.480  -1.936  22.387  1.00 29.46 ? 301 HOH A O   1 
HETATM 977  O O   . HOH D 3 .   ? 0.016   -4.954  19.996  1.00 27.03 ? 302 HOH A O   1 
HETATM 978  O O   . HOH D 3 .   ? -0.618  -2.443  20.989  1.00 23.63 ? 303 HOH A O   1 
HETATM 979  O O   . HOH D 3 .   ? -1.555  -2.146  12.724  1.00 14.53 ? 304 HOH A O   1 
HETATM 980  O O   . HOH D 3 .   ? 5.195   -2.238  13.350  1.00 19.91 ? 305 HOH A O   1 
HETATM 981  O O   . HOH D 3 .   ? 5.190   -11.151 7.044   1.00 26.19 ? 306 HOH A O   1 
HETATM 982  O O   . HOH D 3 .   ? 6.166   -8.975  2.459   1.00 26.56 ? 307 HOH A O   1 
HETATM 983  O O   . HOH D 3 .   ? -5.001  5.720   -20.151 1.00 17.53 ? 308 HOH A O   1 
HETATM 984  O O   . HOH D 3 .   ? 9.917   -9.705  -2.737  1.00 25.29 ? 309 HOH A O   1 
HETATM 985  O O   . HOH D 3 .   ? -8.699  -0.913  -5.970  1.00 27.05 ? 310 HOH A O   1 
HETATM 986  O O   . HOH D 3 .   ? 0.911   -12.347 5.864   1.00 22.99 ? 311 HOH A O   1 
HETATM 987  O O   . HOH D 3 .   ? -3.883  2.425   -17.456 1.00 24.18 ? 312 HOH A O   1 
HETATM 988  O O   . HOH D 3 .   ? -7.281  5.951   -16.071 1.00 24.03 ? 313 HOH A O   1 
HETATM 989  O O   . HOH D 3 .   ? 9.699   1.930   3.192   1.00 19.89 ? 314 HOH A O   1 
HETATM 990  O O   . HOH D 3 .   ? 8.882   -5.554  -12.248 1.00 22.30 ? 315 HOH A O   1 
HETATM 991  O O   . HOH D 3 .   ? 3.387   -7.984  -13.816 1.00 20.46 ? 316 HOH A O   1 
HETATM 992  O O   . HOH D 3 .   ? -9.663  -4.611  -0.626  1.00 19.93 ? 317 HOH A O   1 
HETATM 993  O O   . HOH D 3 .   ? -12.604 4.281   -4.653  1.00 29.53 ? 318 HOH A O   1 
HETATM 994  O O   . HOH D 3 .   ? 6.106   -5.664  -13.521 1.00 25.85 ? 319 HOH A O   1 
HETATM 995  O O   . HOH D 3 .   ? 14.812  -1.186  -8.437  1.00 29.77 ? 320 HOH A O   1 
HETATM 996  O O   . HOH D 3 .   ? -3.929  11.117  17.875  1.00 30.57 ? 321 HOH A O   1 
HETATM 997  O O   . HOH D 3 .   ? 11.430  8.981   -9.961  1.00 28.71 ? 322 HOH A O   1 
HETATM 998  O O   . HOH D 3 .   ? -0.318  -6.981  1.303   1.00 16.40 ? 323 HOH A O   1 
HETATM 999  O O   . HOH D 3 .   ? -3.527  9.390   -9.576  1.00 33.08 ? 324 HOH A O   1 
HETATM 1000 O O   . HOH D 3 .   ? -0.089  12.860  5.957   1.00 29.86 ? 325 HOH A O   1 
HETATM 1001 O O   . HOH D 3 .   ? 0.939   -5.553  16.969  1.00 30.26 ? 326 HOH A O   1 
HETATM 1002 O O   . HOH D 3 .   ? -6.009  -7.135  7.087   1.00 24.93 ? 327 HOH A O   1 
HETATM 1003 O O   . HOH D 3 .   ? -2.601  -9.568  -10.640 1.00 32.33 ? 328 HOH A O   1 
HETATM 1004 O O   . HOH D 3 .   ? -4.369  8.813   22.110  1.00 34.07 ? 329 HOH A O   1 
HETATM 1005 O O   . HOH D 3 .   ? -5.776  -9.057  15.343  1.00 25.26 ? 330 HOH A O   1 
HETATM 1006 O O   . HOH D 3 .   ? 2.244   14.099  5.007   1.00 25.73 ? 331 HOH A O   1 
HETATM 1007 O O   . HOH D 3 .   ? -0.163  14.185  8.946   1.00 39.44 ? 332 HOH A O   1 
HETATM 1008 O O   . HOH D 3 .   ? 6.463   -16.235 -5.372  1.00 45.18 ? 333 HOH A O   1 
HETATM 1009 O O   . HOH D 3 .   ? 1.444   10.944  22.510  1.00 33.18 ? 334 HOH A O   1 
HETATM 1010 O O   . HOH D 3 .   ? 8.126   -0.927  9.234   1.00 29.98 ? 335 HOH A O   1 
HETATM 1011 O O   . HOH D 3 .   ? 4.282   11.721  0.615   1.00 21.33 ? 336 HOH A O   1 
HETATM 1012 O O   . HOH D 3 .   ? 9.890   -4.692  -3.158  1.00 28.91 ? 337 HOH A O   1 
HETATM 1013 O O   . HOH D 3 .   ? -2.957  -7.692  17.293  1.00 32.77 ? 338 HOH A O   1 
HETATM 1014 O O   . HOH D 3 .   ? 5.987   -15.148 7.632   1.00 38.07 ? 339 HOH A O   1 
HETATM 1015 O O   . HOH D 3 .   ? 6.147   -14.203 -9.640  1.00 41.55 ? 340 HOH A O   1 
HETATM 1016 O O   . HOH D 3 .   ? -4.222  7.098   -11.742 1.00 26.92 ? 341 HOH A O   1 
HETATM 1017 O O   . HOH D 3 .   ? 3.740   0.026   -18.311 1.00 37.69 ? 342 HOH A O   1 
HETATM 1018 O O   . HOH D 3 .   ? 7.975   -9.671  -0.199  1.00 31.08 ? 343 HOH A O   1 
HETATM 1019 O O   . HOH D 3 .   ? 12.193  -4.504  -2.871  1.00 28.85 ? 344 HOH A O   1 
HETATM 1020 O O   . HOH D 3 .   ? 3.246   -12.945 -3.599  1.00 33.50 ? 345 HOH A O   1 
HETATM 1021 O O   . HOH D 3 .   ? 4.623   8.429   16.024  1.00 28.96 ? 346 HOH A O   1 
HETATM 1022 O O   . HOH D 3 .   ? 13.094  0.249   -3.125  1.00 30.42 ? 347 HOH A O   1 
HETATM 1023 O O   . HOH D 3 .   ? -3.902  8.160   -18.626 1.00 40.06 ? 348 HOH A O   1 
HETATM 1024 O O   . HOH D 3 .   ? -2.819  12.097  11.838  1.00 23.31 ? 349 HOH A O   1 
HETATM 1025 O O   . HOH D 3 .   ? -2.953  2.570   24.085  1.00 30.50 ? 350 HOH A O   1 
HETATM 1026 O O   . HOH D 3 .   ? -1.916  1.928   -15.418 1.00 27.22 ? 351 HOH A O   1 
HETATM 1027 O O   . HOH D 3 .   ? 1.378   -13.883 12.287  1.00 34.25 ? 352 HOH A O   1 
HETATM 1028 O O   . HOH D 3 .   ? 1.075   -2.120  -17.621 1.00 42.16 ? 353 HOH A O   1 
HETATM 1029 O O   . HOH D 3 .   ? 10.653  -4.358  -16.389 0.50 26.64 ? 354 HOH A O   1 
HETATM 1030 O O   . HOH D 3 .   ? 10.117  -3.751  -13.202 1.00 34.81 ? 355 HOH A O   1 
HETATM 1031 O O   . HOH D 3 .   ? 13.017  7.622   -8.188  1.00 29.81 ? 356 HOH A O   1 
HETATM 1032 O O   . HOH D 3 .   ? 0.361   0.043   -16.362 1.00 32.45 ? 357 HOH A O   1 
HETATM 1033 O O   . HOH D 3 .   ? 11.260  3.528   -0.727  1.00 32.30 ? 358 HOH A O   1 
HETATM 1034 O O   . HOH D 3 .   ? 8.764   5.141   5.008   1.00 28.03 ? 359 HOH A O   1 
HETATM 1035 O O   . HOH D 3 .   ? -1.708  -7.223  19.236  1.00 34.42 ? 360 HOH A O   1 
HETATM 1036 O O   . HOH D 3 .   ? 7.209   -2.636  -14.693 1.00 31.53 ? 361 HOH A O   1 
HETATM 1037 O O   . HOH D 3 .   ? 7.611   -1.264  11.875  1.00 24.86 ? 362 HOH A O   1 
HETATM 1038 O O   . HOH D 3 .   ? -1.909  8.537   -11.145 1.00 28.65 ? 363 HOH A O   1 
HETATM 1039 O O   . HOH D 3 .   ? 3.560   -6.355  15.850  1.00 34.64 ? 364 HOH A O   1 
HETATM 1040 O O   . HOH D 3 .   ? 9.039   -2.568  7.750   1.00 31.49 ? 365 HOH A O   1 
HETATM 1041 O O   . HOH D 3 .   ? -1.547  3.823   -21.411 1.00 33.10 ? 366 HOH A O   1 
HETATM 1042 O O   . HOH D 3 .   ? -3.548  8.528   7.804   1.00 27.76 ? 367 HOH A O   1 
HETATM 1043 O O   . HOH D 3 .   ? 7.880   -3.903  6.089   1.00 23.08 ? 368 HOH A O   1 
HETATM 1044 O O   . HOH D 3 .   ? 8.970   7.569   0.797   1.00 30.87 ? 369 HOH A O   1 
HETATM 1045 O O   . HOH D 3 .   ? 4.031   -7.518  13.131  1.00 30.71 ? 370 HOH A O   1 
HETATM 1046 O O   . HOH D 3 .   ? 6.652   -10.320 5.292   1.00 32.50 ? 371 HOH A O   1 
HETATM 1047 O O   . HOH D 3 .   ? 11.025  -1.186  5.873   1.00 28.63 ? 372 HOH A O   1 
# 
